data_4YNX
# 
_entry.id   4YNX 
# 
_audit_conform.dict_name       mmcif_pdbx.dic 
_audit_conform.dict_version    5.380 
_audit_conform.dict_location   http://mmcif.pdb.org/dictionaries/ascii/mmcif_pdbx.dic 
# 
loop_
_database_2.database_id 
_database_2.database_code 
_database_2.pdbx_database_accession 
_database_2.pdbx_DOI 
PDB   4YNX         pdb_00004ynx 10.2210/pdb4ynx/pdb 
WWPDB D_1000207795 ?            ?                   
# 
_pdbx_database_status.status_code                     REL 
_pdbx_database_status.status_code_sf                  REL 
_pdbx_database_status.status_code_mr                  ? 
_pdbx_database_status.entry_id                        4YNX 
_pdbx_database_status.recvd_initial_deposition_date   2015-03-11 
_pdbx_database_status.SG_entry                        N 
_pdbx_database_status.deposit_site                    RCSB 
_pdbx_database_status.process_site                    PDBJ 
_pdbx_database_status.status_code_cs                  ? 
_pdbx_database_status.methods_development_category    ? 
_pdbx_database_status.pdb_format_compatible           Y 
_pdbx_database_status.status_code_nmr_data            ? 
# 
loop_
_audit_author.name 
_audit_author.pdbx_ordinal 
'Tame, J.R.H.'  1 
'Nishimura, K.' 2 
'Zhang, K.Y.J.' 3 
# 
_citation.abstract                  ? 
_citation.abstract_id_CAS           ? 
_citation.book_id_ISBN              ? 
_citation.book_publisher            ? 
_citation.book_publisher_city       ? 
_citation.book_title                ? 
_citation.coordinate_linkage        ? 
_citation.country                   US 
_citation.database_id_Medline       ? 
_citation.details                   ? 
_citation.id                        primary 
_citation.journal_abbrev            'Acta Crystallogr.,Sect.F' 
_citation.journal_id_ASTM           ACSFEN 
_citation.journal_id_CSD            ? 
_citation.journal_id_ISSN           2053-230X 
_citation.journal_full              ? 
_citation.journal_issue             ? 
_citation.journal_volume            71 
_citation.language                  ? 
_citation.page_first                919 
_citation.page_last                 924 
_citation.title                     'The crystal and solution structure of YdiE from Escherichia coli' 
_citation.year                      2015 
_citation.database_id_CSD           ? 
_citation.pdbx_database_id_DOI      10.1107/S2053230X15009140 
_citation.pdbx_database_id_PubMed   26144239 
_citation.unpublished_flag          ? 
# 
loop_
_citation_author.citation_id 
_citation_author.name 
_citation_author.ordinal 
_citation_author.identifier_ORCID 
primary 'Nishimura, K.' 1 ? 
primary 'Addy, C.'      2 ? 
primary 'Shrestha, R.'  3 ? 
primary 'Voet, A.R.'    4 ? 
primary 'Zhang, K.Y.J.' 5 ? 
primary 'Ito, Y.'       6 ? 
primary 'Tame, J.R.H.'  7 ? 
# 
_cell.angle_alpha                  90.000 
_cell.angle_alpha_esd              ? 
_cell.angle_beta                   90.000 
_cell.angle_beta_esd               ? 
_cell.angle_gamma                  90.000 
_cell.angle_gamma_esd              ? 
_cell.entry_id                     4YNX 
_cell.details                      ? 
_cell.formula_units_Z              ? 
_cell.length_a                     36.736 
_cell.length_a_esd                 ? 
_cell.length_b                     38.189 
_cell.length_b_esd                 ? 
_cell.length_c                     54.728 
_cell.length_c_esd                 ? 
_cell.volume                       ? 
_cell.volume_esd                   ? 
_cell.Z_PDB                        8 
_cell.reciprocal_angle_alpha       ? 
_cell.reciprocal_angle_beta        ? 
_cell.reciprocal_angle_gamma       ? 
_cell.reciprocal_angle_alpha_esd   ? 
_cell.reciprocal_angle_beta_esd    ? 
_cell.reciprocal_angle_gamma_esd   ? 
_cell.reciprocal_length_a          ? 
_cell.reciprocal_length_b          ? 
_cell.reciprocal_length_c          ? 
_cell.reciprocal_length_a_esd      ? 
_cell.reciprocal_length_b_esd      ? 
_cell.reciprocal_length_c_esd      ? 
_cell.pdbx_unique_axis             ? 
# 
_symmetry.entry_id                         4YNX 
_symmetry.cell_setting                     ? 
_symmetry.Int_Tables_number                19 
_symmetry.space_group_name_Hall            ? 
_symmetry.space_group_name_H-M             'P 21 21 21' 
_symmetry.pdbx_full_space_group_name_H-M   ? 
# 
loop_
_entity.id 
_entity.type 
_entity.src_method 
_entity.pdbx_description 
_entity.formula_weight 
_entity.pdbx_number_of_molecules 
_entity.pdbx_ec 
_entity.pdbx_mutation 
_entity.pdbx_fragment 
_entity.details 
1 polymer     man 'Uncharacterized protein YdiE' 7412.448 2  ? ? ? ? 
2 non-polymer syn 'SULFATE ION'                  96.063   2  ? ? ? ? 
3 water       nat water                          18.015   45 ? ? ? ? 
# 
_entity_poly.entity_id                      1 
_entity_poly.type                           'polypeptide(L)' 
_entity_poly.nstd_linkage                   no 
_entity_poly.nstd_monomer                   no 
_entity_poly.pdbx_seq_one_letter_code       GSHMRYTDSRKLTPETDANHKTASPQPIRRISSQTLLGPDGKLIIDHDGQEYLLRKTQAGKLLLTK 
_entity_poly.pdbx_seq_one_letter_code_can   GSHMRYTDSRKLTPETDANHKTASPQPIRRISSQTLLGPDGKLIIDHDGQEYLLRKTQAGKLLLTK 
_entity_poly.pdbx_strand_id                 A,B 
_entity_poly.pdbx_target_identifier         ? 
# 
loop_
_entity_poly_seq.entity_id 
_entity_poly_seq.num 
_entity_poly_seq.mon_id 
_entity_poly_seq.hetero 
1 1  GLY n 
1 2  SER n 
1 3  HIS n 
1 4  MET n 
1 5  ARG n 
1 6  TYR n 
1 7  THR n 
1 8  ASP n 
1 9  SER n 
1 10 ARG n 
1 11 LYS n 
1 12 LEU n 
1 13 THR n 
1 14 PRO n 
1 15 GLU n 
1 16 THR n 
1 17 ASP n 
1 18 ALA n 
1 19 ASN n 
1 20 HIS n 
1 21 LYS n 
1 22 THR n 
1 23 ALA n 
1 24 SER n 
1 25 PRO n 
1 26 GLN n 
1 27 PRO n 
1 28 ILE n 
1 29 ARG n 
1 30 ARG n 
1 31 ILE n 
1 32 SER n 
1 33 SER n 
1 34 GLN n 
1 35 THR n 
1 36 LEU n 
1 37 LEU n 
1 38 GLY n 
1 39 PRO n 
1 40 ASP n 
1 41 GLY n 
1 42 LYS n 
1 43 LEU n 
1 44 ILE n 
1 45 ILE n 
1 46 ASP n 
1 47 HIS n 
1 48 ASP n 
1 49 GLY n 
1 50 GLN n 
1 51 GLU n 
1 52 TYR n 
1 53 LEU n 
1 54 LEU n 
1 55 ARG n 
1 56 LYS n 
1 57 THR n 
1 58 GLN n 
1 59 ALA n 
1 60 GLY n 
1 61 LYS n 
1 62 LEU n 
1 63 LEU n 
1 64 LEU n 
1 65 THR n 
1 66 LYS n 
# 
_entity_src_gen.entity_id                          1 
_entity_src_gen.pdbx_src_id                        1 
_entity_src_gen.pdbx_alt_source_flag               sample 
_entity_src_gen.pdbx_seq_type                      'Biological sequence' 
_entity_src_gen.pdbx_beg_seq_num                   1 
_entity_src_gen.pdbx_end_seq_num                   66 
_entity_src_gen.gene_src_common_name               ? 
_entity_src_gen.gene_src_genus                     ? 
_entity_src_gen.pdbx_gene_src_gene                 ydiE 
_entity_src_gen.gene_src_species                   ? 
_entity_src_gen.gene_src_strain                    K12 
_entity_src_gen.gene_src_tissue                    ? 
_entity_src_gen.gene_src_tissue_fraction           ? 
_entity_src_gen.gene_src_details                   ? 
_entity_src_gen.pdbx_gene_src_fragment             ? 
_entity_src_gen.pdbx_gene_src_scientific_name      'Escherichia coli (strain K12)' 
_entity_src_gen.pdbx_gene_src_ncbi_taxonomy_id     83333 
_entity_src_gen.pdbx_gene_src_variant              ? 
_entity_src_gen.pdbx_gene_src_cell_line            ? 
_entity_src_gen.pdbx_gene_src_atcc                 ? 
_entity_src_gen.pdbx_gene_src_organ                ? 
_entity_src_gen.pdbx_gene_src_organelle            ? 
_entity_src_gen.pdbx_gene_src_cell                 ? 
_entity_src_gen.pdbx_gene_src_cellular_location    ? 
_entity_src_gen.host_org_common_name               ? 
_entity_src_gen.pdbx_host_org_scientific_name      'Escherichia coli BL21(DE3)' 
_entity_src_gen.pdbx_host_org_ncbi_taxonomy_id     469008 
_entity_src_gen.host_org_genus                     ? 
_entity_src_gen.pdbx_host_org_gene                 ? 
_entity_src_gen.pdbx_host_org_organ                ? 
_entity_src_gen.host_org_species                   ? 
_entity_src_gen.pdbx_host_org_tissue               ? 
_entity_src_gen.pdbx_host_org_tissue_fraction      ? 
_entity_src_gen.pdbx_host_org_strain               'BL21(DE3)' 
_entity_src_gen.pdbx_host_org_variant              ? 
_entity_src_gen.pdbx_host_org_cell_line            ? 
_entity_src_gen.pdbx_host_org_atcc                 ? 
_entity_src_gen.pdbx_host_org_culture_collection   ? 
_entity_src_gen.pdbx_host_org_cell                 ? 
_entity_src_gen.pdbx_host_org_organelle            ? 
_entity_src_gen.pdbx_host_org_cellular_location    ? 
_entity_src_gen.pdbx_host_org_vector_type          plasmid 
_entity_src_gen.pdbx_host_org_vector               ? 
_entity_src_gen.host_org_details                   ? 
_entity_src_gen.expression_system_id               ? 
_entity_src_gen.plasmid_name                       pET28 
_entity_src_gen.plasmid_details                    ? 
_entity_src_gen.pdbx_description                   ? 
# 
_struct_ref.id                         1 
_struct_ref.db_name                    UNP 
_struct_ref.db_code                    YDIE_ECOLI 
_struct_ref.pdbx_db_accession          P0ACX9 
_struct_ref.pdbx_db_isoform            ? 
_struct_ref.entity_id                  1 
_struct_ref.pdbx_seq_one_letter_code   MRYTDSRKLTPETDANHKTASPQPIRRISSQTLLGPDGKLIIDHDGQEYLLRKTQAGKLLLTK 
_struct_ref.pdbx_align_begin           1 
# 
loop_
_struct_ref_seq.align_id 
_struct_ref_seq.ref_id 
_struct_ref_seq.pdbx_PDB_id_code 
_struct_ref_seq.pdbx_strand_id 
_struct_ref_seq.seq_align_beg 
_struct_ref_seq.pdbx_seq_align_beg_ins_code 
_struct_ref_seq.seq_align_end 
_struct_ref_seq.pdbx_seq_align_end_ins_code 
_struct_ref_seq.pdbx_db_accession 
_struct_ref_seq.db_align_beg 
_struct_ref_seq.pdbx_db_align_beg_ins_code 
_struct_ref_seq.db_align_end 
_struct_ref_seq.pdbx_db_align_end_ins_code 
_struct_ref_seq.pdbx_auth_seq_align_beg 
_struct_ref_seq.pdbx_auth_seq_align_end 
1 1 4YNX A 4 ? 66 ? P0ACX9 1 ? 63 ? 1 63 
2 1 4YNX B 4 ? 66 ? P0ACX9 1 ? 63 ? 1 63 
# 
loop_
_struct_ref_seq_dif.align_id 
_struct_ref_seq_dif.pdbx_pdb_id_code 
_struct_ref_seq_dif.mon_id 
_struct_ref_seq_dif.pdbx_pdb_strand_id 
_struct_ref_seq_dif.seq_num 
_struct_ref_seq_dif.pdbx_pdb_ins_code 
_struct_ref_seq_dif.pdbx_seq_db_name 
_struct_ref_seq_dif.pdbx_seq_db_accession_code 
_struct_ref_seq_dif.db_mon_id 
_struct_ref_seq_dif.pdbx_seq_db_seq_num 
_struct_ref_seq_dif.details 
_struct_ref_seq_dif.pdbx_auth_seq_num 
_struct_ref_seq_dif.pdbx_ordinal 
1 4YNX GLY A 1 ? UNP P0ACX9 ? ? 'expression tag' -2 1 
1 4YNX SER A 2 ? UNP P0ACX9 ? ? 'expression tag' -1 2 
1 4YNX HIS A 3 ? UNP P0ACX9 ? ? 'expression tag' 0  3 
2 4YNX GLY B 1 ? UNP P0ACX9 ? ? 'expression tag' -2 4 
2 4YNX SER B 2 ? UNP P0ACX9 ? ? 'expression tag' -1 5 
2 4YNX HIS B 3 ? UNP P0ACX9 ? ? 'expression tag' 0  6 
# 
loop_
_chem_comp.id 
_chem_comp.type 
_chem_comp.mon_nstd_flag 
_chem_comp.name 
_chem_comp.pdbx_synonyms 
_chem_comp.formula 
_chem_comp.formula_weight 
ALA 'L-peptide linking' y ALANINE         ? 'C3 H7 N O2'     89.093  
ARG 'L-peptide linking' y ARGININE        ? 'C6 H15 N4 O2 1' 175.209 
ASN 'L-peptide linking' y ASPARAGINE      ? 'C4 H8 N2 O3'    132.118 
ASP 'L-peptide linking' y 'ASPARTIC ACID' ? 'C4 H7 N O4'     133.103 
GLN 'L-peptide linking' y GLUTAMINE       ? 'C5 H10 N2 O3'   146.144 
GLU 'L-peptide linking' y 'GLUTAMIC ACID' ? 'C5 H9 N O4'     147.129 
GLY 'peptide linking'   y GLYCINE         ? 'C2 H5 N O2'     75.067  
HIS 'L-peptide linking' y HISTIDINE       ? 'C6 H10 N3 O2 1' 156.162 
HOH non-polymer         . WATER           ? 'H2 O'           18.015  
ILE 'L-peptide linking' y ISOLEUCINE      ? 'C6 H13 N O2'    131.173 
LEU 'L-peptide linking' y LEUCINE         ? 'C6 H13 N O2'    131.173 
LYS 'L-peptide linking' y LYSINE          ? 'C6 H15 N2 O2 1' 147.195 
MET 'L-peptide linking' y METHIONINE      ? 'C5 H11 N O2 S'  149.211 
PRO 'L-peptide linking' y PROLINE         ? 'C5 H9 N O2'     115.130 
SER 'L-peptide linking' y SERINE          ? 'C3 H7 N O3'     105.093 
SO4 non-polymer         . 'SULFATE ION'   ? 'O4 S -2'        96.063  
THR 'L-peptide linking' y THREONINE       ? 'C4 H9 N O3'     119.119 
TYR 'L-peptide linking' y TYROSINE        ? 'C9 H11 N O3'    181.189 
# 
_exptl.absorpt_coefficient_mu     ? 
_exptl.absorpt_correction_T_max   ? 
_exptl.absorpt_correction_T_min   ? 
_exptl.absorpt_correction_type    ? 
_exptl.absorpt_process_details    ? 
_exptl.entry_id                   4YNX 
_exptl.crystals_number            1 
_exptl.details                    ? 
_exptl.method                     'X-RAY DIFFRACTION' 
_exptl.method_details             ? 
# 
_exptl_crystal.colour                      ? 
_exptl_crystal.density_diffrn              ? 
_exptl_crystal.density_Matthews            ? 
_exptl_crystal.density_method              ? 
_exptl_crystal.density_percent_sol         ? 
_exptl_crystal.description                 
;Crystallization was carried out with full-length YdiE protein, 
but over 20 residues of each chain are missing from the final electron density map. 
The Matthews coefficient for the structure is 1.3, assuming all residues to be present, 
implying a solvent content of under 10%. 
If only the ordered residues are present in the crystal, 
the Matthews coefficient is 2.0, implying a solvent content of 40%.
NMR experiments confirm the full-length protein was expressed and purified,
but a number of residues are apparently missing from the N-terminus of the crystallized protein.
;
_exptl_crystal.F_000                       ? 
_exptl_crystal.id                          1 
_exptl_crystal.preparation                 ? 
_exptl_crystal.size_max                    ? 
_exptl_crystal.size_mid                    ? 
_exptl_crystal.size_min                    ? 
_exptl_crystal.size_rad                    ? 
_exptl_crystal.colour_lustre               ? 
_exptl_crystal.colour_modifier             ? 
_exptl_crystal.colour_primary              ? 
_exptl_crystal.density_meas                ? 
_exptl_crystal.density_meas_esd            ? 
_exptl_crystal.density_meas_gt             ? 
_exptl_crystal.density_meas_lt             ? 
_exptl_crystal.density_meas_temp           ? 
_exptl_crystal.density_meas_temp_esd       ? 
_exptl_crystal.density_meas_temp_gt        ? 
_exptl_crystal.density_meas_temp_lt        ? 
_exptl_crystal.pdbx_crystal_image_url      ? 
_exptl_crystal.pdbx_crystal_image_format   ? 
_exptl_crystal.pdbx_mosaicity              ? 
_exptl_crystal.pdbx_mosaicity_esd          ? 
# 
_exptl_crystal_grow.apparatus       ? 
_exptl_crystal_grow.atmosphere      ? 
_exptl_crystal_grow.crystal_id      1 
_exptl_crystal_grow.details         ? 
_exptl_crystal_grow.method          'VAPOR DIFFUSION' 
_exptl_crystal_grow.method_ref      ? 
_exptl_crystal_grow.pH              7.0 
_exptl_crystal_grow.pressure        ? 
_exptl_crystal_grow.pressure_esd    ? 
_exptl_crystal_grow.seeding         ? 
_exptl_crystal_grow.seeding_ref     ? 
_exptl_crystal_grow.temp            293 
_exptl_crystal_grow.temp_details    ? 
_exptl_crystal_grow.temp_esd        ? 
_exptl_crystal_grow.time            ? 
_exptl_crystal_grow.pdbx_details    '1.6 M ammonium sulphate, 0.1M Tris' 
_exptl_crystal_grow.pdbx_pH_range   ? 
# 
_diffrn.ambient_environment    ? 
_diffrn.ambient_temp           293 
_diffrn.ambient_temp_details   ? 
_diffrn.ambient_temp_esd       ? 
_diffrn.crystal_id             1 
_diffrn.crystal_support        ? 
_diffrn.crystal_treatment      ? 
_diffrn.details                ? 
_diffrn.id                     1 
_diffrn.ambient_pressure       ? 
_diffrn.ambient_pressure_esd   ? 
_diffrn.ambient_pressure_gt    ? 
_diffrn.ambient_pressure_lt    ? 
_diffrn.ambient_temp_gt        ? 
_diffrn.ambient_temp_lt        ? 
# 
_diffrn_detector.details                      ? 
_diffrn_detector.detector                     CCD 
_diffrn_detector.diffrn_id                    1 
_diffrn_detector.type                         'ADSC QUANTUM 210' 
_diffrn_detector.area_resol_mean              ? 
_diffrn_detector.dtime                        ? 
_diffrn_detector.pdbx_frames_total            ? 
_diffrn_detector.pdbx_collection_time_total   ? 
_diffrn_detector.pdbx_collection_date         2003-03-11 
# 
_diffrn_radiation.collimation                      ? 
_diffrn_radiation.diffrn_id                        1 
_diffrn_radiation.filter_edge                      ? 
_diffrn_radiation.inhomogeneity                    ? 
_diffrn_radiation.monochromator                    ? 
_diffrn_radiation.polarisn_norm                    ? 
_diffrn_radiation.polarisn_ratio                   ? 
_diffrn_radiation.probe                            ? 
_diffrn_radiation.type                             ? 
_diffrn_radiation.xray_symbol                      ? 
_diffrn_radiation.wavelength_id                    1 
_diffrn_radiation.pdbx_monochromatic_or_laue_m_l   M 
_diffrn_radiation.pdbx_wavelength_list             ? 
_diffrn_radiation.pdbx_wavelength                  ? 
_diffrn_radiation.pdbx_diffrn_protocol             'SINGLE WAVELENGTH' 
_diffrn_radiation.pdbx_analyzer                    ? 
_diffrn_radiation.pdbx_scattering_type             x-ray 
# 
_diffrn_radiation_wavelength.id           1 
_diffrn_radiation_wavelength.wavelength   0.900 
_diffrn_radiation_wavelength.wt           1.0 
# 
_diffrn_source.current                     ? 
_diffrn_source.details                     ? 
_diffrn_source.diffrn_id                   1 
_diffrn_source.power                       ? 
_diffrn_source.size                        ? 
_diffrn_source.source                      SYNCHROTRON 
_diffrn_source.target                      ? 
_diffrn_source.type                        'SPRING-8 BEAMLINE BL38B1' 
_diffrn_source.voltage                     ? 
_diffrn_source.take-off_angle              ? 
_diffrn_source.pdbx_wavelength_list        0.900 
_diffrn_source.pdbx_wavelength             ? 
_diffrn_source.pdbx_synchrotron_beamline   BL38B1 
_diffrn_source.pdbx_synchrotron_site       SPring-8 
# 
_reflns.B_iso_Wilson_estimate            ? 
_reflns.entry_id                         4YNX 
_reflns.data_reduction_details           ? 
_reflns.data_reduction_method            ? 
_reflns.d_resolution_high                1.497 
_reflns.d_resolution_low                 30.5 
_reflns.details                          ? 
_reflns.limit_h_max                      ? 
_reflns.limit_h_min                      ? 
_reflns.limit_k_max                      ? 
_reflns.limit_k_min                      ? 
_reflns.limit_l_max                      ? 
_reflns.limit_l_min                      ? 
_reflns.number_all                       ? 
_reflns.number_obs                       12710 
_reflns.observed_criterion               ? 
_reflns.observed_criterion_F_max         ? 
_reflns.observed_criterion_F_min         ? 
_reflns.observed_criterion_I_max         ? 
_reflns.observed_criterion_I_min         ? 
_reflns.observed_criterion_sigma_F       ? 
_reflns.observed_criterion_sigma_I       ? 
_reflns.percent_possible_obs             98.4 
_reflns.R_free_details                   ? 
_reflns.Rmerge_F_all                     ? 
_reflns.Rmerge_F_obs                     ? 
_reflns.Friedel_coverage                 ? 
_reflns.number_gt                        ? 
_reflns.threshold_expression             ? 
_reflns.pdbx_redundancy                  4.4 
_reflns.pdbx_Rmerge_I_obs                0.063 
_reflns.pdbx_Rmerge_I_all                ? 
_reflns.pdbx_Rsym_value                  ? 
_reflns.pdbx_netI_over_av_sigmaI         28.4 
_reflns.pdbx_netI_over_sigmaI            19.3 
_reflns.pdbx_res_netI_over_av_sigmaI_2   ? 
_reflns.pdbx_res_netI_over_sigmaI_2      ? 
_reflns.pdbx_chi_squared                 ? 
_reflns.pdbx_scaling_rejects             ? 
_reflns.pdbx_d_res_high_opt              ? 
_reflns.pdbx_d_res_low_opt               ? 
_reflns.pdbx_d_res_opt_method            ? 
_reflns.phase_calculation_details        ? 
_reflns.pdbx_Rrim_I_all                  ? 
_reflns.pdbx_Rpim_I_all                  ? 
_reflns.pdbx_d_opt                       ? 
_reflns.pdbx_number_measured_all         ? 
_reflns.pdbx_diffrn_id                   1 
_reflns.pdbx_ordinal                     1 
_reflns.pdbx_CC_half                     ? 
_reflns.pdbx_R_split                     ? 
# 
_reflns_shell.Rmerge_F_all                ? 
_reflns_shell.Rmerge_F_gt                 ? 
_reflns_shell.Rmerge_F_obs                ? 
_reflns_shell.Rmerge_I_all                ? 
_reflns_shell.Rmerge_I_gt                 ? 
_reflns_shell.Rmerge_I_obs                0.346 
_reflns_shell.d_res_high                  1.497 
_reflns_shell.d_res_low                   1.554 
_reflns_shell.meanI_over_sigI_all         ? 
_reflns_shell.meanI_over_sigI_gt          ? 
_reflns_shell.meanI_over_sigI_obs         4.1 
_reflns_shell.meanI_over_uI_all           ? 
_reflns_shell.meanI_over_uI_gt            ? 
_reflns_shell.number_measured_all         ? 
_reflns_shell.number_measured_gt          ? 
_reflns_shell.number_measured_obs         ? 
_reflns_shell.number_possible             ? 
_reflns_shell.number_unique_all           ? 
_reflns_shell.number_unique_gt            ? 
_reflns_shell.number_unique_obs           ? 
_reflns_shell.pdbx_CC_half                ? 
_reflns_shell.pdbx_R_split                ? 
_reflns_shell.pdbx_Rpim_I_all             ? 
_reflns_shell.pdbx_Rrim_I_all             ? 
_reflns_shell.pdbx_Rsym_value             ? 
_reflns_shell.pdbx_chi_squared            ? 
_reflns_shell.pdbx_diffrn_id              ? 
_reflns_shell.pdbx_netI_over_sigmaI_all   ? 
_reflns_shell.pdbx_netI_over_sigmaI_obs   ? 
_reflns_shell.pdbx_ordinal                1 
_reflns_shell.pdbx_redundancy             3.3 
_reflns_shell.pdbx_rejects                ? 
_reflns_shell.percent_possible_all        95.8 
_reflns_shell.percent_possible_gt         ? 
_reflns_shell.percent_possible_obs        ? 
# 
_refine.aniso_B[1][1]                            -0.7600 
_refine.aniso_B[1][2]                            0.0000 
_refine.aniso_B[1][3]                            0.0000 
_refine.aniso_B[2][2]                            0.0500 
_refine.aniso_B[2][3]                            -0.0000 
_refine.aniso_B[3][3]                            0.7100 
_refine.B_iso_max                                75.670 
_refine.B_iso_mean                               16.4500 
_refine.B_iso_min                                5.370 
_refine.correlation_coeff_Fo_to_Fc               0.9590 
_refine.correlation_coeff_Fo_to_Fc_free          0.9150 
_refine.details                                  
'HYDROGENS HAVE BEEN ADDED IN THE RIDING POSITIONS U VALUES      : REFINED INDIVIDUALLY' 
_refine.diff_density_max                         ? 
_refine.diff_density_max_esd                     ? 
_refine.diff_density_min                         ? 
_refine.diff_density_min_esd                     ? 
_refine.diff_density_rms                         ? 
_refine.diff_density_rms_esd                     ? 
_refine.entry_id                                 4YNX 
_refine.pdbx_refine_id                           'X-RAY DIFFRACTION' 
_refine.ls_abs_structure_details                 ? 
_refine.ls_abs_structure_Flack                   ? 
_refine.ls_abs_structure_Flack_esd               ? 
_refine.ls_abs_structure_Rogers                  ? 
_refine.ls_abs_structure_Rogers_esd              ? 
_refine.ls_d_res_high                            1.5000 
_refine.ls_d_res_low                             30.5000 
_refine.ls_extinction_coef                       ? 
_refine.ls_extinction_coef_esd                   ? 
_refine.ls_extinction_expression                 ? 
_refine.ls_extinction_method                     ? 
_refine.ls_goodness_of_fit_all                   ? 
_refine.ls_goodness_of_fit_all_esd               ? 
_refine.ls_goodness_of_fit_obs                   ? 
_refine.ls_goodness_of_fit_obs_esd               ? 
_refine.ls_hydrogen_treatment                    ? 
_refine.ls_matrix_type                           ? 
_refine.ls_number_constraints                    ? 
_refine.ls_number_parameters                     ? 
_refine.ls_number_reflns_all                     ? 
_refine.ls_number_reflns_obs                     12085 
_refine.ls_number_reflns_R_free                  623 
_refine.ls_number_reflns_R_work                  ? 
_refine.ls_number_restraints                     ? 
_refine.ls_percent_reflns_obs                    100.0000 
_refine.ls_percent_reflns_R_free                 4.9000 
_refine.ls_R_factor_all                          ? 
_refine.ls_R_factor_obs                          0.1750 
_refine.ls_R_factor_R_free                       0.2502 
_refine.ls_R_factor_R_free_error                 ? 
_refine.ls_R_factor_R_free_error_details         ? 
_refine.ls_R_factor_R_work                       0.1712 
_refine.ls_R_Fsqd_factor_obs                     ? 
_refine.ls_R_I_factor_obs                        ? 
_refine.ls_redundancy_reflns_all                 ? 
_refine.ls_redundancy_reflns_obs                 ? 
_refine.ls_restrained_S_all                      ? 
_refine.ls_restrained_S_obs                      ? 
_refine.ls_shift_over_esd_max                    ? 
_refine.ls_shift_over_esd_mean                   ? 
_refine.ls_structure_factor_coef                 ? 
_refine.ls_weighting_details                     ? 
_refine.ls_weighting_scheme                      ? 
_refine.ls_wR_factor_all                         ? 
_refine.ls_wR_factor_obs                         ? 
_refine.ls_wR_factor_R_free                      ? 
_refine.ls_wR_factor_R_work                      ? 
_refine.occupancy_max                            ? 
_refine.occupancy_min                            ? 
_refine.solvent_model_details                    MASK 
_refine.solvent_model_param_bsol                 ? 
_refine.solvent_model_param_ksol                 ? 
_refine.ls_R_factor_gt                           ? 
_refine.ls_goodness_of_fit_gt                    ? 
_refine.ls_goodness_of_fit_ref                   ? 
_refine.ls_shift_over_su_max                     ? 
_refine.ls_shift_over_su_max_lt                  ? 
_refine.ls_shift_over_su_mean                    ? 
_refine.ls_shift_over_su_mean_lt                 ? 
_refine.pdbx_ls_sigma_I                          ? 
_refine.pdbx_ls_sigma_F                          0.000 
_refine.pdbx_ls_sigma_Fsqd                       ? 
_refine.pdbx_data_cutoff_high_absF               ? 
_refine.pdbx_data_cutoff_high_rms_absF           ? 
_refine.pdbx_data_cutoff_low_absF                ? 
_refine.pdbx_isotropic_thermal_model             ? 
_refine.pdbx_ls_cross_valid_method               THROUGHOUT 
_refine.pdbx_method_to_determine_struct          'MOLECULAR REPLACEMENT' 
_refine.pdbx_starting_model                      'MOLECULAR DYNAMICS SIMULATION OF PDB 2JRA' 
_refine.pdbx_stereochemistry_target_values       'MAXIMUM LIKELIHOOD' 
_refine.pdbx_R_Free_selection_details            RANDOM 
_refine.pdbx_stereochem_target_val_spec_case     ? 
_refine.pdbx_overall_ESU_R                       0.0910 
_refine.pdbx_overall_ESU_R_Free                  0.0920 
_refine.pdbx_solvent_vdw_probe_radii             1.4000 
_refine.pdbx_solvent_ion_probe_radii             0.8000 
_refine.pdbx_solvent_shrinkage_radii             0.8000 
_refine.pdbx_real_space_R                        ? 
_refine.pdbx_density_correlation                 ? 
_refine.pdbx_pd_number_of_powder_patterns        ? 
_refine.pdbx_pd_number_of_points                 ? 
_refine.pdbx_pd_meas_number_of_points            ? 
_refine.pdbx_pd_proc_ls_prof_R_factor            ? 
_refine.pdbx_pd_proc_ls_prof_wR_factor           ? 
_refine.pdbx_pd_Marquardt_correlation_coeff      ? 
_refine.pdbx_pd_Fsqrd_R_factor                   ? 
_refine.pdbx_pd_ls_matrix_band_width             ? 
_refine.pdbx_overall_phase_error                 ? 
_refine.pdbx_overall_SU_R_free_Cruickshank_DPI   ? 
_refine.pdbx_overall_SU_R_free_Blow_DPI          ? 
_refine.pdbx_overall_SU_R_Blow_DPI               ? 
_refine.pdbx_TLS_residual_ADP_flag               ? 
_refine.pdbx_diffrn_id                           1 
_refine.overall_SU_B                             3.2410 
_refine.overall_SU_ML                            0.0540 
_refine.overall_SU_R_Cruickshank_DPI             ? 
_refine.overall_SU_R_free                        ? 
_refine.overall_FOM_free_R_set                   ? 
_refine.overall_FOM_work_R_set                   ? 
_refine.pdbx_average_fsc_overall                 ? 
_refine.pdbx_average_fsc_work                    ? 
_refine.pdbx_average_fsc_free                    ? 
# 
_refine_hist.cycle_id                         final 
_refine_hist.pdbx_refine_id                   'X-RAY DIFFRACTION' 
_refine_hist.d_res_high                       1.5000 
_refine_hist.d_res_low                        30.5000 
_refine_hist.pdbx_number_atoms_ligand         10 
_refine_hist.number_atoms_solvent             45 
_refine_hist.number_atoms_total               703 
_refine_hist.pdbx_number_residues_total       82 
_refine_hist.pdbx_B_iso_mean_ligand           26.04 
_refine_hist.pdbx_B_iso_mean_solvent          27.82 
_refine_hist.pdbx_number_atoms_protein        648 
_refine_hist.pdbx_number_atoms_nucleic_acid   0 
# 
loop_
_refine_ls_restr.pdbx_refine_id 
_refine_ls_restr.criterion 
_refine_ls_restr.dev_ideal 
_refine_ls_restr.dev_ideal_target 
_refine_ls_restr.number 
_refine_ls_restr.rejects 
_refine_ls_restr.type 
_refine_ls_restr.weight 
_refine_ls_restr.pdbx_restraint_function 
'X-RAY DIFFRACTION' ? 0.023  0.022  667 ? r_bond_refined_d       ? ? 
'X-RAY DIFFRACTION' ? 2.028  2.044  897 ? r_angle_refined_deg    ? ? 
'X-RAY DIFFRACTION' ? 6.436  5.000  82  ? r_dihedral_angle_1_deg ? ? 
'X-RAY DIFFRACTION' ? 30.309 23.600 25  ? r_dihedral_angle_2_deg ? ? 
'X-RAY DIFFRACTION' ? 14.052 15.000 137 ? r_dihedral_angle_3_deg ? ? 
'X-RAY DIFFRACTION' ? 19.590 15.000 6   ? r_dihedral_angle_4_deg ? ? 
'X-RAY DIFFRACTION' ? 0.139  0.200  105 ? r_chiral_restr         ? ? 
'X-RAY DIFFRACTION' ? 0.011  0.021  462 ? r_gen_planes_refined   ? ? 
'X-RAY DIFFRACTION' ? 2.488  1.500  410 ? r_mcbond_it            ? ? 
'X-RAY DIFFRACTION' ? 3.814  2.000  661 ? r_mcangle_it           ? ? 
'X-RAY DIFFRACTION' ? 5.693  3.000  257 ? r_scbond_it            ? ? 
'X-RAY DIFFRACTION' ? 8.666  4.500  235 ? r_scangle_it           ? ? 
'X-RAY DIFFRACTION' ? 2.664  3.000  667 ? r_rigid_bond_restr     ? ? 
# 
_refine_ls_shell.pdbx_refine_id                   'X-RAY DIFFRACTION' 
_refine_ls_shell.d_res_high                       1.4980 
_refine_ls_shell.d_res_low                        1.5360 
_refine_ls_shell.number_reflns_all                879 
_refine_ls_shell.number_reflns_obs                ? 
_refine_ls_shell.number_reflns_R_free             53 
_refine_ls_shell.number_reflns_R_work             826 
_refine_ls_shell.percent_reflns_obs               100.0000 
_refine_ls_shell.percent_reflns_R_free            ? 
_refine_ls_shell.R_factor_all                     ? 
_refine_ls_shell.R_factor_obs                     ? 
_refine_ls_shell.R_factor_R_free                  0.3050 
_refine_ls_shell.R_factor_R_free_error            ? 
_refine_ls_shell.R_factor_R_work                  0.2150 
_refine_ls_shell.redundancy_reflns_all            ? 
_refine_ls_shell.redundancy_reflns_obs            ? 
_refine_ls_shell.wR_factor_all                    ? 
_refine_ls_shell.wR_factor_obs                    ? 
_refine_ls_shell.wR_factor_R_free                 ? 
_refine_ls_shell.wR_factor_R_work                 ? 
_refine_ls_shell.pdbx_total_number_of_bins_used   20 
_refine_ls_shell.pdbx_phase_error                 ? 
_refine_ls_shell.pdbx_fsc_work                    ? 
_refine_ls_shell.pdbx_fsc_free                    ? 
# 
_struct.entry_id                     4YNX 
_struct.title                        'Structure of YdiE from E. coli' 
_struct.pdbx_model_details           ? 
_struct.pdbx_formula_weight          ? 
_struct.pdbx_formula_weight_method   ? 
_struct.pdbx_model_type_details      ? 
_struct.pdbx_CASP_flag               ? 
# 
_struct_keywords.entry_id        4YNX 
_struct_keywords.text            'heme uptake, small, homo-dimer, conserved, UNKNOWN FUNCTION' 
_struct_keywords.pdbx_keywords   'UNKNOWN FUNCTION' 
# 
loop_
_struct_asym.id 
_struct_asym.pdbx_blank_PDB_chainid_flag 
_struct_asym.pdbx_modified 
_struct_asym.entity_id 
_struct_asym.details 
A N N 1 ? 
B N N 1 ? 
C N N 2 ? 
D N N 2 ? 
E N N 3 ? 
F N N 3 ? 
# 
loop_
_struct_conf.conf_type_id 
_struct_conf.id 
_struct_conf.pdbx_PDB_helix_id 
_struct_conf.beg_label_comp_id 
_struct_conf.beg_label_asym_id 
_struct_conf.beg_label_seq_id 
_struct_conf.pdbx_beg_PDB_ins_code 
_struct_conf.end_label_comp_id 
_struct_conf.end_label_asym_id 
_struct_conf.end_label_seq_id 
_struct_conf.pdbx_end_PDB_ins_code 
_struct_conf.beg_auth_comp_id 
_struct_conf.beg_auth_asym_id 
_struct_conf.beg_auth_seq_id 
_struct_conf.end_auth_comp_id 
_struct_conf.end_auth_asym_id 
_struct_conf.end_auth_seq_id 
_struct_conf.pdbx_PDB_helix_class 
_struct_conf.details 
_struct_conf.pdbx_PDB_helix_length 
HELX_P HELX_P1 AA1 SER A 33 ? GLY A 38 ? SER A 30 GLY A 35 1 ? 6 
HELX_P HELX_P2 AA2 SER B 33 ? GLY B 38 ? SER B 30 GLY B 35 1 ? 6 
# 
_struct_conf_type.id          HELX_P 
_struct_conf_type.criteria    ? 
_struct_conf_type.reference   ? 
# 
loop_
_struct_sheet.id 
_struct_sheet.type 
_struct_sheet.number_strands 
_struct_sheet.details 
AA1 ? 4 ? 
AA2 ? 4 ? 
# 
loop_
_struct_sheet_order.sheet_id 
_struct_sheet_order.range_id_1 
_struct_sheet_order.range_id_2 
_struct_sheet_order.offset 
_struct_sheet_order.sense 
AA1 1 2 ? parallel      
AA1 2 3 ? anti-parallel 
AA1 3 4 ? anti-parallel 
AA2 1 2 ? anti-parallel 
AA2 2 3 ? anti-parallel 
AA2 3 4 ? parallel      
# 
loop_
_struct_sheet_range.sheet_id 
_struct_sheet_range.id 
_struct_sheet_range.beg_label_comp_id 
_struct_sheet_range.beg_label_asym_id 
_struct_sheet_range.beg_label_seq_id 
_struct_sheet_range.pdbx_beg_PDB_ins_code 
_struct_sheet_range.end_label_comp_id 
_struct_sheet_range.end_label_asym_id 
_struct_sheet_range.end_label_seq_id 
_struct_sheet_range.pdbx_end_PDB_ins_code 
_struct_sheet_range.beg_auth_comp_id 
_struct_sheet_range.beg_auth_asym_id 
_struct_sheet_range.beg_auth_seq_id 
_struct_sheet_range.end_auth_comp_id 
_struct_sheet_range.end_auth_asym_id 
_struct_sheet_range.end_auth_seq_id 
AA1 1 ARG A 30 ? SER A 32 ? ARG A 27 SER A 29 
AA1 2 LYS B 42 ? HIS B 47 ? LYS B 39 HIS B 44 
AA1 3 GLN B 50 ? LYS B 56 ? GLN B 47 LYS B 53 
AA1 4 LEU B 62 ? THR B 65 ? LEU B 59 THR B 62 
AA2 1 LEU A 62 ? THR A 65 ? LEU A 59 THR A 62 
AA2 2 GLN A 50 ? LYS A 56 ? GLN A 47 LYS A 53 
AA2 3 LYS A 42 ? HIS A 47 ? LYS A 39 HIS A 44 
AA2 4 ARG B 30 ? SER B 32 ? ARG B 27 SER B 29 
# 
loop_
_pdbx_struct_sheet_hbond.sheet_id 
_pdbx_struct_sheet_hbond.range_id_1 
_pdbx_struct_sheet_hbond.range_id_2 
_pdbx_struct_sheet_hbond.range_1_label_atom_id 
_pdbx_struct_sheet_hbond.range_1_label_comp_id 
_pdbx_struct_sheet_hbond.range_1_label_asym_id 
_pdbx_struct_sheet_hbond.range_1_label_seq_id 
_pdbx_struct_sheet_hbond.range_1_PDB_ins_code 
_pdbx_struct_sheet_hbond.range_1_auth_atom_id 
_pdbx_struct_sheet_hbond.range_1_auth_comp_id 
_pdbx_struct_sheet_hbond.range_1_auth_asym_id 
_pdbx_struct_sheet_hbond.range_1_auth_seq_id 
_pdbx_struct_sheet_hbond.range_2_label_atom_id 
_pdbx_struct_sheet_hbond.range_2_label_comp_id 
_pdbx_struct_sheet_hbond.range_2_label_asym_id 
_pdbx_struct_sheet_hbond.range_2_label_seq_id 
_pdbx_struct_sheet_hbond.range_2_PDB_ins_code 
_pdbx_struct_sheet_hbond.range_2_auth_atom_id 
_pdbx_struct_sheet_hbond.range_2_auth_comp_id 
_pdbx_struct_sheet_hbond.range_2_auth_asym_id 
_pdbx_struct_sheet_hbond.range_2_auth_seq_id 
AA1 1 2 N ILE A 31 ? N ILE A 28 O ASP B 46 ? O ASP B 43 
AA1 2 3 N HIS B 47 ? N HIS B 44 O GLN B 50 ? O GLN B 47 
AA1 3 4 N LEU B 53 ? N LEU B 50 O THR B 65 ? O THR B 62 
AA2 1 2 O THR A 65 ? O THR A 62 N LEU A 53 ? N LEU A 50 
AA2 2 3 O LEU A 54 ? O LEU A 51 N LEU A 43 ? N LEU A 40 
AA2 3 4 N ASP A 46 ? N ASP A 43 O ILE B 31 ? O ILE B 28 
# 
loop_
_struct_site.id 
_struct_site.pdbx_evidence_code 
_struct_site.pdbx_auth_asym_id 
_struct_site.pdbx_auth_comp_id 
_struct_site.pdbx_auth_seq_id 
_struct_site.pdbx_auth_ins_code 
_struct_site.pdbx_num_residues 
_struct_site.details 
AC1 Software A SO4 101 ? 4 'binding site for residue SO4 A 101' 
AC2 Software B SO4 101 ? 8 'binding site for residue SO4 B 101' 
# 
loop_
_struct_site_gen.id 
_struct_site_gen.site_id 
_struct_site_gen.pdbx_num_res 
_struct_site_gen.label_comp_id 
_struct_site_gen.label_asym_id 
_struct_site_gen.label_seq_id 
_struct_site_gen.pdbx_auth_ins_code 
_struct_site_gen.auth_comp_id 
_struct_site_gen.auth_asym_id 
_struct_site_gen.auth_seq_id 
_struct_site_gen.label_atom_id 
_struct_site_gen.label_alt_id 
_struct_site_gen.symmetry 
_struct_site_gen.details 
1  AC1 4 ARG A 29 ? ARG A 26  . ? 1_555 ? 
2  AC1 4 ARG A 30 ? ARG A 27  . ? 1_555 ? 
3  AC1 4 HOH E .  ? HOH A 205 . ? 1_555 ? 
4  AC1 4 ARG B 30 ? ARG B 27  . ? 4_456 ? 
5  AC2 8 ARG A 55 ? ARG A 52  . ? 4_456 ? 
6  AC2 8 THR A 57 ? THR A 54  . ? 4_456 ? 
7  AC2 8 GLN A 58 ? GLN A 55  . ? 4_456 ? 
8  AC2 8 ILE B 31 ? ILE B 28  . ? 1_555 ? 
9  AC2 8 SER B 32 ? SER B 29  . ? 1_555 ? 
10 AC2 8 THR B 35 ? THR B 32  . ? 1_555 ? 
11 AC2 8 HOH F .  ? HOH B 203 . ? 1_555 ? 
12 AC2 8 HOH F .  ? HOH B 208 . ? 1_555 ? 
# 
_atom_sites.entry_id                    4YNX 
_atom_sites.fract_transf_matrix[1][1]   -0.02353124 
_atom_sites.fract_transf_matrix[1][2]   0.00015094 
_atom_sites.fract_transf_matrix[1][3]   -0.01368359 
_atom_sites.fract_transf_matrix[2][1]   0.01174414 
_atom_sites.fract_transf_matrix[2][2]   -0.01160667 
_atom_sites.fract_transf_matrix[2][3]   -0.02032405 
_atom_sites.fract_transf_matrix[3][1]   -0.00414982 
_atom_sites.fract_transf_matrix[3][2]   -0.01637877 
_atom_sites.fract_transf_matrix[3][3]   0.00695564 
_atom_sites.fract_transf_vector[1]      0.425862 
_atom_sites.fract_transf_vector[2]      0.137631 
_atom_sites.fract_transf_vector[3]      0.429279 
# 
loop_
_atom_type.symbol 
C 
N 
O 
S 
# 
loop_
_atom_site.group_PDB 
_atom_site.id 
_atom_site.type_symbol 
_atom_site.label_atom_id 
_atom_site.label_alt_id 
_atom_site.label_comp_id 
_atom_site.label_asym_id 
_atom_site.label_entity_id 
_atom_site.label_seq_id 
_atom_site.pdbx_PDB_ins_code 
_atom_site.Cartn_x 
_atom_site.Cartn_y 
_atom_site.Cartn_z 
_atom_site.occupancy 
_atom_site.B_iso_or_equiv 
_atom_site.pdbx_formal_charge 
_atom_site.auth_seq_id 
_atom_site.auth_comp_id 
_atom_site.auth_asym_id 
_atom_site.auth_atom_id 
_atom_site.pdbx_PDB_model_num 
ATOM   1   N N   . PRO A 1 27 ? 11.666  9.501   10.690  1.00 26.68 ? 24  PRO A N   1 
ATOM   2   C CA  . PRO A 1 27 ? 10.570  9.654   9.756   1.00 24.69 ? 24  PRO A CA  1 
ATOM   3   C C   . PRO A 1 27 ? 9.863   8.374   9.354   1.00 22.91 ? 24  PRO A C   1 
ATOM   4   O O   . PRO A 1 27 ? 10.311  7.258   9.687   1.00 23.23 ? 24  PRO A O   1 
ATOM   5   C CB  . PRO A 1 27 ? 11.275  10.125  8.476   1.00 26.24 ? 24  PRO A CB  1 
ATOM   6   C CG  . PRO A 1 27 ? 12.706  10.229  8.818   1.00 28.03 ? 24  PRO A CG  1 
ATOM   7   C CD  . PRO A 1 27 ? 12.910  9.297   9.942   1.00 28.09 ? 24  PRO A CD  1 
ATOM   8   N N   . ILE A 1 28 ? 8.809   8.572   8.580   1.00 19.99 ? 25  ILE A N   1 
ATOM   9   C CA  . ILE A 1 28 ? 7.985   7.468   8.078   1.00 17.57 ? 25  ILE A CA  1 
ATOM   10  C C   . ILE A 1 28 ? 8.826   6.679   7.074   1.00 17.85 ? 25  ILE A C   1 
ATOM   11  O O   . ILE A 1 28 ? 9.560   7.264   6.227   1.00 20.11 ? 25  ILE A O   1 
ATOM   12  C CB  . ILE A 1 28 ? 6.645   7.992   7.444   1.00 17.07 ? 25  ILE A CB  1 
ATOM   13  C CG1 . ILE A 1 28 ? 5.814   8.749   8.495   1.00 17.89 ? 25  ILE A CG1 1 
ATOM   14  C CG2 . ILE A 1 28 ? 5.820   6.812   6.879   1.00 17.02 ? 25  ILE A CG2 1 
ATOM   15  C CD1 . ILE A 1 28 ? 4.691   9.674   7.889   1.00 18.46 ? 25  ILE A CD1 1 
ATOM   16  N N   . ARG A 1 29 ? 8.790   5.349   7.190   1.00 16.79 ? 26  ARG A N   1 
ATOM   17  C CA  . ARG A 1 29 ? 9.613   4.586   6.252   1.00 17.50 ? 26  ARG A CA  1 
ATOM   18  C C   . ARG A 1 29 ? 9.050   4.666   4.838   1.00 16.67 ? 26  ARG A C   1 
ATOM   19  O O   . ARG A 1 29 ? 7.820   4.901   4.647   1.00 16.63 ? 26  ARG A O   1 
ATOM   20  C CB  . ARG A 1 29 ? 9.851   3.197   6.714   1.00 18.74 ? 26  ARG A CB  1 
ATOM   21  C CG  . ARG A 1 29 ? 8.848   2.258   6.332   1.00 20.38 ? 26  ARG A CG  1 
ATOM   22  C CD  . ARG A 1 29 ? 9.664   1.004   5.752   1.00 27.17 ? 26  ARG A CD  1 
ATOM   23  N NE  . ARG A 1 29 ? 10.159  0.201   6.851   1.00 26.18 ? 26  ARG A NE  1 
ATOM   24  C CZ  . ARG A 1 29 ? 11.204  -0.625  6.891   1.00 18.66 ? 26  ARG A CZ  1 
ATOM   25  N NH1 . ARG A 1 29 ? 11.411  -1.218  8.038   1.00 15.59 ? 26  ARG A NH1 1 
ATOM   26  N NH2 . ARG A 1 29 ? 12.007  -0.871  5.861   1.00 14.28 ? 26  ARG A NH2 1 
ATOM   27  N N   . ARG A 1 30 ? 9.950   4.485   3.860   1.00 16.07 ? 27  ARG A N   1 
ATOM   28  C CA  . ARG A 1 30 ? 9.573   4.537   2.442   1.00 16.33 ? 27  ARG A CA  1 
ATOM   29  C C   . ARG A 1 30 ? 9.814   3.194   1.775   1.00 14.50 ? 27  ARG A C   1 
ATOM   30  O O   . ARG A 1 30 ? 10.865  2.568   1.983   1.00 15.84 ? 27  ARG A O   1 
ATOM   31  C CB  . ARG A 1 30 ? 10.377  5.588   1.666   1.00 16.99 ? 27  ARG A CB  1 
ATOM   32  C CG  . ARG A 1 30 ? 9.901   7.057   1.821   1.00 21.65 ? 27  ARG A CG  1 
ATOM   33  C CD  . ARG A 1 30 ? 11.077  7.979   1.595   1.00 31.03 ? 27  ARG A CD  1 
ATOM   34  N NE  . ARG A 1 30 ? 11.692  8.422   2.853   1.00 40.17 ? 27  ARG A NE  1 
ATOM   35  C CZ  . ARG A 1 30 ? 13.006  8.569   3.065   1.00 42.40 ? 27  ARG A CZ  1 
ATOM   36  N NH1 . ARG A 1 30 ? 13.888  8.308   2.105   1.00 42.23 ? 27  ARG A NH1 1 
ATOM   37  N NH2 . ARG A 1 30 ? 13.451  8.979   4.262   1.00 47.30 ? 27  ARG A NH2 1 
ATOM   38  N N   . ILE A 1 31 ? 8.885   2.752   0.938   1.00 12.76 ? 28  ILE A N   1 
ATOM   39  C CA  . ILE A 1 31 ? 9.124   1.547   0.142   1.00 12.40 ? 28  ILE A CA  1 
ATOM   40  C C   . ILE A 1 31 ? 8.673   1.877   -1.285  1.00 11.69 ? 28  ILE A C   1 
ATOM   41  O O   . ILE A 1 31 ? 7.696   2.646   -1.471  1.00 12.67 ? 28  ILE A O   1 
ATOM   42  C CB  . ILE A 1 31 ? 8.334   0.334   0.673   1.00 12.63 ? 28  ILE A CB  1 
ATOM   43  C CG1 . ILE A 1 31 ? 8.773   -0.084  2.110   1.00 14.40 ? 28  ILE A CG1 1 
ATOM   44  C CG2 . ILE A 1 31 ? 8.505   -0.956  -0.208  1.00 14.05 ? 28  ILE A CG2 1 
ATOM   45  C CD1 . ILE A 1 31 ? 8.036   -1.286  2.801   1.00 16.64 ? 28  ILE A CD1 1 
ATOM   46  N N   . SER A 1 32 ? 9.374   1.346   -2.287  1.00 11.83 ? 29  SER A N   1 
ATOM   47  C CA  A SER A 1 32 ? 8.995   1.583   -3.697  0.50 11.21 ? 29  SER A CA  1 
ATOM   48  C CA  B SER A 1 32 ? 8.987   1.580   -3.689  0.50 10.52 ? 29  SER A CA  1 
ATOM   49  C C   . SER A 1 32 ? 7.708   0.835   -4.033  1.00 10.19 ? 29  SER A C   1 
ATOM   50  O O   . SER A 1 32 ? 7.489   -0.308  -3.580  1.00 9.41  ? 29  SER A O   1 
ATOM   51  C CB  A SER A 1 32 ? 10.112  1.159   -4.656  0.50 12.14 ? 29  SER A CB  1 
ATOM   52  C CB  B SER A 1 32 ? 10.058  1.075   -4.623  0.50 10.80 ? 29  SER A CB  1 
ATOM   53  O OG  A SER A 1 32 ? 10.081  -0.224  -4.994  0.50 15.44 ? 29  SER A OG  1 
ATOM   54  O OG  B SER A 1 32 ? 9.652   1.285   -5.959  0.50 10.73 ? 29  SER A OG  1 
ATOM   55  N N   . SER A 1 33 ? 6.851   1.440   -4.851  1.00 9.56  ? 30  SER A N   1 
ATOM   56  C CA  . SER A 1 33 ? 5.656   0.722   -5.322  1.00 11.02 ? 30  SER A CA  1 
ATOM   57  C C   . SER A 1 33 ? 6.035   -0.571  -6.051  1.00 9.66  ? 30  SER A C   1 
ATOM   58  O O   . SER A 1 33 ? 5.274   -1.547  -5.934  1.00 9.86  ? 30  SER A O   1 
ATOM   59  C CB  . SER A 1 33 ? 4.748   1.582   -6.182  1.00 10.98 ? 30  SER A CB  1 
ATOM   60  O OG  . SER A 1 33 ? 5.411   1.913   -7.388  1.00 14.09 ? 30  SER A OG  1 
ATOM   61  N N   . GLN A 1 34 ? 7.217   -0.611  -6.720  1.00 12.22 ? 31  GLN A N   1 
ATOM   62  C CA  . GLN A 1 34 ? 7.663   -1.854  -7.375  1.00 12.60 ? 31  GLN A CA  1 
ATOM   63  C C   . GLN A 1 34 ? 7.787   -3.054  -6.425  1.00 12.92 ? 31  GLN A C   1 
ATOM   64  O O   . GLN A 1 34 ? 7.382   -4.159  -6.774  1.00 14.01 ? 31  GLN A O   1 
ATOM   65  C CB  . GLN A 1 34 ? 9.009   -1.586  -8.129  1.00 14.22 ? 31  GLN A CB  1 
ATOM   66  C CG  . GLN A 1 34 ? 8.914   -0.615  -9.311  1.00 20.72 ? 31  GLN A CG  1 
ATOM   67  C CD  . GLN A 1 34 ? 10.232  -0.579  -10.133 1.00 31.02 ? 31  GLN A CD  1 
ATOM   68  O OE1 . GLN A 1 34 ? 11.319  -0.907  -9.618  1.00 38.81 ? 31  GLN A OE1 1 
ATOM   69  N NE2 . GLN A 1 34 ? 10.137  -0.193  -11.413 1.00 37.35 ? 31  GLN A NE2 1 
ATOM   70  N N   . THR A 1 35 ? 8.283   -2.782  -5.224  1.00 10.34 ? 32  THR A N   1 
ATOM   71  C CA  . THR A 1 35 ? 8.414   -3.757  -4.175  1.00 9.66  ? 32  THR A CA  1 
ATOM   72  C C   . THR A 1 35 ? 7.093   -4.248  -3.706  1.00 8.51  ? 32  THR A C   1 
ATOM   73  O O   . THR A 1 35 ? 6.992   -5.426  -3.248  1.00 9.48  ? 32  THR A O   1 
ATOM   74  C CB  . THR A 1 35 ? 9.213   -3.140  -3.013  1.00 9.11  ? 32  THR A CB  1 
ATOM   75  O OG1 . THR A 1 35 ? 10.389  -2.610  -3.606  1.00 12.94 ? 32  THR A OG1 1 
ATOM   76  C CG2 . THR A 1 35 ? 9.618   -4.155  -1.961  1.00 10.85 ? 32  THR A CG2 1 
ATOM   77  N N   . LEU A 1 36 ? 6.046   -3.403  -3.785  1.00 7.51  ? 33  LEU A N   1 
ATOM   78  C CA  . LEU A 1 36 ? 4.755   -3.828  -3.248  1.00 7.76  ? 33  LEU A CA  1 
ATOM   79  C C   . LEU A 1 36 ? 3.895   -4.492  -4.336  1.00 7.11  ? 33  LEU A C   1 
ATOM   80  O O   . LEU A 1 36 ? 2.978   -5.256  -3.988  1.00 9.77  ? 33  LEU A O   1 
ATOM   81  C CB  . LEU A 1 36 ? 3.975   -2.596  -2.721  1.00 8.59  ? 33  LEU A CB  1 
ATOM   82  C CG  . LEU A 1 36 ? 4.668   -1.901  -1.544  1.00 8.13  ? 33  LEU A CG  1 
ATOM   83  C CD1 . LEU A 1 36 ? 3.723   -0.810  -1.012  1.00 11.21 ? 33  LEU A CD1 1 
ATOM   84  C CD2 . LEU A 1 36 ? 4.931   -2.859  -0.404  1.00 11.33 ? 33  LEU A CD2 1 
ATOM   85  N N   . LEU A 1 37 ? 4.069   -4.057  -5.611  1.00 8.68  ? 34  LEU A N   1 
ATOM   86  C CA  . LEU A 1 37 ? 3.064   -4.374  -6.667  1.00 9.26  ? 34  LEU A CA  1 
ATOM   87  C C   . LEU A 1 37 ? 3.417   -5.545  -7.576  1.00 12.57 ? 34  LEU A C   1 
ATOM   88  O O   . LEU A 1 37 ? 2.526   -6.223  -8.126  1.00 13.68 ? 34  LEU A O   1 
ATOM   89  C CB  . LEU A 1 37 ? 2.693   -3.156  -7.513  1.00 9.81  ? 34  LEU A CB  1 
ATOM   90  C CG  . LEU A 1 37 ? 1.992   -2.081  -6.658  1.00 9.55  ? 34  LEU A CG  1 
ATOM   91  C CD1 . LEU A 1 37 ? 1.588   -0.850  -7.470  1.00 11.93 ? 34  LEU A CD1 1 
ATOM   92  C CD2 . LEU A 1 37 ? 0.732   -2.695  -5.950  1.00 10.87 ? 34  LEU A CD2 1 
ATOM   93  N N   . GLY A 1 38 ? 4.683   -5.715  -7.799  1.00 12.76 ? 35  GLY A N   1 
ATOM   94  C CA  . GLY A 1 38 ? 5.195   -6.730  -8.767  1.00 14.12 ? 35  GLY A CA  1 
ATOM   95  C C   . GLY A 1 38 ? 4.713   -6.498  -10.207 1.00 14.58 ? 35  GLY A C   1 
ATOM   96  O O   . GLY A 1 38 ? 4.045   -5.476  -10.470 1.00 15.75 ? 35  GLY A O   1 
ATOM   97  N N   . PRO A 1 39 ? 5.008   -7.453  -11.139 1.00 16.64 ? 36  PRO A N   1 
ATOM   98  C CA  . PRO A 1 39 ? 4.638   -7.320  -12.551 1.00 17.44 ? 36  PRO A CA  1 
ATOM   99  C C   . PRO A 1 39 ? 3.125   -7.285  -12.778 1.00 16.66 ? 36  PRO A C   1 
ATOM   100 O O   . PRO A 1 39 ? 2.677   -6.739  -13.809 1.00 19.87 ? 36  PRO A O   1 
ATOM   101 C CB  . PRO A 1 39 ? 5.261   -8.571  -13.223 1.00 18.55 ? 36  PRO A CB  1 
ATOM   102 C CG  . PRO A 1 39 ? 6.121   -9.157  -12.296 1.00 18.70 ? 36  PRO A CG  1 
ATOM   103 C CD  . PRO A 1 39 ? 5.913   -8.609  -10.930 1.00 16.43 ? 36  PRO A CD  1 
ATOM   104 N N   . ASP A 1 40 ? 2.329   -7.826  -11.839 1.00 15.06 ? 37  ASP A N   1 
ATOM   105 C CA  . ASP A 1 40 ? 0.857   -7.760  -12.074 1.00 14.57 ? 37  ASP A CA  1 
ATOM   106 C C   . ASP A 1 40 ? 0.205   -6.507  -11.530 1.00 12.97 ? 37  ASP A C   1 
ATOM   107 O O   . ASP A 1 40 ? -1.019  -6.336  -11.656 1.00 13.43 ? 37  ASP A O   1 
ATOM   108 C CB  . ASP A 1 40 ? 0.056   -9.007  -11.745 1.00 15.38 ? 37  ASP A CB  1 
ATOM   109 C CG  . ASP A 1 40 ? -0.205  -9.215  -10.259 1.00 16.75 ? 37  ASP A CG  1 
ATOM   110 O OD1 . ASP A 1 40 ? 0.085   -8.339  -9.405  1.00 15.86 ? 37  ASP A OD1 1 
ATOM   111 O OD2 . ASP A 1 40 ? -0.804  -10.232 -9.927  1.00 19.48 ? 37  ASP A OD2 1 
ATOM   112 N N   . GLY A 1 41 ? 1.006   -5.641  -10.922 1.00 11.36 ? 38  GLY A N   1 
ATOM   113 C CA  . GLY A 1 41 ? 0.512   -4.309  -10.567 1.00 9.45  ? 38  GLY A CA  1 
ATOM   114 C C   . GLY A 1 41 ? -0.492  -4.228  -9.421  1.00 8.23  ? 38  GLY A C   1 
ATOM   115 O O   . GLY A 1 41 ? -1.189  -3.251  -9.300  1.00 8.82  ? 38  GLY A O   1 
ATOM   116 N N   . LYS A 1 42 ? -0.595  -5.281  -8.636  1.00 6.97  ? 39  LYS A N   1 
ATOM   117 C CA  . LYS A 1 42 ? -1.624  -5.392  -7.583  1.00 6.59  ? 39  LYS A CA  1 
ATOM   118 C C   . LYS A 1 42 ? -1.074  -5.964  -6.314  1.00 7.16  ? 39  LYS A C   1 
ATOM   119 O O   . LYS A 1 42 ? -0.239  -6.905  -6.305  1.00 9.31  ? 39  LYS A O   1 
ATOM   120 C CB  . LYS A 1 42 ? -2.804  -6.304  -8.054  1.00 7.57  ? 39  LYS A CB  1 
ATOM   121 C CG  . LYS A 1 42 ? -3.592  -5.794  -9.206  1.00 10.07 ? 39  LYS A CG  1 
ATOM   122 C CD  . LYS A 1 42 ? -4.716  -6.787  -9.603  1.00 10.92 ? 39  LYS A CD  1 
ATOM   123 C CE  . LYS A 1 42 ? -4.245  -8.088  -10.284 1.00 13.37 ? 39  LYS A CE  1 
ATOM   124 N NZ  . LYS A 1 42 ? -3.442  -7.939  -11.536 1.00 13.23 ? 39  LYS A NZ  1 
ATOM   125 N N   . LEU A 1 43 ? -1.577  -5.417  -5.200  1.00 6.78  ? 40  LEU A N   1 
ATOM   126 C CA  . LEU A 1 43 ? -1.311  -5.959  -3.887  1.00 6.85  ? 40  LEU A CA  1 
ATOM   127 C C   . LEU A 1 43 ? -2.665  -6.060  -3.128  1.00 6.14  ? 40  LEU A C   1 
ATOM   128 O O   . LEU A 1 43 ? -3.393  -5.015  -3.010  1.00 7.26  ? 40  LEU A O   1 
ATOM   129 C CB  . LEU A 1 43 ? -0.379  -4.990  -3.143  1.00 7.90  ? 40  LEU A CB  1 
ATOM   130 C CG  . LEU A 1 43 ? -0.099  -5.415  -1.677  1.00 6.82  ? 40  LEU A CG  1 
ATOM   131 C CD1 . LEU A 1 43 ? 0.672   -6.833  -1.521  1.00 7.02  ? 40  LEU A CD1 1 
ATOM   132 C CD2 . LEU A 1 43 ? 0.671   -4.309  -0.993  1.00 9.11  ? 40  LEU A CD2 1 
ATOM   133 N N   . ILE A 1 44 ? -3.016  -7.258  -2.618  1.00 6.27  ? 41  ILE A N   1 
ATOM   134 C CA  . ILE A 1 44 ? -4.200  -7.397  -1.755  1.00 7.07  ? 41  ILE A CA  1 
ATOM   135 C C   . ILE A 1 44 ? -3.732  -7.138  -0.325  1.00 6.64  ? 41  ILE A C   1 
ATOM   136 O O   . ILE A 1 44 ? -2.701  -7.676  0.105   1.00 7.57  ? 41  ILE A O   1 
ATOM   137 C CB  . ILE A 1 44 ? -4.858  -8.774  -1.922  1.00 7.76  ? 41  ILE A CB  1 
ATOM   138 C CG1 . ILE A 1 44 ? -5.525  -8.824  -3.300  1.00 9.06  ? 41  ILE A CG1 1 
ATOM   139 C CG2 . ILE A 1 44 ? -5.821  -8.979  -0.820  1.00 9.25  ? 41  ILE A CG2 1 
ATOM   140 C CD1 . ILE A 1 44 ? -6.868  -8.058  -3.365  1.00 10.83 ? 41  ILE A CD1 1 
ATOM   141 N N   . ILE A 1 45 ? -4.432  -6.261  0.374   1.00 7.67  ? 42  ILE A N   1 
ATOM   142 C CA  . ILE A 1 45 ? -4.110  -5.917  1.763   1.00 6.85  ? 42  ILE A CA  1 
ATOM   143 C C   . ILE A 1 45 ? -5.268  -6.376  2.636   1.00 8.93  ? 42  ILE A C   1 
ATOM   144 O O   . ILE A 1 45 ? -6.438  -5.969  2.487   1.00 9.24  ? 42  ILE A O   1 
ATOM   145 C CB  . ILE A 1 45 ? -3.845  -4.384  1.957   1.00 7.41  ? 42  ILE A CB  1 
ATOM   146 C CG1 . ILE A 1 45 ? -2.681  -3.912  1.096   1.00 8.15  ? 42  ILE A CG1 1 
ATOM   147 C CG2 . ILE A 1 45 ? -3.549  -4.084  3.496   1.00 9.52  ? 42  ILE A CG2 1 
ATOM   148 C CD1 . ILE A 1 45 ? -2.648  -2.450  0.939   1.00 9.62  ? 42  ILE A CD1 1 
ATOM   149 N N   . ASP A 1 46 ? -4.953  -7.305  3.506   1.00 9.12  ? 43  ASP A N   1 
ATOM   150 C CA  . ASP A 1 46 ? -5.980  -7.742  4.424   1.00 9.11  ? 43  ASP A CA  1 
ATOM   151 C C   . ASP A 1 46 ? -6.011  -6.833  5.659   1.00 10.31 ? 43  ASP A C   1 
ATOM   152 O O   . ASP A 1 46 ? -4.993  -6.653  6.332   1.00 11.32 ? 43  ASP A O   1 
ATOM   153 C CB  . ASP A 1 46 ? -5.713  -9.187  4.812   1.00 10.66 ? 43  ASP A CB  1 
ATOM   154 C CG  . ASP A 1 46 ? -6.065  -10.184 3.695   1.00 15.98 ? 43  ASP A CG  1 
ATOM   155 O OD1 . ASP A 1 46 ? -7.226  -10.194 3.206   1.00 20.41 ? 43  ASP A OD1 1 
ATOM   156 O OD2 . ASP A 1 46 ? -5.168  -10.985 3.318   1.00 19.14 ? 43  ASP A OD2 1 
ATOM   157 N N   . HIS A 1 47 ? -7.163  -6.253  5.933   1.00 10.58 ? 44  HIS A N   1 
ATOM   158 C CA  . HIS A 1 47 ? -7.279  -5.222  6.977   1.00 12.22 ? 44  HIS A CA  1 
ATOM   159 C C   . HIS A 1 47 ? -8.669  -5.348  7.603   1.00 15.49 ? 44  HIS A C   1 
ATOM   160 O O   . HIS A 1 47 ? -9.675  -5.208  6.916   1.00 15.84 ? 44  HIS A O   1 
ATOM   161 C CB  . HIS A 1 47 ? -7.069  -3.817  6.386   1.00 11.28 ? 44  HIS A CB  1 
ATOM   162 C CG  . HIS A 1 47 ? -7.264  -2.710  7.370   1.00 14.29 ? 44  HIS A CG  1 
ATOM   163 N ND1 . HIS A 1 47 ? -6.281  -2.327  8.256   1.00 18.27 ? 44  HIS A ND1 1 
ATOM   164 C CD2 . HIS A 1 47 ? -8.348  -1.958  7.672   1.00 15.02 ? 44  HIS A CD2 1 
ATOM   165 C CE1 . HIS A 1 47 ? -6.731  -1.341  9.033   1.00 19.47 ? 44  HIS A CE1 1 
ATOM   166 N NE2 . HIS A 1 47 ? -7.995  -1.117  8.717   1.00 16.42 ? 44  HIS A NE2 1 
ATOM   167 N N   . ASP A 1 48 ? -8.671  -5.652  8.886   1.00 19.39 ? 45  ASP A N   1 
ATOM   168 C CA  . ASP A 1 48 ? -9.896  -5.639  9.717   1.00 23.54 ? 45  ASP A CA  1 
ATOM   169 C C   . ASP A 1 48 ? -10.965 -6.525  9.081   1.00 23.93 ? 45  ASP A C   1 
ATOM   170 O O   . ASP A 1 48 ? -12.145 -6.144  8.955   1.00 25.06 ? 45  ASP A O   1 
ATOM   171 C CB  . ASP A 1 48 ? -10.397 -4.168  9.915   1.00 23.84 ? 45  ASP A CB  1 
ATOM   172 C CG  . ASP A 1 48 ? -11.521 -4.056  10.932  1.00 29.07 ? 45  ASP A CG  1 
ATOM   173 O OD1 . ASP A 1 48 ? -11.720 -4.970  11.775  1.00 32.99 ? 45  ASP A OD1 1 
ATOM   174 O OD2 . ASP A 1 48 ? -12.203 -3.023  10.882  1.00 32.84 ? 45  ASP A OD2 1 
ATOM   175 N N   . GLY A 1 49 ? -10.526 -7.688  8.612   1.00 23.87 ? 46  GLY A N   1 
ATOM   176 C CA  . GLY A 1 49 ? -11.460 -8.689  8.135   1.00 23.08 ? 46  GLY A CA  1 
ATOM   177 C C   . GLY A 1 49 ? -11.911 -8.568  6.686   1.00 22.70 ? 46  GLY A C   1 
ATOM   178 O O   . GLY A 1 49 ? -12.739 -9.386  6.220   1.00 24.37 ? 46  GLY A O   1 
ATOM   179 N N   . GLN A 1 50 ? -11.388 -7.577  5.955   1.00 19.89 ? 47  GLN A N   1 
ATOM   180 C CA  . GLN A 1 50 ? -11.626 -7.613  4.534   1.00 19.26 ? 47  GLN A CA  1 
ATOM   181 C C   . GLN A 1 50 ? -10.440 -7.310  3.694   1.00 15.09 ? 47  GLN A C   1 
ATOM   182 O O   . GLN A 1 50 ? -9.405  -6.824  4.151   1.00 14.77 ? 47  GLN A O   1 
ATOM   183 C CB  . GLN A 1 50 ? -12.700 -6.687  4.065   1.00 20.74 ? 47  GLN A CB  1 
ATOM   184 C CG  . GLN A 1 50 ? -12.527 -5.267  4.340   1.00 26.71 ? 47  GLN A CG  1 
ATOM   185 C CD  . GLN A 1 50 ? -13.826 -4.773  4.958   1.00 34.89 ? 47  GLN A CD  1 
ATOM   186 O OE1 . GLN A 1 50 ? -14.613 -5.587  5.474   1.00 37.53 ? 47  GLN A OE1 1 
ATOM   187 N NE2 . GLN A 1 50 ? -14.073 -3.462  4.894   1.00 36.98 ? 47  GLN A NE2 1 
ATOM   188 N N   . GLU A 1 51 ? -10.625 -7.615  2.431   1.00 13.34 ? 48  GLU A N   1 
ATOM   189 C CA  . GLU A 1 51 ? -9.597  -7.321  1.459   1.00 11.33 ? 48  GLU A CA  1 
ATOM   190 C C   . GLU A 1 51 ? -9.703  -5.895  0.936   1.00 10.14 ? 48  GLU A C   1 
ATOM   191 O O   . GLU A 1 51 ? -10.813 -5.436  0.562   1.00 12.96 ? 48  GLU A O   1 
ATOM   192 C CB  . GLU A 1 51 ? -9.675  -8.287  0.277   1.00 11.87 ? 48  GLU A CB  1 
ATOM   193 C CG  . GLU A 1 51 ? -9.389  -9.690  0.545   1.00 15.11 ? 48  GLU A CG  1 
ATOM   194 C CD  . GLU A 1 51 ? -9.380  -10.540 -0.728  1.00 16.82 ? 48  GLU A CD  1 
ATOM   195 O OE1 . GLU A 1 51 ? -9.904  -10.110 -1.832  1.00 15.28 ? 48  GLU A OE1 1 
ATOM   196 O OE2 . GLU A 1 51 ? -8.854  -11.678 -0.626  1.00 18.90 ? 48  GLU A OE2 1 
ATOM   197 N N   . TYR A 1 52 ? -8.577  -5.199  0.818   1.00 8.56  ? 49  TYR A N   1 
ATOM   198 C CA  . TYR A 1 52 ? -8.489  -3.938  0.029   1.00 7.90  ? 49  TYR A CA  1 
ATOM   199 C C   . TYR A 1 52 ? -7.538  -4.264  -1.116  1.00 7.77  ? 49  TYR A C   1 
ATOM   200 O O   . TYR A 1 52 ? -6.657  -5.143  -0.993  1.00 9.25  ? 49  TYR A O   1 
ATOM   201 C CB  . TYR A 1 52 ? -7.841  -2.861  0.870   1.00 8.35  ? 49  TYR A CB  1 
ATOM   202 C CG  . TYR A 1 52 ? -8.689  -2.373  1.985   1.00 9.72  ? 49  TYR A CG  1 
ATOM   203 C CD1 . TYR A 1 52 ? -8.982  -3.216  3.042   1.00 10.61 ? 49  TYR A CD1 1 
ATOM   204 C CD2 . TYR A 1 52 ? -9.274  -1.120  1.951   1.00 12.65 ? 49  TYR A CD2 1 
ATOM   205 C CE1 . TYR A 1 52 ? -9.846  -2.832  4.113   1.00 13.58 ? 49  TYR A CE1 1 
ATOM   206 C CE2 . TYR A 1 52 ? -10.092 -0.705  2.983   1.00 14.81 ? 49  TYR A CE2 1 
ATOM   207 C CZ  . TYR A 1 52 ? -10.375 -1.576  4.086   1.00 14.49 ? 49  TYR A CZ  1 
ATOM   208 O OH  . TYR A 1 52 ? -11.206 -1.196  5.120   1.00 23.95 ? 49  TYR A OH  1 
ATOM   209 N N   . LEU A 1 53 ? -7.739  -3.639  -2.245  1.00 6.37  ? 50  LEU A N   1 
ATOM   210 C CA  . LEU A 1 53 ? -6.827  -3.783  -3.360  1.00 5.79  ? 50  LEU A CA  1 
ATOM   211 C C   . LEU A 1 53 ? -6.057  -2.491  -3.543  1.00 5.41  ? 50  LEU A C   1 
ATOM   212 O O   . LEU A 1 53 ? -6.657  -1.426  -3.709  1.00 7.14  ? 50  LEU A O   1 
ATOM   213 C CB  . LEU A 1 53 ? -7.567  -4.028  -4.666  1.00 6.90  ? 50  LEU A CB  1 
ATOM   214 C CG  . LEU A 1 53 ? -6.757  -4.152  -5.959  1.00 8.23  ? 50  LEU A CG  1 
ATOM   215 C CD1 . LEU A 1 53 ? -5.802  -5.389  -5.798  1.00 9.07  ? 50  LEU A CD1 1 
ATOM   216 C CD2 . LEU A 1 53 ? -7.643  -4.313  -7.191  1.00 8.68  ? 50  LEU A CD2 1 
ATOM   217 N N   . LEU A 1 54 ? -4.721  -2.567  -3.549  1.00 7.17  ? 51  LEU A N   1 
ATOM   218 C CA  . LEU A 1 54 ? -3.878  -1.434  -3.976  1.00 5.75  ? 51  LEU A CA  1 
ATOM   219 C C   . LEU A 1 54 ? -3.416  -1.811  -5.379  1.00 6.51  ? 51  LEU A C   1 
ATOM   220 O O   . LEU A 1 54 ? -2.893  -2.918  -5.604  1.00 7.24  ? 51  LEU A O   1 
ATOM   221 C CB  . LEU A 1 54 ? -2.672  -1.276  -3.013  1.00 5.64  ? 51  LEU A CB  1 
ATOM   222 C CG  . LEU A 1 54 ? -1.695  -0.220  -3.432  1.00 7.22  ? 51  LEU A CG  1 
ATOM   223 C CD1 . LEU A 1 54 ? -2.309  1.200   -3.219  1.00 11.26 ? 51  LEU A CD1 1 
ATOM   224 C CD2 . LEU A 1 54 ? -0.348  -0.363  -2.612  1.00 11.02 ? 51  LEU A CD2 1 
ATOM   225 N N   . ARG A 1 55 ? -3.578  -0.899  -6.321  1.00 5.81  ? 52  ARG A N   1 
ATOM   226 C CA  . ARG A 1 55 ? -3.131  -1.179  -7.706  1.00 6.20  ? 52  ARG A CA  1 
ATOM   227 C C   . ARG A 1 55 ? -2.503  0.004   -8.397  1.00 7.96  ? 52  ARG A C   1 
ATOM   228 O O   . ARG A 1 55 ? -2.737  1.129   -7.977  1.00 7.25  ? 52  ARG A O   1 
ATOM   229 C CB  . ARG A 1 55 ? -4.274  -1.704  -8.590  1.00 6.80  ? 52  ARG A CB  1 
ATOM   230 C CG  . ARG A 1 55 ? -5.211  -0.568  -9.173  1.00 6.66  ? 52  ARG A CG  1 
ATOM   231 C CD  . ARG A 1 55 ? -6.440  -1.252  -9.760  1.00 8.63  ? 52  ARG A CD  1 
ATOM   232 N NE  . ARG A 1 55 ? -7.255  -0.403  -10.657 1.00 8.23  ? 52  ARG A NE  1 
ATOM   233 C CZ  . ARG A 1 55 ? -8.386  0.202   -10.279 1.00 6.56  ? 52  ARG A CZ  1 
ATOM   234 N NH1 . ARG A 1 55 ? -8.800  0.083   -9.008  1.00 7.82  ? 52  ARG A NH1 1 
ATOM   235 N NH2 . ARG A 1 55 ? -9.126  0.888   -11.133 1.00 8.06  ? 52  ARG A NH2 1 
ATOM   236 N N   . LYS A 1 56 ? -1.696  -0.266  -9.429  1.00 6.76  ? 53  LYS A N   1 
ATOM   237 C CA  . LYS A 1 56 ? -1.294  0.829   -10.281 1.00 8.47  ? 53  LYS A CA  1 
ATOM   238 C C   . LYS A 1 56 ? -2.266  0.849   -11.477 1.00 7.75  ? 53  LYS A C   1 
ATOM   239 O O   . LYS A 1 56 ? -2.618  -0.201  -12.011 1.00 10.08 ? 53  LYS A O   1 
ATOM   240 C CB  . LYS A 1 56 ? 0.141   0.712   -10.783 1.00 10.61 ? 53  LYS A CB  1 
ATOM   241 C CG  . LYS A 1 56 ? 0.486   -0.485  -11.613 1.00 13.10 ? 53  LYS A CG  1 
ATOM   242 C CD  . LYS A 1 56 ? 1.979   -0.483  -11.953 1.00 16.26 ? 53  LYS A CD  1 
ATOM   243 C CE  . LYS A 1 56 ? 2.262   -1.477  -13.044 1.00 23.37 ? 53  LYS A CE  1 
ATOM   244 N NZ  . LYS A 1 56 ? 3.717   -1.741  -13.220 1.00 27.09 ? 53  LYS A NZ  1 
ATOM   245 N N   . THR A 1 57 ? -2.647  2.035   -11.907 1.00 8.66  ? 54  THR A N   1 
ATOM   246 C CA  . THR A 1 57 ? -3.647  2.166   -12.964 1.00 9.53  ? 54  THR A CA  1 
ATOM   247 C C   . THR A 1 57 ? -2.996  2.454   -14.301 1.00 10.03 ? 54  THR A C   1 
ATOM   248 O O   . THR A 1 57 ? -1.785  2.799   -14.397 1.00 10.67 ? 54  THR A O   1 
ATOM   249 C CB  . THR A 1 57 ? -4.614  3.307   -12.642 1.00 9.40  ? 54  THR A CB  1 
ATOM   250 O OG1 . THR A 1 57 ? -3.948  4.562   -12.793 1.00 11.16 ? 54  THR A OG1 1 
ATOM   251 C CG2 . THR A 1 57 ? -5.213  3.132   -11.241 1.00 11.96 ? 54  THR A CG2 1 
ATOM   252 N N   . GLN A 1 58 ? -3.777  2.339   -15.372 1.00 11.23 ? 55  GLN A N   1 
ATOM   253 C CA  . GLN A 1 58 ? -3.230  2.641   -16.708 1.00 12.23 ? 55  GLN A CA  1 
ATOM   254 C C   . GLN A 1 58 ? -2.756  4.094   -16.859 1.00 12.30 ? 55  GLN A C   1 
ATOM   255 O O   . GLN A 1 58 ? -1.893  4.391   -17.661 1.00 16.04 ? 55  GLN A O   1 
ATOM   256 C CB  . GLN A 1 58 ? -4.251  2.337   -17.799 1.00 13.43 ? 55  GLN A CB  1 
ATOM   257 C CG  . GLN A 1 58 ? -4.677  0.906   -17.818 1.00 18.77 ? 55  GLN A CG  1 
ATOM   258 C CD  . GLN A 1 58 ? -5.781  0.636   -18.767 1.00 30.14 ? 55  GLN A CD  1 
ATOM   259 O OE1 . GLN A 1 58 ? -6.945  1.043   -18.538 1.00 35.91 ? 55  GLN A OE1 1 
ATOM   260 N NE2 . GLN A 1 58 ? -5.454  -0.072  -19.849 1.00 34.38 ? 55  GLN A NE2 1 
ATOM   261 N N   . ALA A 1 59 ? -3.321  4.998   -16.068 1.00 11.61 ? 56  ALA A N   1 
ATOM   262 C CA  . ALA A 1 59 ? -2.963  6.404   -16.074 1.00 11.54 ? 56  ALA A CA  1 
ATOM   263 C C   . ALA A 1 59 ? -1.779  6.696   -15.180 1.00 11.21 ? 56  ALA A C   1 
ATOM   264 O O   . ALA A 1 59 ? -1.400  7.853   -14.997 1.00 12.82 ? 56  ALA A O   1 
ATOM   265 C CB  . ALA A 1 59 ? -4.141  7.188   -15.594 1.00 13.23 ? 56  ALA A CB  1 
ATOM   266 N N   . GLY A 1 60 ? -1.194  5.662   -14.587 1.00 10.41 ? 57  GLY A N   1 
ATOM   267 C CA  . GLY A 1 60 ? 0.060   5.802   -13.813 1.00 11.25 ? 57  GLY A CA  1 
ATOM   268 C C   . GLY A 1 60 ? -0.111  6.135   -12.351 1.00 11.40 ? 57  GLY A C   1 
ATOM   269 O O   . GLY A 1 60 ? 0.884   6.464   -11.677 1.00 13.56 ? 57  GLY A O   1 
ATOM   270 N N   . LYS A 1 61 ? -1.349  6.058   -11.863 1.00 10.27 ? 58  LYS A N   1 
ATOM   271 C CA  . LYS A 1 61 ? -1.635  6.404   -10.476 1.00 10.60 ? 58  LYS A CA  1 
ATOM   272 C C   . LYS A 1 61 ? -1.639  5.187   -9.588  1.00 9.02  ? 58  LYS A C   1 
ATOM   273 O O   . LYS A 1 61 ? -1.710  4.054   -10.088 1.00 9.67  ? 58  LYS A O   1 
ATOM   274 C CB  . LYS A 1 61 ? -2.987  7.176   -10.314 1.00 12.17 ? 58  LYS A CB  1 
ATOM   275 C CG  . LYS A 1 61 ? -3.114  8.335   -11.276 1.00 17.80 ? 58  LYS A CG  1 
ATOM   276 C CD  . LYS A 1 61 ? -3.832  9.486   -10.676 1.00 27.12 ? 58  LYS A CD  1 
ATOM   277 C CE  . LYS A 1 61 ? -4.039  10.638  -11.687 1.00 30.81 ? 58  LYS A CE  1 
ATOM   278 N NZ  . LYS A 1 61 ? -5.148  10.285  -12.668 1.00 36.52 ? 58  LYS A NZ  1 
ATOM   279 N N   . LEU A 1 62 ? -1.433  5.396   -8.289  1.00 9.51  ? 59  LEU A N   1 
ATOM   280 C CA  . LEU A 1 62 ? -1.736  4.326   -7.332  1.00 8.63  ? 59  LEU A CA  1 
ATOM   281 C C   . LEU A 1 62 ? -3.173  4.551   -6.824  1.00 10.28 ? 59  LEU A C   1 
ATOM   282 O O   . LEU A 1 62 ? -3.586  5.681   -6.553  1.00 9.76  ? 59  LEU A O   1 
ATOM   283 C CB  . LEU A 1 62 ? -0.798  4.322   -6.123  1.00 10.74 ? 59  LEU A CB  1 
ATOM   284 C CG  . LEU A 1 62 ? 0.619   3.931   -6.402  1.00 12.75 ? 59  LEU A CG  1 
ATOM   285 C CD1 . LEU A 1 62 ? 1.392   3.788   -5.045  1.00 15.00 ? 59  LEU A CD1 1 
ATOM   286 C CD2 . LEU A 1 62 ? 0.629   2.623   -7.143  1.00 16.54 ? 59  LEU A CD2 1 
ATOM   287 N N   . LEU A 1 63 ? -3.904  3.484   -6.668  1.00 9.54  ? 60  LEU A N   1 
ATOM   288 C CA  . LEU A 1 63 ? -5.285  3.591   -6.224  1.00 8.97  ? 60  LEU A CA  1 
ATOM   289 C C   . LEU A 1 63 ? -5.601  2.476   -5.255  1.00 7.77  ? 60  LEU A C   1 
ATOM   290 O O   . LEU A 1 63 ? -5.398  1.287   -5.574  1.00 7.35  ? 60  LEU A O   1 
ATOM   291 C CB  . LEU A 1 63 ? -6.172  3.528   -7.468  1.00 12.05 ? 60  LEU A CB  1 
ATOM   292 C CG  . LEU A 1 63 ? -7.662  3.674   -7.345  1.00 13.34 ? 60  LEU A CG  1 
ATOM   293 C CD1 . LEU A 1 63 ? -7.958  4.995   -6.729  1.00 15.55 ? 60  LEU A CD1 1 
ATOM   294 C CD2 . LEU A 1 63 ? -8.177  3.699   -8.800  1.00 13.76 ? 60  LEU A CD2 1 
ATOM   295 N N   . LEU A 1 64 ? -6.192  2.831   -4.124  1.00 7.57  ? 61  LEU A N   1 
ATOM   296 C CA  . LEU A 1 64 ? -6.671  1.852   -3.133  1.00 6.98  ? 61  LEU A CA  1 
ATOM   297 C C   . LEU A 1 64 ? -8.191  1.764   -3.237  1.00 8.15  ? 61  LEU A C   1 
ATOM   298 O O   . LEU A 1 64 ? -8.881  2.791   -3.149  1.00 9.26  ? 61  LEU A O   1 
ATOM   299 C CB  . LEU A 1 64 ? -6.320  2.297   -1.705  1.00 6.38  ? 61  LEU A CB  1 
ATOM   300 C CG  . LEU A 1 64 ? -6.628  1.319   -0.534  1.00 8.86  ? 61  LEU A CG  1 
ATOM   301 C CD1 . LEU A 1 64 ? -5.676  0.063   -0.554  1.00 9.12  ? 61  LEU A CD1 1 
ATOM   302 C CD2 . LEU A 1 64 ? -6.574  2.117   0.791   1.00 9.61  ? 61  LEU A CD2 1 
ATOM   303 N N   . THR A 1 65 ? -8.691  0.544   -3.309  1.00 6.56  ? 62  THR A N   1 
ATOM   304 C CA  . THR A 1 65 ? -10.133 0.346   -3.322  1.00 6.95  ? 62  THR A CA  1 
ATOM   305 C C   . THR A 1 65 ? -10.546 -0.632  -2.253  1.00 8.35  ? 62  THR A C   1 
ATOM   306 O O   . THR A 1 65 ? -9.715  -1.457  -1.753  1.00 8.38  ? 62  THR A O   1 
ATOM   307 C CB  . THR A 1 65 ? -10.585 -0.194  -4.746  1.00 5.61  ? 62  THR A CB  1 
ATOM   308 O OG1 . THR A 1 65 ? -9.817  -1.376  -5.033  1.00 6.39  ? 62  THR A OG1 1 
ATOM   309 C CG2 . THR A 1 65 ? -10.386 0.880   -5.847  1.00 6.70  ? 62  THR A CG2 1 
ATOM   310 N N   . LYS A 1 66 ? -11.831 -0.562  -1.889  1.00 10.79 ? 63  LYS A N   1 
ATOM   311 C CA  . LYS A 1 66 ? -12.325 -1.437  -0.812  1.00 15.20 ? 63  LYS A CA  1 
ATOM   312 C C   . LYS A 1 66 ? -13.438 -2.328  -1.368  1.00 18.51 ? 63  LYS A C   1 
ATOM   313 O O   . LYS A 1 66 ? -13.820 -2.226  -2.490  1.00 22.89 ? 63  LYS A O   1 
ATOM   314 C CB  . LYS A 1 66 ? -12.842 -0.583  0.361   1.00 16.17 ? 63  LYS A CB  1 
ATOM   315 C CG  . LYS A 1 66 ? -13.958 0.424   -0.084  1.00 21.08 ? 63  LYS A CG  1 
ATOM   316 C CD  . LYS A 1 66 ? -14.799 0.867   1.101   1.00 25.22 ? 63  LYS A CD  1 
ATOM   317 C CE  . LYS A 1 66 ? -15.937 1.756   0.641   1.00 27.15 ? 63  LYS A CE  1 
ATOM   318 N NZ  . LYS A 1 66 ? -16.828 2.190   1.831   1.00 32.13 ? 63  LYS A NZ  1 
ATOM   319 O OXT . LYS A 1 66 ? -14.095 -3.125  -0.680  1.00 21.75 ? 63  LYS A OXT 1 
ATOM   320 N N   . PRO B 1 25 ? 12.707  -15.751 -4.508  1.00 20.33 ? 22  PRO B N   1 
ATOM   321 C CA  . PRO B 1 25 ? 11.700  -14.822 -4.018  1.00 18.55 ? 22  PRO B CA  1 
ATOM   322 C C   . PRO B 1 25 ? 10.658  -14.446 -5.094  1.00 17.84 ? 22  PRO B C   1 
ATOM   323 O O   . PRO B 1 25 ? 10.968  -14.220 -6.262  1.00 19.77 ? 22  PRO B O   1 
ATOM   324 C CB  . PRO B 1 25 ? 12.511  -13.578 -3.580  1.00 18.72 ? 22  PRO B CB  1 
ATOM   325 C CG  . PRO B 1 25 ? 13.930  -13.774 -4.142  1.00 20.10 ? 22  PRO B CG  1 
ATOM   326 C CD  . PRO B 1 25 ? 14.087  -15.251 -4.308  1.00 19.72 ? 22  PRO B CD  1 
ATOM   327 N N   . GLN B 1 26 ? 9.456   -14.272 -4.618  1.00 15.67 ? 23  GLN B N   1 
ATOM   328 C CA  . GLN B 1 26 ? 8.299   -13.917 -5.434  1.00 14.66 ? 23  GLN B CA  1 
ATOM   329 C C   . GLN B 1 26 ? 7.765   -12.520 -5.036  1.00 12.04 ? 23  GLN B C   1 
ATOM   330 O O   . GLN B 1 26 ? 8.136   -11.995 -3.997  1.00 10.55 ? 23  GLN B O   1 
ATOM   331 C CB  . GLN B 1 26 ? 7.225   -14.987 -5.230  1.00 15.98 ? 23  GLN B CB  1 
ATOM   332 C CG  . GLN B 1 26 ? 7.650   -16.349 -5.741  1.00 19.71 ? 23  GLN B CG  1 
ATOM   333 C CD  . GLN B 1 26 ? 7.970   -16.299 -7.203  1.00 23.05 ? 23  GLN B CD  1 
ATOM   334 O OE1 . GLN B 1 26 ? 9.044   -16.726 -7.618  1.00 32.26 ? 23  GLN B OE1 1 
ATOM   335 N NE2 . GLN B 1 26 ? 7.067   -15.788 -7.993  1.00 28.04 ? 23  GLN B NE2 1 
ATOM   336 N N   . PRO B 1 27 ? 6.922   -11.890 -5.878  1.00 11.50 ? 24  PRO B N   1 
ATOM   337 C CA  . PRO B 1 27 ? 6.224   -10.691 -5.415  1.00 10.68 ? 24  PRO B CA  1 
ATOM   338 C C   . PRO B 1 27 ? 5.367   -10.986 -4.152  1.00 7.46  ? 24  PRO B C   1 
ATOM   339 O O   . PRO B 1 27 ? 5.027   -12.164 -3.807  1.00 9.83  ? 24  PRO B O   1 
ATOM   340 C CB  . PRO B 1 27 ? 5.260   -10.371 -6.597  1.00 11.40 ? 24  PRO B CB  1 
ATOM   341 C CG  . PRO B 1 27 ? 5.901   -10.970 -7.741  1.00 14.23 ? 24  PRO B CG  1 
ATOM   342 C CD  . PRO B 1 27 ? 6.489   -12.271 -7.237  1.00 12.48 ? 24  PRO B CD  1 
ATOM   343 N N   . ILE B 1 28 ? 5.065   -9.905  -3.421  1.00 8.34  ? 25  ILE B N   1 
ATOM   344 C CA  . ILE B 1 28 ? 4.352   -10.055 -2.165  1.00 7.28  ? 25  ILE B CA  1 
ATOM   345 C C   . ILE B 1 28 ? 2.983   -10.692 -2.378  1.00 6.79  ? 25  ILE B C   1 
ATOM   346 O O   . ILE B 1 28 ? 2.591   -11.592 -1.644  1.00 7.07  ? 25  ILE B O   1 
ATOM   347 C CB  . ILE B 1 28 ? 4.201   -8.701  -1.421  1.00 7.59  ? 25  ILE B CB  1 
ATOM   348 C CG1 . ILE B 1 28 ? 5.608   -8.170  -1.067  1.00 7.71  ? 25  ILE B CG1 1 
ATOM   349 C CG2 . ILE B 1 28 ? 3.331   -8.908  -0.147  1.00 9.60  ? 25  ILE B CG2 1 
ATOM   350 C CD1 . ILE B 1 28 ? 5.567   -6.782  -0.438  1.00 7.62  ? 25  ILE B CD1 1 
ATOM   351 N N   . ARG B 1 29 ? 2.249   -10.138 -3.341  1.00 6.83  ? 26  ARG B N   1 
ATOM   352 C CA  . ARG B 1 29 ? 0.864   -10.504 -3.733  1.00 8.24  ? 26  ARG B CA  1 
ATOM   353 C C   . ARG B 1 29 ? -0.210  -10.118 -2.709  1.00 7.77  ? 26  ARG B C   1 
ATOM   354 O O   . ARG B 1 29 ? -1.214  -9.474  -3.077  1.00 9.00  ? 26  ARG B O   1 
ATOM   355 C CB  . ARG B 1 29 ? 0.742   -12.032 -4.005  1.00 11.99 ? 26  ARG B CB  1 
ATOM   356 C CG  . ARG B 1 29 ? 1.411   -12.497 -5.229  1.00 17.65 ? 26  ARG B CG  1 
ATOM   357 C CD  . ARG B 1 29 ? 0.807   -13.874 -5.412  1.00 26.09 ? 26  ARG B CD  1 
ATOM   358 N NE  . ARG B 1 29 ? 0.774   -14.220 -6.769  1.00 27.99 ? 26  ARG B NE  1 
ATOM   359 C CZ  . ARG B 1 29 ? 0.289   -15.350 -7.242  1.00 27.05 ? 26  ARG B CZ  1 
ATOM   360 N NH1 . ARG B 1 29 ? -0.259  -16.264 -6.432  1.00 28.80 ? 26  ARG B NH1 1 
ATOM   361 N NH2 . ARG B 1 29 ? 0.348   -15.532 -8.547  1.00 30.52 ? 26  ARG B NH2 1 
ATOM   362 N N   . ARG B 1 30 ? -0.025  -10.531 -1.454  1.00 8.36  ? 27  ARG B N   1 
ATOM   363 C CA  . ARG B 1 30 ? -1.051  -10.365 -0.408  1.00 8.16  ? 27  ARG B CA  1 
ATOM   364 C C   . ARG B 1 30 ? -0.345  -10.189 0.933   1.00 5.49  ? 27  ARG B C   1 
ATOM   365 O O   . ARG B 1 30 ? 0.661   -10.914 1.179   1.00 8.49  ? 27  ARG B O   1 
ATOM   366 C CB  . ARG B 1 30 ? -1.999  -11.591 -0.369  1.00 9.48  ? 27  ARG B CB  1 
ATOM   367 C CG  . ARG B 1 30 ? -2.947  -11.572 0.827   1.00 9.61  ? 27  ARG B CG  1 
ATOM   368 C CD  . ARG B 1 30 ? -3.719  -12.903 0.893   1.00 15.62 ? 27  ARG B CD  1 
ATOM   369 N NE  . ARG B 1 30 ? -4.519  -13.091 -0.267  1.00 17.63 ? 27  ARG B NE  1 
ATOM   370 C CZ  . ARG B 1 30 ? -5.813  -12.773 -0.315  1.00 19.19 ? 27  ARG B CZ  1 
ATOM   371 N NH1 . ARG B 1 30 ? -6.409  -12.123 0.699   1.00 19.33 ? 27  ARG B NH1 1 
ATOM   372 N NH2 . ARG B 1 30 ? -6.481  -13.021 -1.409  1.00 19.49 ? 27  ARG B NH2 1 
ATOM   373 N N   . ILE B 1 31 ? -0.812  -9.236  1.758   1.00 5.71  ? 28  ILE B N   1 
ATOM   374 C CA  . ILE B 1 31 ? -0.159  -8.973  3.010   1.00 6.51  ? 28  ILE B CA  1 
ATOM   375 C C   . ILE B 1 31 ? -1.144  -8.363  3.950   1.00 7.23  ? 28  ILE B C   1 
ATOM   376 O O   . ILE B 1 31 ? -2.128  -7.763  3.496   1.00 8.44  ? 28  ILE B O   1 
ATOM   377 C CB  . ILE B 1 31 ? 1.028   -7.997  2.831   1.00 5.37  ? 28  ILE B CB  1 
ATOM   378 C CG1 . ILE B 1 31 ? 2.014   -7.993  4.040   1.00 7.04  ? 28  ILE B CG1 1 
ATOM   379 C CG2 . ILE B 1 31 ? 0.529   -6.598  2.442   1.00 6.37  ? 28  ILE B CG2 1 
ATOM   380 C CD1 . ILE B 1 31 ? 3.340   -7.217  3.708   1.00 7.54  ? 28  ILE B CD1 1 
ATOM   381 N N   . SER B 1 32 ? -0.948  -8.561  5.252   1.00 7.28  ? 29  SER B N   1 
ATOM   382 C CA  . SER B 1 32 ? -1.784  -7.872  6.260   1.00 7.86  ? 29  SER B CA  1 
ATOM   383 C C   . SER B 1 32 ? -1.408  -6.437  6.432   1.00 8.88  ? 29  SER B C   1 
ATOM   384 O O   . SER B 1 32 ? -0.247  -6.074  6.259   1.00 9.04  ? 29  SER B O   1 
ATOM   385 C CB  . SER B 1 32 ? -1.711  -8.603  7.597   1.00 8.75  ? 29  SER B CB  1 
ATOM   386 O OG  . SER B 1 32 ? -0.437  -8.431  8.169   1.00 10.32 ? 29  SER B OG  1 
ATOM   387 N N   . SER B 1 33 ? -2.390  -5.588  6.729   1.00 9.79  ? 30  SER B N   1 
ATOM   388 C CA  . SER B 1 33 ? -2.043  -4.213  7.029   1.00 9.39  ? 30  SER B CA  1 
ATOM   389 C C   . SER B 1 33 ? -1.123  -4.111  8.260   1.00 10.35 ? 30  SER B C   1 
ATOM   390 O O   . SER B 1 33 ? -0.309  -3.168  8.362   1.00 11.77 ? 30  SER B O   1 
ATOM   391 C CB  . SER B 1 33 ? -3.284  -3.342  7.235   1.00 10.30 ? 30  SER B CB  1 
ATOM   392 O OG  . SER B 1 33 ? -4.059  -3.812  8.313   1.00 14.79 ? 30  SER B OG  1 
ATOM   393 N N   . GLN B 1 34 ? -1.279  -5.036  9.200   1.00 10.99 ? 31  GLN B N   1 
ATOM   394 C CA  . GLN B 1 34 ? -0.413  -4.997  10.402  1.00 13.77 ? 31  GLN B CA  1 
ATOM   395 C C   . GLN B 1 34 ? 1.058   -5.182  10.030  1.00 10.88 ? 31  GLN B C   1 
ATOM   396 O O   . GLN B 1 34 ? 1.937   -4.458  10.534  1.00 12.32 ? 31  GLN B O   1 
ATOM   397 C CB  . GLN B 1 34 ? -0.851  -6.075  11.355  1.00 16.72 ? 31  GLN B CB  1 
ATOM   398 C CG  . GLN B 1 34 ? -0.094  -6.135  12.676  1.00 23.46 ? 31  GLN B CG  1 
ATOM   399 C CD  . GLN B 1 34 ? -0.807  -6.957  13.788  1.00 30.37 ? 31  GLN B CD  1 
ATOM   400 O OE1 . GLN B 1 34 ? -2.018  -7.271  13.690  1.00 35.64 ? 31  GLN B OE1 1 
ATOM   401 N NE2 . GLN B 1 34 ? -0.069  -7.264  14.863  1.00 32.69 ? 31  GLN B NE2 1 
ATOM   402 N N   . THR B 1 35 ? 1.343   -6.134  9.148   1.00 11.04 ? 32  THR B N   1 
ATOM   403 C CA  . THR B 1 35 ? 2.733   -6.359  8.753   1.00 9.56  ? 32  THR B CA  1 
ATOM   404 C C   . THR B 1 35 ? 3.186   -5.178  7.840   1.00 10.39 ? 32  THR B C   1 
ATOM   405 O O   . THR B 1 35 ? 4.310   -4.638  7.975   1.00 13.14 ? 32  THR B O   1 
ATOM   406 C CB  . THR B 1 35 ? 2.917   -7.659  7.998   1.00 10.35 ? 32  THR B CB  1 
ATOM   407 O OG1 . THR B 1 35 ? 2.549   -8.730  8.851   1.00 14.05 ? 32  THR B OG1 1 
ATOM   408 C CG2 . THR B 1 35 ? 4.385   -7.785  7.662   1.00 11.58 ? 32  THR B CG2 1 
ATOM   409 N N   . LEU B 1 36 ? 2.331   -4.740  6.934   1.00 9.75  ? 33  LEU B N   1 
ATOM   410 C CA  . LEU B 1 36 ? 2.738   -3.731  5.964   1.00 8.12  ? 33  LEU B CA  1 
ATOM   411 C C   . LEU B 1 36 ? 2.999   -2.370  6.592   1.00 8.79  ? 33  LEU B C   1 
ATOM   412 O O   . LEU B 1 36 ? 3.990   -1.691  6.250   1.00 9.09  ? 33  LEU B O   1 
ATOM   413 C CB  . LEU B 1 36 ? 1.633   -3.693  4.926   1.00 7.98  ? 33  LEU B CB  1 
ATOM   414 C CG  . LEU B 1 36 ? 1.861   -2.664  3.814   1.00 7.96  ? 33  LEU B CG  1 
ATOM   415 C CD1 . LEU B 1 36 ? 3.169   -2.959  2.970   1.00 8.84  ? 33  LEU B CD1 1 
ATOM   416 C CD2 . LEU B 1 36 ? 0.643   -2.543  2.901   1.00 10.92 ? 33  LEU B CD2 1 
ATOM   417 N N   . LEU B 1 37 ? 2.107   -1.982  7.494   1.00 9.05  ? 34  LEU B N   1 
ATOM   418 C CA  . LEU B 1 37 ? 2.124   -0.637  8.083   1.00 9.87  ? 34  LEU B CA  1 
ATOM   419 C C   . LEU B 1 37 ? 2.863   -0.512  9.389   1.00 13.31 ? 34  LEU B C   1 
ATOM   420 O O   . LEU B 1 37 ? 3.157   0.632   9.810   1.00 14.81 ? 34  LEU B O   1 
ATOM   421 C CB  . LEU B 1 37 ? 0.683   -0.097  8.343   1.00 10.68 ? 34  LEU B CB  1 
ATOM   422 C CG  . LEU B 1 37 ? -0.103  -0.014  7.058   1.00 10.54 ? 34  LEU B CG  1 
ATOM   423 C CD1 . LEU B 1 37 ? -1.522  0.361   7.477   1.00 16.30 ? 34  LEU B CD1 1 
ATOM   424 C CD2 . LEU B 1 37 ? 0.572   0.997   6.108   1.00 16.84 ? 34  LEU B CD2 1 
ATOM   425 N N   . GLY B 1 38 ? 3.118   -1.637  10.047  1.00 13.00 ? 35  GLY B N   1 
ATOM   426 C CA  . GLY B 1 38 ? 3.821   -1.634  11.325  1.00 15.44 ? 35  GLY B CA  1 
ATOM   427 C C   . GLY B 1 38 ? 3.069   -0.979  12.458  1.00 16.24 ? 35  GLY B C   1 
ATOM   428 O O   . GLY B 1 38 ? 1.874   -0.597  12.322  1.00 17.04 ? 35  GLY B O   1 
ATOM   429 N N   . PRO B 1 39 ? 3.754   -0.853  13.613  1.00 17.17 ? 36  PRO B N   1 
ATOM   430 C CA  . PRO B 1 39 ? 3.046   -0.277  14.770  1.00 17.82 ? 36  PRO B CA  1 
ATOM   431 C C   . PRO B 1 39 ? 2.678   1.214   14.621  1.00 18.57 ? 36  PRO B C   1 
ATOM   432 O O   . PRO B 1 39 ? 1.732   1.658   15.281  1.00 20.77 ? 36  PRO B O   1 
ATOM   433 C CB  . PRO B 1 39 ? 4.022   -0.476  15.936  1.00 18.29 ? 36  PRO B CB  1 
ATOM   434 C CG  . PRO B 1 39 ? 5.087   -1.411  15.471  1.00 18.12 ? 36  PRO B CG  1 
ATOM   435 C CD  . PRO B 1 39 ? 5.026   -1.539  13.974  1.00 15.51 ? 36  PRO B CD  1 
ATOM   436 N N   . ASP B 1 40 ? 3.366   1.967   13.743  1.00 18.34 ? 37  ASP B N   1 
ATOM   437 C CA  . ASP B 1 40 ? 3.022   3.388   13.561  1.00 18.86 ? 37  ASP B CA  1 
ATOM   438 C C   . ASP B 1 40 ? 1.853   3.560   12.613  1.00 17.51 ? 37  ASP B C   1 
ATOM   439 O O   . ASP B 1 40 ? 1.287   4.657   12.468  1.00 18.63 ? 37  ASP B O   1 
ATOM   440 C CB  . ASP B 1 40 ? 4.192   4.191   13.028  1.00 20.89 ? 37  ASP B CB  1 
ATOM   441 C CG  . ASP B 1 40 ? 5.358   4.220   13.973  1.00 23.57 ? 37  ASP B CG  1 
ATOM   442 O OD1 . ASP B 1 40 ? 5.178   4.049   15.212  1.00 26.44 ? 37  ASP B OD1 1 
ATOM   443 O OD2 . ASP B 1 40 ? 6.465   4.430   13.443  1.00 28.19 ? 37  ASP B OD2 1 
ATOM   444 N N   . GLY B 1 41 ? 1.517   2.512   11.894  1.00 15.38 ? 38  GLY B N   1 
ATOM   445 C CA  . GLY B 1 41 ? 0.346   2.564   10.984  1.00 15.56 ? 38  GLY B CA  1 
ATOM   446 C C   . GLY B 1 41 ? 0.498   3.478   9.782   1.00 13.90 ? 38  GLY B C   1 
ATOM   447 O O   . GLY B 1 41 ? -0.476  4.008   9.271   1.00 14.04 ? 38  GLY B O   1 
ATOM   448 N N   . LYS B 1 42 ? 1.723   3.669   9.335   1.00 13.51 ? 39  LYS B N   1 
ATOM   449 C CA  . LYS B 1 42 ? 2.040   4.561   8.230   1.00 12.88 ? 39  LYS B CA  1 
ATOM   450 C C   . LYS B 1 42 ? 3.116   3.954   7.349   1.00 12.57 ? 39  LYS B C   1 
ATOM   451 O O   . LYS B 1 42 ? 4.059   3.370   7.841   1.00 13.89 ? 39  LYS B O   1 
ATOM   452 C CB  . LYS B 1 42 ? 2.587   5.892   8.736   1.00 13.67 ? 39  LYS B CB  1 
ATOM   453 C CG  . LYS B 1 42 ? 1.531   6.674   9.504   1.00 16.53 ? 39  LYS B CG  1 
ATOM   454 C CD  . LYS B 1 42 ? 1.991   8.061   9.944   1.00 23.80 ? 39  LYS B CD  1 
ATOM   455 C CE  . LYS B 1 42 ? 2.981   7.989   11.169  1.00 27.10 ? 39  LYS B CE  1 
ATOM   456 N NZ  . LYS B 1 42 ? 2.483   7.126   12.337  1.00 36.16 ? 39  LYS B NZ  1 
ATOM   457 N N   . LEU B 1 43 ? 2.953   4.148   6.049   1.00 11.33 ? 40  LEU B N   1 
ATOM   458 C CA  . LEU B 1 43 ? 3.971   3.785   5.101   1.00 10.97 ? 40  LEU B CA  1 
ATOM   459 C C   . LEU B 1 43 ? 4.017   4.763   3.928   1.00 10.08 ? 40  LEU B C   1 
ATOM   460 O O   . LEU B 1 43 ? 2.974   5.005   3.268   1.00 12.24 ? 40  LEU B O   1 
ATOM   461 C CB  . LEU B 1 43 ? 3.743   2.372   4.556   1.00 11.65 ? 40  LEU B CB  1 
ATOM   462 C CG  . LEU B 1 43 ? 4.712   1.818   3.496   1.00 10.86 ? 40  LEU B CG  1 
ATOM   463 C CD1 . LEU B 1 43 ? 6.168   1.719   4.101   1.00 13.58 ? 40  LEU B CD1 1 
ATOM   464 C CD2 . LEU B 1 43 ? 4.202   0.492   2.968   1.00 10.59 ? 40  LEU B CD2 1 
ATOM   465 N N   . ILE B 1 44 ? 5.190   5.323   3.642   1.00 11.56 ? 41  ILE B N   1 
ATOM   466 C CA  . ILE B 1 44 ? 5.283   6.125   2.399   1.00 13.01 ? 41  ILE B CA  1 
ATOM   467 C C   . ILE B 1 44 ? 5.604   5.209   1.276   1.00 12.43 ? 41  ILE B C   1 
ATOM   468 O O   . ILE B 1 44 ? 6.469   4.358   1.418   1.00 13.28 ? 41  ILE B O   1 
ATOM   469 C CB  . ILE B 1 44 ? 6.386   7.229   2.519   1.00 14.92 ? 41  ILE B CB  1 
ATOM   470 C CG1 . ILE B 1 44 ? 5.919   8.254   3.546   1.00 19.93 ? 41  ILE B CG1 1 
ATOM   471 C CG2 . ILE B 1 44 ? 6.656   7.863   1.182   1.00 17.37 ? 41  ILE B CG2 1 
ATOM   472 C CD1 . ILE B 1 44 ? 5.239   9.459   3.028   1.00 26.90 ? 41  ILE B CD1 1 
ATOM   473 N N   . ILE B 1 45 ? 4.848   5.299   0.182   1.00 12.92 ? 42  ILE B N   1 
ATOM   474 C CA  . ILE B 1 45 ? 5.066   4.452   -0.987  1.00 12.07 ? 42  ILE B CA  1 
ATOM   475 C C   . ILE B 1 45 ? 5.537   5.367   -2.092  1.00 12.53 ? 42  ILE B C   1 
ATOM   476 O O   . ILE B 1 45 ? 4.815   6.342   -2.488  1.00 13.31 ? 42  ILE B O   1 
ATOM   477 C CB  . ILE B 1 45 ? 3.794   3.718   -1.409  1.00 10.56 ? 42  ILE B CB  1 
ATOM   478 C CG1 . ILE B 1 45 ? 3.227   2.818   -0.277  1.00 11.02 ? 42  ILE B CG1 1 
ATOM   479 C CG2 . ILE B 1 45 ? 4.047   2.888   -2.713  1.00 10.18 ? 42  ILE B CG2 1 
ATOM   480 C CD1 . ILE B 1 45 ? 1.798   2.292   -0.615  1.00 13.61 ? 42  ILE B CD1 1 
ATOM   481 N N   . ASP B 1 46 ? 6.744   5.109   -2.605  1.00 13.36 ? 43  ASP B N   1 
ATOM   482 C CA  . ASP B 1 46 ? 7.312   5.912   -3.677  1.00 13.74 ? 43  ASP B CA  1 
ATOM   483 C C   . ASP B 1 46 ? 6.955   5.308   -5.020  1.00 14.22 ? 43  ASP B C   1 
ATOM   484 O O   . ASP B 1 46 ? 7.425   4.198   -5.376  1.00 13.82 ? 43  ASP B O   1 
ATOM   485 C CB  . ASP B 1 46 ? 8.822   5.966   -3.516  1.00 14.31 ? 43  ASP B CB  1 
ATOM   486 C CG  . ASP B 1 46 ? 9.493   6.840   -4.550  1.00 22.05 ? 43  ASP B CG  1 
ATOM   487 O OD1 . ASP B 1 46 ? 9.157   6.805   -5.722  1.00 25.83 ? 43  ASP B OD1 1 
ATOM   488 O OD2 . ASP B 1 46 ? 10.402  7.579   -4.180  1.00 28.24 ? 43  ASP B OD2 1 
ATOM   489 N N   . HIS B 1 47 ? 6.096   6.016   -5.747  1.00 14.18 ? 44  HIS B N   1 
ATOM   490 C CA  . HIS B 1 47 ? 5.616   5.457   -6.996  1.00 14.99 ? 44  HIS B CA  1 
ATOM   491 C C   . HIS B 1 47 ? 6.200   6.314   -8.101  1.00 15.95 ? 44  HIS B C   1 
ATOM   492 O O   . HIS B 1 47 ? 5.663   7.349   -8.337  1.00 17.39 ? 44  HIS B O   1 
ATOM   493 C CB  . HIS B 1 47 ? 4.098   5.517   -7.061  1.00 16.15 ? 44  HIS B CB  1 
ATOM   494 C CG  . HIS B 1 47 ? 3.529   4.850   -8.273  1.00 15.13 ? 44  HIS B CG  1 
ATOM   495 N ND1 . HIS B 1 47 ? 3.849   3.557   -8.636  1.00 18.53 ? 44  HIS B ND1 1 
ATOM   496 C CD2 . HIS B 1 47 ? 2.631   5.293   -9.191  1.00 17.59 ? 44  HIS B CD2 1 
ATOM   497 C CE1 . HIS B 1 47 ? 3.178   3.235   -9.729  1.00 19.47 ? 44  HIS B CE1 1 
ATOM   498 N NE2 . HIS B 1 47 ? 2.460   4.284   -10.104 1.00 17.73 ? 44  HIS B NE2 1 
ATOM   499 N N   . ASP B 1 48 ? 7.306   5.894   -8.716  1.00 17.66 ? 45  ASP B N   1 
ATOM   500 C CA  . ASP B 1 48 ? 7.964   6.665   -9.781  1.00 19.03 ? 45  ASP B CA  1 
ATOM   501 C C   . ASP B 1 48 ? 8.308   8.082   -9.307  1.00 18.35 ? 45  ASP B C   1 
ATOM   502 O O   . ASP B 1 48 ? 8.215   9.070   -10.048 1.00 20.67 ? 45  ASP B O   1 
ATOM   503 C CB  . ASP B 1 48 ? 7.094   6.661   -11.049 1.00 20.84 ? 45  ASP B CB  1 
ATOM   504 C CG  . ASP B 1 48 ? 6.715   5.249   -11.477 1.00 22.34 ? 45  ASP B CG  1 
ATOM   505 O OD1 . ASP B 1 48 ? 7.631   4.378   -11.595 1.00 26.68 ? 45  ASP B OD1 1 
ATOM   506 O OD2 . ASP B 1 48 ? 5.493   4.986   -11.672 1.00 23.99 ? 45  ASP B OD2 1 
ATOM   507 N N   . GLY B 1 49 ? 8.728   8.190   -8.045  1.00 19.26 ? 46  GLY B N   1 
ATOM   508 C CA  . GLY B 1 49 ? 9.187   9.483   -7.475  1.00 18.89 ? 46  GLY B CA  1 
ATOM   509 C C   . GLY B 1 49 ? 8.091   10.361  -6.857  1.00 19.04 ? 46  GLY B C   1 
ATOM   510 O O   . GLY B 1 49 ? 8.385   11.387  -6.251  1.00 20.18 ? 46  GLY B O   1 
ATOM   511 N N   . GLN B 1 50 ? 6.837   9.915   -6.949  1.00 20.22 ? 47  GLN B N   1 
ATOM   512 C CA  . GLN B 1 50 ? 5.669   10.571  -6.349  1.00 20.97 ? 47  GLN B CA  1 
ATOM   513 C C   . GLN B 1 50 ? 5.324   9.786   -5.075  1.00 19.54 ? 47  GLN B C   1 
ATOM   514 O O   . GLN B 1 50 ? 5.036   8.564   -5.163  1.00 17.65 ? 47  GLN B O   1 
ATOM   515 C CB  . GLN B 1 50 ? 4.490   10.482  -7.342  1.00 23.43 ? 47  GLN B CB  1 
ATOM   516 C CG  . GLN B 1 50 ? 3.195   11.165  -6.942  1.00 31.41 ? 47  GLN B CG  1 
ATOM   517 C CD  . GLN B 1 50 ? 2.394   11.673  -8.191  1.00 38.23 ? 47  GLN B CD  1 
ATOM   518 O OE1 . GLN B 1 50 ? 1.177   11.407  -8.320  1.00 42.10 ? 47  GLN B OE1 1 
ATOM   519 N NE2 . GLN B 1 50 ? 3.083   12.397  -9.113  1.00 41.99 ? 47  GLN B NE2 1 
ATOM   520 N N   . GLU B 1 51 ? 5.408   10.445  -3.922  1.00 17.87 ? 48  GLU B N   1 
ATOM   521 C CA  . GLU B 1 51 ? 5.193   9.779   -2.642  1.00 17.89 ? 48  GLU B CA  1 
ATOM   522 C C   . GLU B 1 51 ? 3.709   9.789   -2.334  1.00 16.53 ? 48  GLU B C   1 
ATOM   523 O O   . GLU B 1 51 ? 3.058   10.838  -2.337  1.00 19.52 ? 48  GLU B O   1 
ATOM   524 C CB  . GLU B 1 51 ? 5.995   10.448  -1.530  1.00 18.50 ? 48  GLU B CB  1 
ATOM   525 C CG  . GLU B 1 51 ? 7.495   10.186  -1.727  1.00 19.71 ? 48  GLU B CG  1 
ATOM   526 C CD  . GLU B 1 51 ? 8.319   10.635  -0.532  1.00 27.48 ? 48  GLU B CD  1 
ATOM   527 O OE1 . GLU B 1 51 ? 7.809   11.503  0.222   1.00 28.64 ? 48  GLU B OE1 1 
ATOM   528 O OE2 . GLU B 1 51 ? 9.465   10.113  -0.336  1.00 28.93 ? 48  GLU B OE2 1 
ATOM   529 N N   . TYR B 1 52 ? 3.178   8.616   -2.137  1.00 13.05 ? 49  TYR B N   1 
ATOM   530 C CA  . TYR B 1 52 ? 1.856   8.428   -1.572  1.00 10.52 ? 49  TYR B CA  1 
ATOM   531 C C   . TYR B 1 52 ? 2.063   7.995   -0.104  1.00 11.97 ? 49  TYR B C   1 
ATOM   532 O O   . TYR B 1 52 ? 3.112   7.469   0.252   1.00 13.21 ? 49  TYR B O   1 
ATOM   533 C CB  . TYR B 1 52 ? 1.151   7.205   -2.261  1.00 11.12 ? 49  TYR B CB  1 
ATOM   534 C CG  . TYR B 1 52 ? 0.652   7.506   -3.666  1.00 9.22  ? 49  TYR B CG  1 
ATOM   535 C CD1 . TYR B 1 52 ? 1.547   7.590   -4.750  1.00 11.46 ? 49  TYR B CD1 1 
ATOM   536 C CD2 . TYR B 1 52 ? -0.707  7.692   -3.934  1.00 12.16 ? 49  TYR B CD2 1 
ATOM   537 C CE1 . TYR B 1 52 ? 1.079   7.843   -6.074  1.00 11.44 ? 49  TYR B CE1 1 
ATOM   538 C CE2 . TYR B 1 52 ? -1.150  7.956   -5.261  1.00 8.14  ? 49  TYR B CE2 1 
ATOM   539 C CZ  . TYR B 1 52 ? -0.286  8.017   -6.285  1.00 10.31 ? 49  TYR B CZ  1 
ATOM   540 O OH  . TYR B 1 52 ? -0.758  8.307   -7.506  1.00 12.77 ? 49  TYR B OH  1 
ATOM   541 N N   . LEU B 1 53 ? 1.055   8.235   0.739   1.00 9.42  ? 50  LEU B N   1 
ATOM   542 C CA  . LEU B 1 53 ? 1.021   7.707   2.101   1.00 9.68  ? 50  LEU B CA  1 
ATOM   543 C C   . LEU B 1 53 ? -0.109  6.734   2.230   1.00 9.43  ? 50  LEU B C   1 
ATOM   544 O O   . LEU B 1 53 ? -1.279  7.066   1.889   1.00 11.96 ? 50  LEU B O   1 
ATOM   545 C CB  . LEU B 1 53 ? 0.809   8.846   3.116   1.00 11.16 ? 50  LEU B CB  1 
ATOM   546 C CG  . LEU B 1 53 ? 0.661   8.506   4.618   1.00 13.93 ? 50  LEU B CG  1 
ATOM   547 C CD1 . LEU B 1 53 ? 1.949   7.896   5.079   1.00 16.26 ? 50  LEU B CD1 1 
ATOM   548 C CD2 . LEU B 1 53 ? 0.346   9.710   5.487   1.00 15.41 ? 50  LEU B CD2 1 
ATOM   549 N N   . LEU B 1 54 ? 0.209   5.552   2.766   1.00 9.48  ? 51  LEU B N   1 
ATOM   550 C CA  . LEU B 1 54 ? -0.808  4.561   3.123   1.00 8.40  ? 51  LEU B CA  1 
ATOM   551 C C   . LEU B 1 54 ? -0.843  4.550   4.622   1.00 10.60 ? 51  LEU B C   1 
ATOM   552 O O   . LEU B 1 54 ? 0.234   4.401   5.276   1.00 12.47 ? 51  LEU B O   1 
ATOM   553 C CB  . LEU B 1 54 ? -0.430  3.171   2.557   1.00 8.80  ? 51  LEU B CB  1 
ATOM   554 C CG  . LEU B 1 54 ? -1.420  2.072   2.911   1.00 8.11  ? 51  LEU B CG  1 
ATOM   555 C CD1 . LEU B 1 54 ? -2.739  2.269   2.168   1.00 9.61  ? 51  LEU B CD1 1 
ATOM   556 C CD2 . LEU B 1 54 ? -0.771  0.767   2.398   1.00 10.38 ? 51  LEU B CD2 1 
ATOM   557 N N   . ARG B 1 55 ? -2.017  4.723   5.219   1.00 9.99  ? 52  ARG B N   1 
ATOM   558 C CA  . ARG B 1 55 ? -2.067  4.690   6.671   1.00 12.65 ? 52  ARG B CA  1 
ATOM   559 C C   . ARG B 1 55 ? -3.337  4.124   7.232   1.00 12.35 ? 52  ARG B C   1 
ATOM   560 O O   . ARG B 1 55 ? -4.381  4.025   6.545   1.00 12.17 ? 52  ARG B O   1 
ATOM   561 C CB  . ARG B 1 55 ? -1.898  6.090   7.275   1.00 13.53 ? 52  ARG B CB  1 
ATOM   562 C CG  . ARG B 1 55 ? -3.173  6.983   7.250   1.00 14.65 ? 52  ARG B CG  1 
ATOM   563 C CD  . ARG B 1 55 ? -2.792  8.410   7.742   1.00 14.71 ? 52  ARG B CD  1 
ATOM   564 N NE  . ARG B 1 55 ? -3.892  9.352   7.949   1.00 18.89 ? 52  ARG B NE  1 
ATOM   565 C CZ  . ARG B 1 55 ? -4.413  10.111  7.003   1.00 19.12 ? 52  ARG B CZ  1 
ATOM   566 N NH1 . ARG B 1 55 ? -3.966  10.017  5.752   1.00 20.29 ? 52  ARG B NH1 1 
ATOM   567 N NH2 . ARG B 1 55 ? -5.383  10.963  7.307   1.00 21.98 ? 52  ARG B NH2 1 
ATOM   568 N N   . LYS B 1 56 ? -3.234  3.773   8.519   1.00 15.45 ? 53  LYS B N   1 
ATOM   569 C CA  . LYS B 1 56 ? -4.420  3.432   9.326   1.00 17.30 ? 53  LYS B CA  1 
ATOM   570 C C   . LYS B 1 56 ? -4.767  4.694   10.104  1.00 19.16 ? 53  LYS B C   1 
ATOM   571 O O   . LYS B 1 56 ? -3.923  5.183   10.844  1.00 20.94 ? 53  LYS B O   1 
ATOM   572 C CB  . LYS B 1 56 ? -4.093  2.237   10.223  1.00 19.54 ? 53  LYS B CB  1 
ATOM   573 C CG  . LYS B 1 56 ? -5.190  1.729   11.164  1.00 21.15 ? 53  LYS B CG  1 
ATOM   574 C CD  . LYS B 1 56 ? -4.614  0.586   12.043  1.00 25.30 ? 53  LYS B CD  1 
ATOM   575 C CE  . LYS B 1 56 ? -5.521  0.199   13.246  1.00 28.84 ? 53  LYS B CE  1 
ATOM   576 N NZ  . LYS B 1 56 ? -4.909  -0.871  14.133  1.00 28.53 ? 53  LYS B NZ  1 
ATOM   577 N N   . THR B 1 57 ? -5.974  5.245   9.925   1.00 19.61 ? 54  THR B N   1 
ATOM   578 C CA  . THR B 1 57 ? -6.363  6.523   10.543  1.00 20.10 ? 54  THR B CA  1 
ATOM   579 C C   . THR B 1 57 ? -6.594  6.261   12.036  1.00 20.86 ? 54  THR B C   1 
ATOM   580 O O   . THR B 1 57 ? -6.613  5.097   12.455  1.00 21.19 ? 54  THR B O   1 
ATOM   581 C CB  . THR B 1 57 ? -7.712  7.027   9.948   1.00 19.93 ? 54  THR B CB  1 
ATOM   582 O OG1 . THR B 1 57 ? -8.739  6.072   10.248  1.00 21.39 ? 54  THR B OG1 1 
ATOM   583 C CG2 . THR B 1 57 ? -7.649  7.158   8.449   1.00 23.20 ? 54  THR B CG2 1 
ATOM   584 N N   . GLN B 1 58 ? -6.852  7.309   12.828  1.00 22.66 ? 55  GLN B N   1 
ATOM   585 C CA  . GLN B 1 58 ? -7.037  7.098   14.276  1.00 25.26 ? 55  GLN B CA  1 
ATOM   586 C C   . GLN B 1 58 ? -8.297  6.287   14.572  1.00 24.21 ? 55  GLN B C   1 
ATOM   587 O O   . GLN B 1 58 ? -8.364  5.620   15.572  1.00 24.35 ? 55  GLN B O   1 
ATOM   588 C CB  . GLN B 1 58 ? -7.051  8.424   15.042  1.00 26.63 ? 55  GLN B CB  1 
ATOM   589 C CG  . GLN B 1 58 ? -8.017  9.468   14.511  1.00 33.23 ? 55  GLN B CG  1 
ATOM   590 C CD  . GLN B 1 58 ? -8.516  10.394  15.602  1.00 38.62 ? 55  GLN B CD  1 
ATOM   591 O OE1 . GLN B 1 58 ? -7.992  10.385  16.727  1.00 41.94 ? 55  GLN B OE1 1 
ATOM   592 N NE2 . GLN B 1 58 ? -9.549  11.192  15.289  1.00 42.39 ? 55  GLN B NE2 1 
ATOM   593 N N   . ALA B 1 59 ? -9.252  6.349   13.658  1.00 23.35 ? 56  ALA B N   1 
ATOM   594 C CA  . ALA B 1 59 ? -10.452 5.545   13.659  1.00 23.94 ? 56  ALA B CA  1 
ATOM   595 C C   . ALA B 1 59 ? -10.244 4.152   13.138  1.00 23.92 ? 56  ALA B C   1 
ATOM   596 O O   . ALA B 1 59 ? -11.219 3.337   13.147  1.00 24.12 ? 56  ALA B O   1 
ATOM   597 C CB  . ALA B 1 59 ? -11.511 6.250   12.843  1.00 25.10 ? 56  ALA B CB  1 
ATOM   598 N N   . GLY B 1 60 ? -9.022  3.873   12.648  1.00 20.82 ? 57  GLY B N   1 
ATOM   599 C CA  . GLY B 1 60 ? -8.618  2.430   12.318  1.00 21.14 ? 57  GLY B CA  1 
ATOM   600 C C   . GLY B 1 60 ? -8.906  2.076   10.866  1.00 20.55 ? 57  GLY B C   1 
ATOM   601 O O   . GLY B 1 60 ? -8.847  0.913   10.435  1.00 21.41 ? 57  GLY B O   1 
ATOM   602 N N   . LYS B 1 61 ? -9.242  3.112   10.111  1.00 19.26 ? 58  LYS B N   1 
ATOM   603 C CA  . LYS B 1 61 ? -9.520  2.975   8.659   1.00 19.94 ? 58  LYS B CA  1 
ATOM   604 C C   . LYS B 1 61 ? -8.268  2.962   7.785   1.00 16.84 ? 58  LYS B C   1 
ATOM   605 O O   . LYS B 1 61 ? -7.341  3.707   8.041   1.00 18.32 ? 58  LYS B O   1 
ATOM   606 C CB  . LYS B 1 61 ? -10.401 4.140   8.243   1.00 19.55 ? 58  LYS B CB  1 
ATOM   607 C CG  . LYS B 1 61 ? -11.658 4.178   9.093   1.00 26.15 ? 58  LYS B CG  1 
ATOM   608 C CD  . LYS B 1 61 ? -12.818 4.733   8.368   1.00 30.08 ? 58  LYS B CD  1 
ATOM   609 C CE  . LYS B 1 61 ? -14.104 4.350   9.119   1.00 32.38 ? 58  LYS B CE  1 
ATOM   610 N NZ  . LYS B 1 61 ? -15.189 5.231   8.657   1.00 37.17 ? 58  LYS B NZ  1 
ATOM   611 N N   . LEU B 1 62 ? -8.304  2.250   6.671   1.00 15.04 ? 59  LEU B N   1 
ATOM   612 C CA  . LEU B 1 62 ? -7.160  2.297   5.760   1.00 12.79 ? 59  LEU B CA  1 
ATOM   613 C C   . LEU B 1 62 ? -7.356  3.316   4.633   1.00 12.89 ? 59  LEU B C   1 
ATOM   614 O O   . LEU B 1 62 ? -8.409  3.378   4.027   1.00 13.64 ? 59  LEU B O   1 
ATOM   615 C CB  . LEU B 1 62 ? -6.963  0.918   5.156   1.00 14.84 ? 59  LEU B CB  1 
ATOM   616 C CG  . LEU B 1 62 ? -5.719  0.597   4.384   1.00 13.96 ? 59  LEU B CG  1 
ATOM   617 C CD1 . LEU B 1 62 ? -4.445  0.664   5.277   1.00 16.92 ? 59  LEU B CD1 1 
ATOM   618 C CD2 . LEU B 1 62 ? -5.905  -0.788  3.744   1.00 16.82 ? 59  LEU B CD2 1 
ATOM   619 N N   . LEU B 1 63 ? -6.344  4.147   4.408   1.00 11.66 ? 60  LEU B N   1 
ATOM   620 C CA  . LEU B 1 63 ? -6.471  5.285   3.496   1.00 12.09 ? 60  LEU B CA  1 
ATOM   621 C C   . LEU B 1 63 ? -5.207  5.495   2.746   1.00 10.21 ? 60  LEU B C   1 
ATOM   622 O O   . LEU B 1 63 ? -4.138  5.358   3.310   1.00 10.47 ? 60  LEU B O   1 
ATOM   623 C CB  . LEU B 1 63 ? -6.766  6.552   4.334   1.00 14.36 ? 60  LEU B CB  1 
ATOM   624 C CG  . LEU B 1 63 ? -7.487  7.761   3.838   1.00 21.70 ? 60  LEU B CG  1 
ATOM   625 C CD1 . LEU B 1 63 ? -8.865  7.266   3.444   1.00 24.66 ? 60  LEU B CD1 1 
ATOM   626 C CD2 . LEU B 1 63 ? -7.604  8.855   4.942   1.00 19.33 ? 60  LEU B CD2 1 
ATOM   627 N N   . LEU B 1 64 ? -5.319  5.770   1.451   1.00 10.92 ? 61  LEU B N   1 
ATOM   628 C CA  . LEU B 1 64 ? -4.193  6.141   0.584   1.00 11.21 ? 61  LEU B CA  1 
ATOM   629 C C   . LEU B 1 64 ? -4.301  7.610   0.191   1.00 11.44 ? 61  LEU B C   1 
ATOM   630 O O   . LEU B 1 64 ? -5.340  8.048   -0.349  1.00 15.23 ? 61  LEU B O   1 
ATOM   631 C CB  . LEU B 1 64 ? -4.198  5.252   -0.684  1.00 10.15 ? 61  LEU B CB  1 
ATOM   632 C CG  . LEU B 1 64 ? -2.944  5.434   -1.556  1.00 10.39 ? 61  LEU B CG  1 
ATOM   633 C CD1 . LEU B 1 64 ? -1.629  4.937   -0.948  1.00 10.77 ? 61  LEU B CD1 1 
ATOM   634 C CD2 . LEU B 1 64 ? -3.203  4.814   -2.944  1.00 13.31 ? 61  LEU B CD2 1 
ATOM   635 N N   . THR B 1 65 ? -3.278  8.403   0.438   1.00 11.60 ? 62  THR B N   1 
ATOM   636 C CA  . THR B 1 65 ? -3.334  9.822   0.046   1.00 14.45 ? 62  THR B CA  1 
ATOM   637 C C   . THR B 1 65 ? -2.040  10.274  -0.611  1.00 14.52 ? 62  THR B C   1 
ATOM   638 O O   . THR B 1 65 ? -1.068  9.558   -0.606  1.00 15.27 ? 62  THR B O   1 
ATOM   639 C CB  . THR B 1 65 ? -3.550  10.621  1.249   1.00 15.32 ? 62  THR B CB  1 
ATOM   640 O OG1 . THR B 1 65 ? -2.497  10.409  2.170   1.00 18.85 ? 62  THR B OG1 1 
ATOM   641 C CG2 . THR B 1 65 ? -4.754  10.158  1.924   1.00 18.37 ? 62  THR B CG2 1 
ATOM   642 N N   . LYS B 1 66 ? -2.074  11.402  -1.296  1.00 17.31 ? 63  LYS B N   1 
ATOM   643 C CA  . LYS B 1 66 ? -0.889  11.926  -1.951  1.00 19.20 ? 63  LYS B CA  1 
ATOM   644 C C   . LYS B 1 66 ? -0.899  13.426  -1.757  1.00 20.48 ? 63  LYS B C   1 
ATOM   645 O O   . LYS B 1 66 ? -1.939  14.032  -1.571  1.00 21.34 ? 63  LYS B O   1 
ATOM   646 C CB  . LYS B 1 66 ? -0.938  11.513  -3.425  1.00 20.82 ? 63  LYS B CB  1 
ATOM   647 C CG  . LYS B 1 66 ? -0.052  12.241  -4.399  1.00 25.10 ? 63  LYS B CG  1 
ATOM   648 C CD  . LYS B 1 66 ? -0.282  11.707  -5.816  1.00 30.25 ? 63  LYS B CD  1 
ATOM   649 C CE  . LYS B 1 66 ? -1.766  11.746  -6.250  1.00 32.81 ? 63  LYS B CE  1 
ATOM   650 N NZ  . LYS B 1 66 ? -1.938  12.113  -7.720  1.00 39.08 ? 63  LYS B NZ  1 
ATOM   651 O OXT . LYS B 1 66 ? 0.139   14.033  -1.732  1.00 23.12 ? 63  LYS B OXT 1 
HETATM 652 S S   . SO4 C 2 .  ? 13.891  4.652   4.147   1.00 37.59 ? 101 SO4 A S   1 
HETATM 653 O O1  . SO4 C 2 .  ? 13.747  4.942   2.703   1.00 39.05 ? 101 SO4 A O1  1 
HETATM 654 O O2  . SO4 C 2 .  ? 15.109  5.338   4.526   1.00 39.83 ? 101 SO4 A O2  1 
HETATM 655 O O3  . SO4 C 2 .  ? 12.719  5.198   4.845   1.00 38.12 ? 101 SO4 A O3  1 
HETATM 656 O O4  . SO4 C 2 .  ? 14.106  3.233   4.440   1.00 38.08 ? 101 SO4 A O4  1 
HETATM 657 S S   . SO4 D 2 .  ? 1.839   -11.337 6.439   1.00 10.95 ? 101 SO4 B S   1 
HETATM 658 O O1  . SO4 D 2 .  ? 0.936   -10.265 6.737   1.00 14.44 ? 101 SO4 B O1  1 
HETATM 659 O O2  . SO4 D 2 .  ? 3.206   -10.885 6.496   1.00 13.61 ? 101 SO4 B O2  1 
HETATM 660 O O3  . SO4 D 2 .  ? 1.509   -12.537 7.210   1.00 14.05 ? 101 SO4 B O3  1 
HETATM 661 O O4  . SO4 D 2 .  ? 1.650   -11.802 5.058   1.00 14.65 ? 101 SO4 B O4  1 
HETATM 662 O O   . HOH E 3 .  ? -15.736 -3.674  -3.236  1.00 18.19 ? 201 HOH A O   1 
HETATM 663 O O   . HOH E 3 .  ? -2.223  10.206  -14.449 1.00 38.65 ? 202 HOH A O   1 
HETATM 664 O O   . HOH E 3 .  ? -2.286  -1.207  -14.339 1.00 28.42 ? 203 HOH A O   1 
HETATM 665 O O   . HOH E 3 .  ? -2.988  -11.504 4.696   1.00 27.32 ? 204 HOH A O   1 
HETATM 666 O O   . HOH E 3 .  ? 12.184  1.393   4.050   1.00 20.20 ? 205 HOH A O   1 
HETATM 667 O O   . HOH E 3 .  ? -11.411 -3.317  -4.039  1.00 9.74  ? 206 HOH A O   1 
HETATM 668 O O   . HOH E 3 .  ? 2.865   -7.777  -4.957  1.00 12.11 ? 207 HOH A O   1 
HETATM 669 O O   . HOH E 3 .  ? 1.998   -8.792  -7.453  1.00 26.62 ? 208 HOH A O   1 
HETATM 670 O O   . HOH E 3 .  ? 5.666   -7.347  -4.651  1.00 10.78 ? 209 HOH A O   1 
HETATM 671 O O   . HOH E 3 .  ? 3.543   6.926   -12.068 1.00 20.66 ? 210 HOH A O   1 
HETATM 672 O O   . HOH E 3 .  ? -4.879  7.904   -7.490  1.00 42.39 ? 211 HOH A O   1 
HETATM 673 O O   . HOH E 3 .  ? 11.484  -3.657  -5.902  1.00 38.47 ? 212 HOH A O   1 
HETATM 674 O O   . HOH E 3 .  ? 0.739   1.705   -14.561 1.00 26.49 ? 213 HOH A O   1 
HETATM 675 O O   . HOH E 3 .  ? -10.791 0.976   6.812   1.00 26.63 ? 214 HOH A O   1 
HETATM 676 O O   . HOH E 3 .  ? -10.981 4.185   -4.400  1.00 15.94 ? 215 HOH A O   1 
HETATM 677 O O   . HOH E 3 .  ? -11.891 -3.454  6.932   1.00 28.04 ? 216 HOH A O   1 
HETATM 678 O O   . HOH E 3 .  ? -9.570  -14.285 -1.489  1.00 75.67 ? 217 HOH A O   1 
HETATM 679 O O   . HOH E 3 .  ? 3.063   -9.461  -9.633  1.00 20.07 ? 218 HOH A O   1 
HETATM 680 O O   . HOH E 3 .  ? -5.916  6.621   -12.446 1.00 24.90 ? 219 HOH A O   1 
HETATM 681 O O   . HOH E 3 .  ? 5.088   0.157   -9.637  1.00 24.39 ? 220 HOH A O   1 
HETATM 682 O O   . HOH E 3 .  ? -7.452  -0.711  -6.559  1.00 7.95  ? 221 HOH A O   1 
HETATM 683 O O   . HOH E 3 .  ? -0.050  2.395   -18.688 1.00 31.23 ? 222 HOH A O   1 
HETATM 684 O O   . HOH E 3 .  ? -6.981  5.518   -3.194  1.00 18.71 ? 223 HOH A O   1 
HETATM 685 O O   . HOH E 3 .  ? -6.365  -5.625  10.756  1.00 33.87 ? 224 HOH A O   1 
HETATM 686 O O   . HOH E 3 .  ? 5.122   -2.567  -10.260 1.00 30.57 ? 225 HOH A O   1 
HETATM 687 O O   . HOH E 3 .  ? -0.482  -3.430  -14.210 1.00 28.04 ? 226 HOH A O   1 
HETATM 688 O O   . HOH F 3 .  ? 1.070   9.055   -9.127  1.00 17.89 ? 201 HOH B O   1 
HETATM 689 O O   . HOH F 3 .  ? 1.113   -13.571 0.957   1.00 23.54 ? 202 HOH B O   1 
HETATM 690 O O   . HOH F 3 .  ? 1.259   -15.196 7.694   1.00 22.12 ? 203 HOH B O   1 
HETATM 691 O O   . HOH F 3 .  ? -0.690  -1.129  11.543  1.00 24.87 ? 204 HOH B O   1 
HETATM 692 O O   . HOH F 3 .  ? 4.353   -12.475 0.311   1.00 10.34 ? 205 HOH B O   1 
HETATM 693 O O   . HOH F 3 .  ? -2.871  8.031   4.116   1.00 20.66 ? 206 HOH B O   1 
HETATM 694 O O   . HOH F 3 .  ? 3.586   8.440   -9.870  1.00 21.50 ? 207 HOH B O   1 
HETATM 695 O O   . HOH F 3 .  ? -0.821  -12.687 4.065   1.00 37.58 ? 208 HOH B O   1 
HETATM 696 O O   . HOH F 3 .  ? 5.565   1.230   12.057  1.00 22.13 ? 209 HOH B O   1 
HETATM 697 O O   . HOH F 3 .  ? -8.631  -1.264  12.328  1.00 45.84 ? 210 HOH B O   1 
HETATM 698 O O   . HOH F 3 .  ? -3.125  -2.431  10.740  1.00 29.28 ? 211 HOH B O   1 
HETATM 699 O O   . HOH F 3 .  ? -3.791  -6.607  9.623   1.00 20.06 ? 212 HOH B O   1 
HETATM 700 O O   . HOH F 3 .  ? -7.748  5.822   -0.317  1.00 22.31 ? 213 HOH B O   1 
HETATM 701 O O   . HOH F 3 .  ? -2.241  7.683   11.199  1.00 75.13 ? 214 HOH B O   1 
HETATM 702 O O   . HOH F 3 .  ? -6.367  10.173  11.625  1.00 35.90 ? 215 HOH B O   1 
HETATM 703 O O   . HOH F 3 .  ? -9.785  9.024   12.092  1.00 40.17 ? 216 HOH B O   1 
HETATM 704 O O   . HOH F 3 .  ? 1.886   3.244   -13.029 1.00 31.73 ? 217 HOH B O   1 
HETATM 705 O O   . HOH F 3 .  ? 13.591  -17.840 -6.850  1.00 41.32 ? 218 HOH B O   1 
HETATM 706 O O   . HOH F 3 .  ? 5.793   -14.553 -1.204  1.00 23.44 ? 219 HOH B O   1 
# 
loop_
_atom_site_anisotrop.id 
_atom_site_anisotrop.type_symbol 
_atom_site_anisotrop.pdbx_label_atom_id 
_atom_site_anisotrop.pdbx_label_alt_id 
_atom_site_anisotrop.pdbx_label_comp_id 
_atom_site_anisotrop.pdbx_label_asym_id 
_atom_site_anisotrop.pdbx_label_seq_id 
_atom_site_anisotrop.pdbx_PDB_ins_code 
_atom_site_anisotrop.U[1][1] 
_atom_site_anisotrop.U[2][2] 
_atom_site_anisotrop.U[3][3] 
_atom_site_anisotrop.U[1][2] 
_atom_site_anisotrop.U[1][3] 
_atom_site_anisotrop.U[2][3] 
_atom_site_anisotrop.pdbx_auth_seq_id 
_atom_site_anisotrop.pdbx_auth_comp_id 
_atom_site_anisotrop.pdbx_auth_asym_id 
_atom_site_anisotrop.pdbx_auth_atom_id 
1   N N   . PRO A 27 ? 0.3142 0.2745 0.4248 0.0214  -0.0939 -0.0118 24  PRO A N   
2   C CA  . PRO A 27 ? 0.3008 0.2432 0.3938 0.0090  -0.1004 -0.0269 24  PRO A CA  
3   C C   . PRO A 27 ? 0.2781 0.2365 0.3556 0.0010  -0.0965 -0.0360 24  PRO A C   
4   O O   . PRO A 27 ? 0.2830 0.2584 0.3413 -0.0084 -0.1237 -0.0512 24  PRO A O   
5   C CB  . PRO A 27 ? 0.3194 0.2584 0.4190 0.0183  -0.0829 -0.0258 24  PRO A CB  
6   C CG  . PRO A 27 ? 0.3320 0.3016 0.4313 0.0304  -0.0919 -0.0036 24  PRO A CG  
7   C CD  . PRO A 27 ? 0.3482 0.2920 0.4271 0.0101  -0.0803 -0.0060 24  PRO A CD  
8   N N   . ILE A 28 ? 0.2385 0.2236 0.2971 -0.0031 -0.0821 -0.0385 25  ILE A N   
9   C CA  . ILE A 28 ? 0.2120 0.1900 0.2654 0.0136  -0.0720 -0.0279 25  ILE A CA  
10  C C   . ILE A 28 ? 0.2173 0.2063 0.2544 0.0066  -0.0685 -0.0192 25  ILE A C   
11  O O   . ILE A 28 ? 0.2355 0.2467 0.2818 -0.0163 -0.0775 -0.0262 25  ILE A O   
12  C CB  . ILE A 28 ? 0.2187 0.1945 0.2353 0.0243  -0.0763 -0.0486 25  ILE A CB  
13  C CG1 . ILE A 28 ? 0.2022 0.1866 0.2909 0.0586  -0.0618 -0.0225 25  ILE A CG1 
14  C CG2 . ILE A 28 ? 0.1765 0.1879 0.2822 -0.0156 -0.0504 -0.0353 25  ILE A CG2 
15  C CD1 . ILE A 28 ? 0.1771 0.2469 0.2771 0.0656  -0.0704 0.0051  25  ILE A CD1 
16  N N   . ARG A 29 ? 0.1966 0.1996 0.2415 0.0228  -0.0747 -0.0268 26  ARG A N   
17  C CA  . ARG A 29 ? 0.2245 0.2000 0.2401 0.0267  -0.0517 -0.0089 26  ARG A CA  
18  C C   . ARG A 29 ? 0.2021 0.2086 0.2225 0.0302  -0.0494 -0.0228 26  ARG A C   
19  O O   . ARG A 29 ? 0.2214 0.1954 0.2148 0.0509  -0.0533 -0.0327 26  ARG A O   
20  C CB  . ARG A 29 ? 0.2590 0.2042 0.2486 0.0436  -0.0592 -0.0192 26  ARG A CB  
21  C CG  . ARG A 29 ? 0.2213 0.2246 0.3283 0.0132  -0.0534 0.0014  26  ARG A CG  
22  C CD  . ARG A 29 ? 0.3271 0.3346 0.3707 0.0413  -0.0205 -0.0625 26  ARG A CD  
23  N NE  . ARG A 29 ? 0.2791 0.3154 0.3998 0.0342  -0.0343 -0.0580 26  ARG A NE  
24  C CZ  . ARG A 29 ? 0.2177 0.2181 0.2731 0.0136  -0.0377 -0.0626 26  ARG A CZ  
25  N NH1 . ARG A 29 ? 0.2224 0.1472 0.2227 -0.0421 0.0071  -0.0307 26  ARG A NH1 
26  N NH2 . ARG A 29 ? 0.1460 0.1696 0.2268 0.0080  -0.0578 -0.0627 26  ARG A NH2 
27  N N   . ARG A 30 ? 0.1962 0.1819 0.2323 0.0186  -0.0404 -0.0008 27  ARG A N   
28  C CA  . ARG A 30 ? 0.2017 0.1804 0.2383 0.0116  -0.0378 0.0036  27  ARG A CA  
29  C C   . ARG A 30 ? 0.1629 0.1575 0.2306 0.0179  -0.0406 0.0088  27  ARG A C   
30  O O   . ARG A 30 ? 0.1664 0.1894 0.2460 0.0148  -0.0470 -0.0179 27  ARG A O   
31  C CB  . ARG A 30 ? 0.1950 0.1723 0.2780 0.0263  -0.0273 0.0143  27  ARG A CB  
32  C CG  . ARG A 30 ? 0.3011 0.1831 0.3382 0.0029  -0.0108 0.0461  27  ARG A CG  
33  C CD  . ARG A 30 ? 0.3815 0.3022 0.4951 -0.0643 -0.0247 0.0278  27  ARG A CD  
34  N NE  . ARG A 30 ? 0.5245 0.4510 0.5509 -0.0571 -0.0375 -0.0267 27  ARG A NE  
35  C CZ  . ARG A 30 ? 0.5391 0.4721 0.5997 -0.0736 -0.0346 -0.0540 27  ARG A CZ  
36  N NH1 . ARG A 30 ? 0.5738 0.4389 0.5916 -0.0709 -0.0165 -0.0443 27  ARG A NH1 
37  N NH2 . ARG A 30 ? 0.5926 0.5950 0.6096 -0.0491 -0.0559 -0.0595 27  ARG A NH2 
38  N N   . ILE A 31 ? 0.1471 0.1353 0.2023 0.0011  -0.0416 0.0015  28  ILE A N   
39  C CA  . ILE A 31 ? 0.1308 0.1572 0.1830 0.0165  -0.0432 -0.0055 28  ILE A CA  
40  C C   . ILE A 31 ? 0.1331 0.1368 0.1742 0.0157  -0.0325 0.0119  28  ILE A C   
41  O O   . ILE A 31 ? 0.1485 0.1174 0.2154 -0.0011 -0.0417 0.0133  28  ILE A O   
42  C CB  . ILE A 31 ? 0.1604 0.1331 0.1863 0.0055  -0.0445 -0.0036 28  ILE A CB  
43  C CG1 . ILE A 31 ? 0.1655 0.1749 0.2066 -0.0222 -0.0473 0.0307  28  ILE A CG1 
44  C CG2 . ILE A 31 ? 0.2072 0.1673 0.1592 0.0144  -0.0488 -0.0484 28  ILE A CG2 
45  C CD1 . ILE A 31 ? 0.1400 0.2472 0.2448 -0.0417 -0.0110 0.0399  28  ILE A CD1 
46  N N   . SER A 32 ? 0.1411 0.1408 0.1675 0.0116  -0.0398 -0.0006 29  SER A N   
47  C CA  A SER A 32 ? 0.1383 0.1197 0.1679 0.0099  -0.0225 0.0161  29  SER A CA  
48  C CA  B SER A 32 ? 0.1272 0.1165 0.1558 0.0091  -0.0217 0.0109  29  SER A CA  
49  C C   . SER A 32 ? 0.1298 0.1087 0.1487 0.0074  -0.0273 0.0228  29  SER A C   
50  O O   . SER A 32 ? 0.1235 0.0751 0.1586 0.0025  -0.0096 0.0136  29  SER A O   
51  C CB  A SER A 32 ? 0.1606 0.1271 0.1735 0.0209  -0.0164 -0.0104 29  SER A CB  
52  C CB  B SER A 32 ? 0.1434 0.1077 0.1592 0.0129  -0.0160 -0.0215 29  SER A CB  
53  O OG  A SER A 32 ? 0.1880 0.1440 0.2546 0.0012  -0.0057 0.0063  29  SER A OG  
54  O OG  B SER A 32 ? 0.1038 0.1455 0.1582 0.0044  -0.0064 -0.0267 29  SER A OG  
55  N N   . SER A 33 ? 0.1183 0.0903 0.1546 0.0073  -0.0188 0.0288  30  SER A N   
56  C CA  . SER A 33 ? 0.1257 0.1284 0.1643 -0.0087 -0.0256 0.0430  30  SER A CA  
57  C C   . SER A 33 ? 0.1073 0.1208 0.1388 -0.0032 0.0025  0.0448  30  SER A C   
58  O O   . SER A 33 ? 0.1403 0.0934 0.1408 -0.0221 -0.0083 0.0223  30  SER A O   
59  C CB  . SER A 33 ? 0.1149 0.1141 0.1882 -0.0209 -0.0201 0.0587  30  SER A CB  
60  O OG  . SER A 33 ? 0.1737 0.1615 0.2001 -0.0315 0.0000  0.0929  30  SER A OG  
61  N N   . GLN A 34 ? 0.1310 0.1569 0.1764 0.0284  -0.0036 0.0283  31  GLN A N   
62  C CA  . GLN A 34 ? 0.1485 0.1616 0.1685 0.0397  0.0230  0.0641  31  GLN A CA  
63  C C   . GLN A 34 ? 0.1743 0.1604 0.1560 0.0116  0.0142  0.0444  31  GLN A C   
64  O O   . GLN A 34 ? 0.2415 0.1594 0.1312 0.0081  0.0183  0.0264  31  GLN A O   
65  C CB  . GLN A 34 ? 0.1766 0.1742 0.1894 0.0489  0.0560  0.0530  31  GLN A CB  
66  C CG  . GLN A 34 ? 0.2274 0.3466 0.2132 0.0569  0.0033  0.1269  31  GLN A CG  
67  C CD  . GLN A 34 ? 0.3373 0.5383 0.3026 0.0715  0.0348  0.1481  31  GLN A CD  
68  O OE1 . GLN A 34 ? 0.3985 0.6613 0.4145 0.0472  -0.0114 0.1504  31  GLN A OE1 
69  N NE2 . GLN A 34 ? 0.4649 0.6097 0.3443 0.0596  -0.0156 0.1842  31  GLN A NE2 
70  N N   . THR A 35 ? 0.1307 0.1254 0.1365 0.0099  0.0042  0.0491  32  THR A N   
71  C CA  . THR A 35 ? 0.1134 0.1249 0.1285 0.0137  -0.0169 0.0402  32  THR A CA  
72  C C   . THR A 35 ? 0.1009 0.1199 0.1024 0.0138  -0.0107 0.0340  32  THR A C   
73  O O   . THR A 35 ? 0.1125 0.1303 0.1174 0.0102  -0.0027 0.0448  32  THR A O   
74  C CB  . THR A 35 ? 0.1131 0.0969 0.1358 0.0169  -0.0179 0.0286  32  THR A CB  
75  O OG1 . THR A 35 ? 0.1173 0.1606 0.2136 0.0160  0.0254  0.0144  32  THR A OG1 
76  C CG2 . THR A 35 ? 0.1267 0.1023 0.1831 -0.0080 -0.0437 0.0397  32  THR A CG2 
77  N N   . LEU A 36 ? 0.0966 0.0879 0.1007 -0.0046 0.0017  0.0209  33  LEU A N   
78  C CA  . LEU A 36 ? 0.1111 0.1115 0.0721 0.0053  0.0140  0.0143  33  LEU A CA  
79  C C   . LEU A 36 ? 0.0986 0.0908 0.0806 -0.0162 0.0140  0.0242  33  LEU A C   
80  O O   . LEU A 36 ? 0.0979 0.1637 0.1095 -0.0295 0.0056  0.0172  33  LEU A O   
81  C CB  . LEU A 36 ? 0.1566 0.0920 0.0777 0.0152  0.0094  0.0011  33  LEU A CB  
82  C CG  . LEU A 36 ? 0.1492 0.0793 0.0802 0.0123  0.0208  -0.0245 33  LEU A CG  
83  C CD1 . LEU A 36 ? 0.2418 0.0815 0.1025 0.0518  0.0172  -0.0204 33  LEU A CD1 
84  C CD2 . LEU A 36 ? 0.1824 0.1707 0.0773 0.0210  0.0016  0.0223  33  LEU A CD2 
85  N N   . LEU A 37 ? 0.1078 0.1352 0.0865 0.0078  0.0023  0.0079  34  LEU A N   
86  C CA  . LEU A 37 ? 0.1226 0.1299 0.0990 0.0115  0.0016  0.0110  34  LEU A CA  
87  C C   . LEU A 37 ? 0.1599 0.1802 0.1375 0.0045  0.0026  -0.0101 34  LEU A C   
88  O O   . LEU A 37 ? 0.1988 0.1386 0.1822 -0.0064 -0.0045 -0.0315 34  LEU A O   
89  C CB  . LEU A 37 ? 0.1314 0.1216 0.1196 0.0210  -0.0062 0.0216  34  LEU A CB  
90  C CG  . LEU A 37 ? 0.0939 0.1570 0.1118 0.0187  0.0329  0.0388  34  LEU A CG  
91  C CD1 . LEU A 37 ? 0.1219 0.1414 0.1897 -0.0401 0.0094  0.1134  34  LEU A CD1 
92  C CD2 . LEU A 37 ? 0.0837 0.1921 0.1370 0.0205  0.0313  0.0541  34  LEU A CD2 
93  N N   . GLY A 38 ? 0.1456 0.2090 0.1302 0.0463  0.0363  -0.0277 35  GLY A N   
94  C CA  . GLY A 38 ? 0.1757 0.2154 0.1452 0.0221  0.0406  -0.0272 35  GLY A CA  
95  C C   . GLY A 38 ? 0.1750 0.2277 0.1511 0.0306  0.0503  -0.0090 35  GLY A C   
96  O O   . GLY A 38 ? 0.1876 0.2561 0.1544 0.0390  0.0684  -0.0101 35  GLY A O   
97  N N   . PRO A 39 ? 0.2222 0.2379 0.1718 0.0384  0.0351  -0.0105 36  PRO A N   
98  C CA  . PRO A 39 ? 0.2377 0.2530 0.1719 0.0412  0.0404  -0.0251 36  PRO A CA  
99  C C   . PRO A 39 ? 0.2313 0.2359 0.1657 0.0235  0.0260  0.0094  36  PRO A C   
100 O O   . PRO A 39 ? 0.2775 0.2974 0.1798 0.0106  0.0462  -0.0101 36  PRO A O   
101 C CB  . PRO A 39 ? 0.2559 0.2459 0.2029 0.0683  0.0353  -0.0101 36  PRO A CB  
102 C CG  . PRO A 39 ? 0.2763 0.2718 0.1622 0.0642  0.0235  -0.0392 36  PRO A CG  
103 C CD  . PRO A 39 ? 0.2344 0.2179 0.1719 0.0591  0.0476  -0.0505 36  PRO A CD  
104 N N   . ASP A 40 ? 0.1967 0.2278 0.1475 0.0247  0.0551  -0.0013 37  ASP A N   
105 C CA  . ASP A 40 ? 0.2109 0.1918 0.1506 0.0189  0.0160  0.0082  37  ASP A CA  
106 C C   . ASP A 40 ? 0.1940 0.1875 0.1112 0.0102  0.0257  0.0074  37  ASP A C   
107 O O   . ASP A 40 ? 0.2113 0.1673 0.1315 -0.0031 0.0029  0.0000  37  ASP A O   
108 C CB  . ASP A 40 ? 0.2202 0.2065 0.1578 0.0157  0.0408  -0.0050 37  ASP A CB  
109 C CG  . ASP A 40 ? 0.2785 0.1821 0.1757 0.0107  0.0118  -0.0055 37  ASP A CG  
110 O OD1 . ASP A 40 ? 0.2698 0.1792 0.1534 -0.0039 0.0092  -0.0154 37  ASP A OD1 
111 O OD2 . ASP A 40 ? 0.2860 0.1853 0.2687 -0.0212 -0.0023 -0.0797 37  ASP A OD2 
112 N N   . GLY A 41 ? 0.1671 0.1671 0.0974 -0.0079 0.0354  0.0346  38  GLY A N   
113 C CA  . GLY A 41 ? 0.1274 0.1636 0.0678 0.0121  0.0275  0.0186  38  GLY A CA  
114 C C   . GLY A 41 ? 0.1295 0.1356 0.0474 0.0090  0.0022  0.0053  38  GLY A C   
115 O O   . GLY A 41 ? 0.1436 0.1295 0.0617 0.0135  0.0078  -0.0084 38  GLY A O   
116 N N   . LYS A 42 ? 0.1035 0.1127 0.0484 -0.0020 0.0179  0.0160  39  LYS A N   
117 C CA  . LYS A 42 ? 0.1084 0.1109 0.0309 -0.0036 0.0145  0.0155  39  LYS A CA  
118 C C   . LYS A 42 ? 0.0940 0.1100 0.0680 0.0120  0.0200  0.0163  39  LYS A C   
119 O O   . LYS A 42 ? 0.1294 0.1333 0.0908 0.0449  0.0231  0.0058  39  LYS A O   
120 C CB  . LYS A 42 ? 0.1127 0.1368 0.0379 -0.0004 0.0094  0.0154  39  LYS A CB  
121 C CG  . LYS A 42 ? 0.1510 0.1608 0.0706 0.0027  -0.0468 0.0131  39  LYS A CG  
122 C CD  . LYS A 42 ? 0.1371 0.1533 0.1245 0.0015  -0.0331 -0.0347 39  LYS A CD  
123 C CE  . LYS A 42 ? 0.2261 0.1320 0.1497 0.0242  -0.0526 -0.0213 39  LYS A CE  
124 N NZ  . LYS A 42 ? 0.1929 0.1695 0.1401 0.0477  -0.0272 -0.0578 39  LYS A NZ  
125 N N   . LEU A 43 ? 0.0988 0.0880 0.0708 0.0030  0.0055  0.0082  40  LEU A N   
126 C CA  . LEU A 43 ? 0.0911 0.0964 0.0726 -0.0078 -0.0044 -0.0005 40  LEU A CA  
127 C C   . LEU A 43 ? 0.0804 0.0983 0.0543 -0.0067 0.0015  0.0133  40  LEU A C   
128 O O   . LEU A 43 ? 0.0933 0.0813 0.1012 -0.0015 0.0082  0.0357  40  LEU A O   
129 C CB  . LEU A 43 ? 0.1022 0.1113 0.0864 -0.0226 -0.0252 -0.0143 40  LEU A CB  
130 C CG  . LEU A 43 ? 0.0875 0.1015 0.0701 0.0166  -0.0117 -0.0139 40  LEU A CG  
131 C CD1 . LEU A 43 ? 0.0872 0.0649 0.1145 -0.0094 0.0255  -0.0354 40  LEU A CD1 
132 C CD2 . LEU A 43 ? 0.1249 0.1437 0.0774 -0.0379 -0.0160 -0.0466 40  LEU A CD2 
133 N N   . ILE A 44 ? 0.0473 0.1125 0.0783 -0.0389 -0.0019 0.0254  41  ILE A N   
134 C CA  . ILE A 44 ? 0.0911 0.1024 0.0750 -0.0225 -0.0029 0.0016  41  ILE A CA  
135 C C   . ILE A 44 ? 0.0716 0.1045 0.0760 -0.0114 0.0064  0.0290  41  ILE A C   
136 O O   . ILE A 44 ? 0.0833 0.1221 0.0820 0.0052  -0.0117 0.0232  41  ILE A O   
137 C CB  . ILE A 44 ? 0.1094 0.0913 0.0941 -0.0626 -0.0027 0.0264  41  ILE A CB  
138 C CG1 . ILE A 44 ? 0.0979 0.0993 0.1471 -0.0264 -0.0391 0.0043  41  ILE A CG1 
139 C CG2 . ILE A 44 ? 0.1081 0.0990 0.1441 -0.0294 -0.0149 0.0322  41  ILE A CG2 
140 C CD1 . ILE A 44 ? 0.1245 0.1054 0.1817 -0.0508 -0.0193 0.0186  41  ILE A CD1 
141 N N   . ILE A 45 ? 0.1030 0.0987 0.0896 -0.0102 0.0150  -0.0002 42  ILE A N   
142 C CA  . ILE A 45 ? 0.0791 0.0964 0.0847 -0.0144 0.0182  0.0071  42  ILE A CA  
143 C C   . ILE A 45 ? 0.0951 0.1410 0.1032 -0.0048 0.0243  0.0082  42  ILE A C   
144 O O   . ILE A 45 ? 0.1085 0.1367 0.1056 0.0174  0.0319  0.0132  42  ILE A O   
145 C CB  . ILE A 45 ? 0.0800 0.1007 0.1007 -0.0168 0.0053  -0.0093 42  ILE A CB  
146 C CG1 . ILE A 45 ? 0.0936 0.0746 0.1411 -0.0140 0.0280  0.0048  42  ILE A CG1 
147 C CG2 . ILE A 45 ? 0.1390 0.1496 0.0727 0.0171  0.0008  -0.0378 42  ILE A CG2 
148 C CD1 . ILE A 45 ? 0.1651 0.0709 0.1296 -0.0054 -0.0073 0.0003  42  ILE A CD1 
149 N N   . ASP A 46 ? 0.1068 0.1489 0.0906 -0.0110 0.0348  0.0176  43  ASP A N   
150 C CA  . ASP A 46 ? 0.1006 0.1532 0.0923 -0.0238 0.0372  0.0223  43  ASP A CA  
151 C C   . ASP A 46 ? 0.1122 0.1929 0.0863 -0.0144 0.0339  0.0203  43  ASP A C   
152 O O   . ASP A 46 ? 0.1254 0.2175 0.0871 -0.0109 0.0156  -0.0038 43  ASP A O   
153 C CB  . ASP A 46 ? 0.1577 0.1466 0.1006 -0.0136 0.0416  0.0289  43  ASP A CB  
154 C CG  . ASP A 46 ? 0.1909 0.2318 0.1842 -0.0266 -0.0057 0.0156  43  ASP A CG  
155 O OD1 . ASP A 46 ? 0.2285 0.3008 0.2458 0.0146  -0.0350 -0.0751 43  ASP A OD1 
156 O OD2 . ASP A 46 ? 0.2050 0.2631 0.2591 -0.0198 0.0118  0.0585  43  ASP A OD2 
157 N N   . HIS A 47 ? 0.1168 0.1807 0.1042 0.0053  0.0185  0.0053  44  HIS A N   
158 C CA  . HIS A 47 ? 0.1233 0.2053 0.1357 -0.0053 0.0388  -0.0073 44  HIS A CA  
159 C C   . HIS A 47 ? 0.1643 0.2323 0.1919 -0.0123 0.0506  -0.0092 44  HIS A C   
160 O O   . HIS A 47 ? 0.1611 0.2221 0.2186 -0.0203 0.0467  0.0078  44  HIS A O   
161 C CB  . HIS A 47 ? 0.1290 0.1652 0.1342 -0.0012 0.0020  -0.0251 44  HIS A CB  
162 C CG  . HIS A 47 ? 0.1660 0.2227 0.1542 0.0395  -0.0014 -0.0425 44  HIS A CG  
163 N ND1 . HIS A 47 ? 0.1972 0.2948 0.2022 0.0510  -0.0180 -0.0903 44  HIS A ND1 
164 C CD2 . HIS A 47 ? 0.1933 0.2132 0.1639 0.0596  0.0206  -0.0601 44  HIS A CD2 
165 C CE1 . HIS A 47 ? 0.2426 0.2782 0.2187 0.0365  0.0301  -0.0786 44  HIS A CE1 
166 N NE2 . HIS A 47 ? 0.1961 0.2396 0.1880 0.0154  0.0540  -0.0819 44  HIS A NE2 
167 N N   . ASP A 48 ? 0.2267 0.2800 0.2300 -0.0256 0.0679  -0.0048 45  ASP A N   
168 C CA  . ASP A 48 ? 0.2791 0.3320 0.2832 -0.0124 0.0825  -0.0066 45  ASP A CA  
169 C C   . ASP A 48 ? 0.2808 0.3474 0.2807 -0.0254 0.0778  0.0108  45  ASP A C   
170 O O   . ASP A 48 ? 0.2840 0.3731 0.2948 -0.0196 0.0916  0.0150  45  ASP A O   
171 C CB  . ASP A 48 ? 0.2836 0.3293 0.2928 0.0092  0.0978  -0.0201 45  ASP A CB  
172 C CG  . ASP A 48 ? 0.3737 0.3892 0.3414 0.0220  0.1187  -0.0221 45  ASP A CG  
173 O OD1 . ASP A 48 ? 0.4677 0.4097 0.3757 -0.0047 0.1749  -0.0335 45  ASP A OD1 
174 O OD2 . ASP A 48 ? 0.4138 0.4521 0.3816 0.0853  0.1291  -0.0524 45  ASP A OD2 
175 N N   . GLY A 49 ? 0.2866 0.3435 0.2767 -0.0337 0.0678  0.0155  46  GLY A N   
176 C CA  . GLY A 49 ? 0.2700 0.3454 0.2617 -0.0559 0.0576  0.0267  46  GLY A CA  
177 C C   . GLY A 49 ? 0.2410 0.3375 0.2838 -0.0486 0.0393  0.0340  46  GLY A C   
178 O O   . GLY A 49 ? 0.2673 0.3655 0.2931 -0.0643 0.0349  0.0198  46  GLY A O   
179 N N   . GLN A 50 ? 0.1847 0.3149 0.2562 -0.0420 0.0495  0.0398  47  GLN A N   
180 C CA  . GLN A 50 ? 0.1776 0.2868 0.2673 -0.0259 0.0418  0.0480  47  GLN A CA  
181 C C   . GLN A 50 ? 0.1271 0.2344 0.2115 -0.0304 0.0330  0.0547  47  GLN A C   
182 O O   . GLN A 50 ? 0.1059 0.2504 0.2048 -0.0083 0.0085  0.0809  47  GLN A O   
183 C CB  . GLN A 50 ? 0.1605 0.3246 0.3026 -0.0226 0.0602  0.0327  47  GLN A CB  
184 C CG  . GLN A 50 ? 0.2747 0.3420 0.3982 -0.0036 0.0755  0.0253  47  GLN A CG  
185 C CD  . GLN A 50 ? 0.3591 0.4231 0.5431 -0.0106 0.1123  0.0015  47  GLN A CD  
186 O OE1 . GLN A 50 ? 0.4485 0.4504 0.5269 -0.0753 0.0735  0.0241  47  GLN A OE1 
187 N NE2 . GLN A 50 ? 0.4310 0.3779 0.5962 0.0201  0.1173  -0.0264 47  GLN A NE2 
188 N N   . GLU A 51 ? 0.1256 0.1880 0.1932 -0.0185 -0.0022 0.0759  48  GLU A N   
189 C CA  . GLU A 51 ? 0.1135 0.1711 0.1456 -0.0116 -0.0076 0.0507  48  GLU A CA  
190 C C   . GLU A 51 ? 0.0946 0.1537 0.1368 -0.0196 -0.0213 0.0415  48  GLU A C   
191 O O   . GLU A 51 ? 0.1113 0.1891 0.1921 -0.0152 -0.0330 0.0518  48  GLU A O   
192 C CB  . GLU A 51 ? 0.1449 0.1349 0.1713 -0.0184 -0.0293 0.0573  48  GLU A CB  
193 C CG  . GLU A 51 ? 0.1829 0.1735 0.2177 -0.0178 -0.0325 0.0501  48  GLU A CG  
194 C CD  . GLU A 51 ? 0.2441 0.2098 0.1853 -0.0127 -0.0182 0.0565  48  GLU A CD  
195 O OE1 . GLU A 51 ? 0.2591 0.1652 0.1563 -0.0358 -0.0514 -0.0128 48  GLU A OE1 
196 O OE2 . GLU A 51 ? 0.2043 0.2303 0.2833 0.0063  -0.0761 0.0061  48  GLU A OE2 
197 N N   . TYR A 52 ? 0.1092 0.1100 0.1057 -0.0304 0.0025  0.0389  49  TYR A N   
198 C CA  . TYR A 52 ? 0.0865 0.1299 0.0837 0.0028  0.0151  0.0322  49  TYR A CA  
199 C C   . TYR A 52 ? 0.0885 0.1112 0.0954 -0.0076 0.0137  0.0100  49  TYR A C   
200 O O   . TYR A 52 ? 0.0884 0.1751 0.0880 0.0258  0.0219  0.0397  49  TYR A O   
201 C CB  . TYR A 52 ? 0.1023 0.1380 0.0769 -0.0166 0.0311  0.0218  49  TYR A CB  
202 C CG  . TYR A 52 ? 0.1285 0.1578 0.0830 0.0165  0.0386  0.0160  49  TYR A CG  
203 C CD1 . TYR A 52 ? 0.1221 0.2081 0.0728 -0.0057 0.0598  0.0335  49  TYR A CD1 
204 C CD2 . TYR A 52 ? 0.1521 0.2136 0.1147 0.0352  0.0279  0.0016  49  TYR A CD2 
205 C CE1 . TYR A 52 ? 0.1538 0.2653 0.0969 0.0744  0.0421  -0.0123 49  TYR A CE1 
206 C CE2 . TYR A 52 ? 0.1901 0.2674 0.1050 0.0719  0.0546  -0.0236 49  TYR A CE2 
207 C CZ  . TYR A 52 ? 0.1681 0.2865 0.0957 0.0742  0.0463  -0.0238 49  TYR A CZ  
208 O OH  . TYR A 52 ? 0.2679 0.4530 0.1890 0.1369  0.0724  -0.0729 49  TYR A OH  
209 N N   . LEU A 53 ? 0.0746 0.0620 0.1053 -0.0086 -0.0054 0.0083  50  LEU A N   
210 C CA  . LEU A 53 ? 0.0825 0.0563 0.0810 -0.0375 -0.0047 0.0006  50  LEU A CA  
211 C C   . LEU A 53 ? 0.0739 0.0423 0.0892 -0.0188 -0.0108 0.0285  50  LEU A C   
212 O O   . LEU A 53 ? 0.0947 0.0870 0.0896 0.0038  -0.0169 -0.0005 50  LEU A O   
213 C CB  . LEU A 53 ? 0.1102 0.0759 0.0760 -0.0274 -0.0026 -0.0008 50  LEU A CB  
214 C CG  . LEU A 53 ? 0.1386 0.1031 0.0708 -0.0059 -0.0011 -0.0285 50  LEU A CG  
215 C CD1 . LEU A 53 ? 0.1842 0.0742 0.0860 0.0128  0.0291  0.0061  50  LEU A CD1 
216 C CD2 . LEU A 53 ? 0.1039 0.1587 0.0669 -0.0486 0.0015  -0.0191 50  LEU A CD2 
217 N N   . LEU A 54 ? 0.0880 0.0902 0.0942 -0.0427 -0.0041 0.0160  51  LEU A N   
218 C CA  . LEU A 54 ? 0.0779 0.0669 0.0737 -0.0176 -0.0034 0.0266  51  LEU A CA  
219 C C   . LEU A 54 ? 0.0855 0.0827 0.0793 -0.0044 0.0064  0.0128  51  LEU A C   
220 O O   . LEU A 54 ? 0.0918 0.1056 0.0776 0.0113  0.0176  0.0122  51  LEU A O   
221 C CB  . LEU A 54 ? 0.0877 0.0416 0.0849 -0.0302 -0.0124 0.0076  51  LEU A CB  
222 C CG  . LEU A 54 ? 0.0557 0.0712 0.1475 -0.0361 -0.0128 0.0340  51  LEU A CG  
223 C CD1 . LEU A 54 ? 0.1047 0.1421 0.1810 -0.0078 0.0026  0.0099  51  LEU A CD1 
224 C CD2 . LEU A 54 ? 0.0867 0.2048 0.1271 -0.0226 -0.0269 0.0610  51  LEU A CD2 
225 N N   . ARG A 55 ? 0.0803 0.0513 0.0888 -0.0047 0.0111  0.0108  52  ARG A N   
226 C CA  . ARG A 55 ? 0.0911 0.0659 0.0784 -0.0046 -0.0053 0.0335  52  ARG A CA  
227 C C   . ARG A 55 ? 0.0916 0.0994 0.1111 -0.0030 -0.0022 0.0270  52  ARG A C   
228 O O   . ARG A 55 ? 0.0832 0.0931 0.0989 -0.0147 0.0009  0.0183  52  ARG A O   
229 C CB  . ARG A 55 ? 0.1081 0.0634 0.0867 -0.0037 -0.0346 0.0437  52  ARG A CB  
230 C CG  . ARG A 55 ? 0.0961 0.0620 0.0950 -0.0300 -0.0600 0.0467  52  ARG A CG  
231 C CD  . ARG A 55 ? 0.0911 0.1278 0.1089 -0.0262 -0.0735 0.0178  52  ARG A CD  
232 N NE  . ARG A 55 ? 0.0727 0.1156 0.1242 0.0012  -0.0425 0.0095  52  ARG A NE  
233 C CZ  . ARG A 55 ? 0.1207 0.0415 0.0868 0.0042  -0.0145 0.0301  52  ARG A CZ  
234 N NH1 . ARG A 55 ? 0.0819 0.1220 0.0930 -0.0107 0.0120  0.0044  52  ARG A NH1 
235 N NH2 . ARG A 55 ? 0.1088 0.0914 0.1057 0.0008  0.0066  0.0517  52  ARG A NH2 
236 N N   . LYS A 56 ? 0.0756 0.1023 0.0789 -0.0069 -0.0090 0.0109  53  LYS A N   
237 C CA  . LYS A 56 ? 0.0953 0.1052 0.1210 -0.0077 -0.0009 0.0180  53  LYS A CA  
238 C C   . LYS A 56 ? 0.0932 0.1046 0.0963 -0.0137 0.0006  0.0084  53  LYS A C   
239 O O   . LYS A 56 ? 0.1394 0.1456 0.0979 -0.0224 -0.0271 0.0093  53  LYS A O   
240 C CB  . LYS A 56 ? 0.1015 0.1252 0.1763 -0.0123 -0.0081 -0.0185 53  LYS A CB  
241 C CG  . LYS A 56 ? 0.1319 0.1367 0.2290 0.0280  0.0293  -0.0094 53  LYS A CG  
242 C CD  . LYS A 56 ? 0.1602 0.2206 0.2368 0.0595  0.0671  -0.0001 53  LYS A CD  
243 C CE  . LYS A 56 ? 0.2457 0.2718 0.3702 0.0823  0.0616  -0.0408 53  LYS A CE  
244 N NZ  . LYS A 56 ? 0.2914 0.3557 0.3819 0.1165  0.0449  0.0846  53  LYS A NZ  
245 N N   . THR A 57 ? 0.1057 0.1101 0.1133 -0.0161 -0.0087 0.0096  54  THR A N   
246 C CA  . THR A 57 ? 0.1039 0.1267 0.1311 -0.0072 -0.0081 0.0120  54  THR A CA  
247 C C   . THR A 57 ? 0.0994 0.1440 0.1376 -0.0110 -0.0032 0.0257  54  THR A C   
248 O O   . THR A 57 ? 0.1191 0.1339 0.1521 -0.0300 0.0119  0.0359  54  THR A O   
249 C CB  . THR A 57 ? 0.0715 0.1292 0.1561 -0.0173 0.0024  0.0007  54  THR A CB  
250 O OG1 . THR A 57 ? 0.1098 0.1650 0.1490 -0.0383 -0.0198 0.0240  54  THR A OG1 
251 C CG2 . THR A 57 ? 0.1307 0.1840 0.1398 -0.0094 -0.0165 -0.0041 54  THR A CG2 
252 N N   . GLN A 58 ? 0.1348 0.1612 0.1305 -0.0292 0.0038  0.0157  55  GLN A N   
253 C CA  . GLN A 58 ? 0.1452 0.1949 0.1243 -0.0242 0.0025  0.0246  55  GLN A CA  
254 C C   . GLN A 58 ? 0.1360 0.2060 0.1251 -0.0263 0.0035  0.0284  55  GLN A C   
255 O O   . GLN A 58 ? 0.2001 0.2607 0.1482 -0.0133 0.0395  0.0147  55  GLN A O   
256 C CB  . GLN A 58 ? 0.1734 0.1928 0.1441 -0.0561 -0.0107 0.0301  55  GLN A CB  
257 C CG  . GLN A 58 ? 0.2571 0.2567 0.1993 -0.0914 -0.0306 -0.0324 55  GLN A CG  
258 C CD  . GLN A 58 ? 0.3564 0.4609 0.3280 -0.0843 -0.0673 -0.0284 55  GLN A CD  
259 O OE1 . GLN A 58 ? 0.4491 0.5015 0.4138 -0.0498 -0.0540 0.0068  55  GLN A OE1 
260 N NE2 . GLN A 58 ? 0.3848 0.5342 0.3871 -0.0698 -0.0467 -0.0957 55  GLN A NE2 
261 N N   . ALA A 59 ? 0.1196 0.1700 0.1516 -0.0010 -0.0268 0.0306  56  ALA A N   
262 C CA  . ALA A 59 ? 0.1365 0.1676 0.1340 -0.0043 -0.0054 0.0440  56  ALA A CA  
263 C C   . ALA A 59 ? 0.1419 0.1481 0.1357 -0.0062 -0.0094 0.0398  56  ALA A C   
264 O O   . ALA A 59 ? 0.1828 0.1650 0.1393 -0.0062 0.0044  0.0479  56  ALA A O   
265 C CB  . ALA A 59 ? 0.1645 0.1651 0.1729 0.0150  -0.0109 0.0452  56  ALA A CB  
266 N N   . GLY A 60 ? 0.1193 0.1780 0.0980 0.0002  -0.0082 0.0660  57  GLY A N   
267 C CA  . GLY A 60 ? 0.1294 0.1727 0.1251 -0.0214 -0.0144 0.0273  57  GLY A CA  
268 C C   . GLY A 60 ? 0.1386 0.1636 0.1307 -0.0227 -0.0169 0.0485  57  GLY A C   
269 O O   . GLY A 60 ? 0.1690 0.1887 0.1577 -0.0285 -0.0261 0.0127  57  GLY A O   
270 N N   . LYS A 61 ? 0.1490 0.1105 0.1304 -0.0155 0.0152  0.0462  58  LYS A N   
271 C CA  . LYS A 61 ? 0.1593 0.1242 0.1190 0.0054  0.0177  0.0348  58  LYS A CA  
272 C C   . LYS A 61 ? 0.1455 0.0868 0.1103 -0.0012 0.0245  0.0231  58  LYS A C   
273 O O   . LYS A 61 ? 0.1582 0.0999 0.1091 -0.0072 0.0010  0.0278  58  LYS A O   
274 C CB  . LYS A 61 ? 0.1667 0.1498 0.1458 0.0202  0.0435  0.0520  58  LYS A CB  
275 C CG  . LYS A 61 ? 0.2792 0.2413 0.1556 0.0022  0.0568  0.0869  58  LYS A CG  
276 C CD  . LYS A 61 ? 0.3777 0.3292 0.3232 0.0600  0.0615  0.0957  58  LYS A CD  
277 C CE  . LYS A 61 ? 0.4080 0.3966 0.3659 0.0838  0.0275  0.1289  58  LYS A CE  
278 N NZ  . LYS A 61 ? 0.4548 0.4840 0.4486 0.0729  -0.0074 0.1175  58  LYS A NZ  
279 N N   . LEU A 62 ? 0.1304 0.0971 0.1339 0.0069  -0.0023 0.0240  59  LEU A N   
280 C CA  . LEU A 62 ? 0.0984 0.1003 0.1292 -0.0093 -0.0107 0.0035  59  LEU A CA  
281 C C   . LEU A 62 ? 0.1143 0.1220 0.1541 0.0075  0.0074  0.0000  59  LEU A C   
282 O O   . LEU A 62 ? 0.1132 0.0884 0.1691 -0.0019 0.0348  0.0008  59  LEU A O   
283 C CB  . LEU A 62 ? 0.1205 0.1333 0.1541 -0.0066 -0.0431 0.0072  59  LEU A CB  
284 C CG  . LEU A 62 ? 0.1310 0.1440 0.2092 0.0085  -0.0490 -0.0372 59  LEU A CG  
285 C CD1 . LEU A 62 ? 0.1852 0.1026 0.2818 -0.0368 -0.1316 0.0125  59  LEU A CD1 
286 C CD2 . LEU A 62 ? 0.1848 0.1237 0.3198 0.0732  -0.0548 -0.0939 59  LEU A CD2 
287 N N   . LEU A 63 ? 0.0962 0.1225 0.1438 0.0075  0.0110  0.0192  60  LEU A N   
288 C CA  . LEU A 63 ? 0.1032 0.0992 0.1383 -0.0043 -0.0024 0.0111  60  LEU A CA  
289 C C   . LEU A 63 ? 0.1120 0.0825 0.1006 -0.0251 -0.0041 -0.0131 60  LEU A C   
290 O O   . LEU A 63 ? 0.1099 0.0420 0.1275 -0.0012 0.0247  0.0170  60  LEU A O   
291 C CB  . LEU A 63 ? 0.1454 0.1545 0.1579 -0.0027 -0.0068 -0.0297 60  LEU A CB  
292 C CG  . LEU A 63 ? 0.1623 0.1753 0.1692 0.0167  0.0085  -0.0263 60  LEU A CG  
293 C CD1 . LEU A 63 ? 0.1486 0.2418 0.2005 0.0812  0.0112  -0.0499 60  LEU A CD1 
294 C CD2 . LEU A 63 ? 0.1566 0.1665 0.1996 0.0567  -0.0665 -0.0327 60  LEU A CD2 
295 N N   . LEU A 64 ? 0.1086 0.0762 0.1027 -0.0216 0.0032  0.0097  61  LEU A N   
296 C CA  . LEU A 64 ? 0.0882 0.0874 0.0896 -0.0205 -0.0043 -0.0084 61  LEU A CA  
297 C C   . LEU A 64 ? 0.0861 0.1136 0.1098 -0.0092 -0.0104 -0.0123 61  LEU A C   
298 O O   . LEU A 64 ? 0.0759 0.1323 0.1435 -0.0159 -0.0173 -0.0253 61  LEU A O   
299 C CB  . LEU A 64 ? 0.0883 0.0908 0.0631 0.0159  0.0116  0.0020  61  LEU A CB  
300 C CG  . LEU A 64 ? 0.1164 0.1152 0.1049 -0.0299 0.0019  -0.0096 61  LEU A CG  
301 C CD1 . LEU A 64 ? 0.1306 0.1041 0.1115 -0.0009 -0.0092 -0.0172 61  LEU A CD1 
302 C CD2 . LEU A 64 ? 0.1394 0.1478 0.0779 -0.0450 0.0047  -0.0074 61  LEU A CD2 
303 N N   . THR A 65 ? 0.0623 0.0973 0.0897 -0.0125 -0.0172 -0.0292 62  THR A N   
304 C CA  . THR A 65 ? 0.0738 0.0989 0.0915 -0.0194 0.0034  -0.0058 62  THR A CA  
305 C C   . THR A 65 ? 0.0834 0.1338 0.1000 -0.0044 -0.0062 0.0180  62  THR A C   
306 O O   . THR A 65 ? 0.0923 0.1296 0.0963 0.0041  0.0081  0.0233  62  THR A O   
307 C CB  . THR A 65 ? 0.0617 0.0756 0.0758 -0.0083 0.0033  0.0190  62  THR A CB  
308 O OG1 . THR A 65 ? 0.0667 0.0799 0.0960 0.0040  -0.0052 -0.0161 62  THR A OG1 
309 C CG2 . THR A 65 ? 0.0869 0.0566 0.1108 -0.0051 -0.0278 0.0353  62  THR A CG2 
310 N N   . LYS A 66 ? 0.1130 0.1717 0.1249 0.0015  0.0184  0.0288  63  LYS A N   
311 C CA  . LYS A 66 ? 0.1412 0.2231 0.2131 -0.0045 0.0212  0.0621  63  LYS A CA  
312 C C   . LYS A 66 ? 0.1926 0.2708 0.2397 -0.0174 0.0266  0.0763  63  LYS A C   
313 O O   . LYS A 66 ? 0.2492 0.3202 0.3002 -0.0212 0.0083  0.0607  63  LYS A O   
314 C CB  . LYS A 66 ? 0.1511 0.2374 0.2257 0.0076  -0.0007 0.0535  63  LYS A CB  
315 C CG  . LYS A 66 ? 0.2049 0.2815 0.3143 0.0482  0.0488  0.0091  63  LYS A CG  
316 C CD  . LYS A 66 ? 0.1851 0.3101 0.4627 0.0639  0.1056  -0.0177 63  LYS A CD  
317 C CE  . LYS A 66 ? 0.1772 0.3472 0.5069 0.0658  0.0542  0.0022  63  LYS A CE  
318 N NZ  . LYS A 66 ? 0.2935 0.4107 0.5163 0.0802  0.0959  -0.0462 63  LYS A NZ  
319 O OXT . LYS A 66 ? 0.2157 0.2776 0.3330 -0.0144 0.0245  0.0970  63  LYS A OXT 
320 N N   . PRO B 25 ? 0.1609 0.3267 0.2848 0.0704  -0.0248 -0.0227 22  PRO B N   
321 C CA  . PRO B 25 ? 0.1565 0.2831 0.2650 0.0479  -0.0334 -0.0289 22  PRO B CA  
322 C C   . PRO B 25 ? 0.1611 0.2671 0.2494 0.0365  -0.0365 -0.0337 22  PRO B C   
323 O O   . PRO B 25 ? 0.1762 0.3175 0.2574 0.0506  -0.0266 -0.0502 22  PRO B O   
324 C CB  . PRO B 25 ? 0.1426 0.3074 0.2613 0.0423  -0.0348 -0.0315 22  PRO B CB  
325 C CG  . PRO B 25 ? 0.1299 0.3130 0.3207 0.0302  -0.0256 -0.0308 22  PRO B CG  
326 C CD  . PRO B 25 ? 0.1600 0.3035 0.2857 0.0446  -0.0084 -0.0391 22  PRO B CD  
327 N N   . GLN B 26 ? 0.1647 0.2101 0.2203 0.0260  -0.0374 -0.0353 23  GLN B N   
328 C CA  . GLN B 26 ? 0.1419 0.2023 0.2124 0.0300  -0.0386 -0.0437 23  GLN B CA  
329 C C   . GLN B 26 ? 0.1407 0.1691 0.1477 0.0235  -0.0330 -0.0381 23  GLN B C   
330 O O   . GLN B 26 ? 0.1240 0.1418 0.1350 -0.0065 -0.0338 -0.0264 23  GLN B O   
331 C CB  . GLN B 26 ? 0.1886 0.1743 0.2441 0.0346  -0.0462 -0.0506 23  GLN B CB  
332 C CG  . GLN B 26 ? 0.2465 0.2555 0.2467 0.0712  -0.0456 -0.1299 23  GLN B CG  
333 C CD  . GLN B 26 ? 0.3130 0.2722 0.2903 0.1431  -0.0036 -0.1956 23  GLN B CD  
334 O OE1 . GLN B 26 ? 0.3639 0.4527 0.4091 0.1263  0.0186  -0.1634 23  GLN B OE1 
335 N NE2 . GLN B 26 ? 0.3429 0.3488 0.3736 0.1031  -0.0849 -0.2031 23  GLN B NE2 
336 N N   . PRO B 27 ? 0.1304 0.1833 0.1229 0.0215  -0.0211 -0.0438 24  PRO B N   
337 C CA  . PRO B 27 ? 0.1369 0.1484 0.1205 0.0304  -0.0156 -0.0166 24  PRO B CA  
338 C C   . PRO B 27 ? 0.1084 0.0714 0.1034 0.0168  0.0011  0.0051  24  PRO B C   
339 O O   . PRO B 27 ? 0.1238 0.0958 0.1538 -0.0041 -0.0033 -0.0057 24  PRO B O   
340 C CB  . PRO B 27 ? 0.1673 0.1905 0.0752 0.0083  -0.0139 0.0053  24  PRO B CB  
341 C CG  . PRO B 27 ? 0.1551 0.2413 0.1442 0.0632  -0.0348 -0.0270 24  PRO B CG  
342 C CD  . PRO B 27 ? 0.1554 0.1996 0.1190 0.0246  -0.0336 -0.0536 24  PRO B CD  
343 N N   . ILE B 28 ? 0.0938 0.1216 0.1014 0.0013  -0.0080 -0.0230 25  ILE B N   
344 C CA  . ILE B 28 ? 0.1065 0.0817 0.0884 0.0062  -0.0015 -0.0068 25  ILE B CA  
345 C C   . ILE B 28 ? 0.1107 0.0562 0.0909 -0.0092 0.0042  0.0127  25  ILE B C   
346 O O   . ILE B 28 ? 0.0967 0.0397 0.1319 -0.0239 0.0168  0.0129  25  ILE B O   
347 C CB  . ILE B 28 ? 0.1007 0.1057 0.0817 -0.0104 -0.0215 -0.0273 25  ILE B CB  
348 C CG1 . ILE B 28 ? 0.1281 0.0793 0.0856 -0.0228 -0.0303 -0.0293 25  ILE B CG1 
349 C CG2 . ILE B 28 ? 0.1104 0.1427 0.1116 -0.0073 0.0174  0.0013  25  ILE B CG2 
350 C CD1 . ILE B 28 ? 0.1830 0.0645 0.0421 -0.0565 -0.0342 -0.0009 25  ILE B CD1 
351 N N   . ARG B 29 ? 0.1106 0.0748 0.0740 -0.0256 -0.0054 0.0059  26  ARG B N   
352 C CA  . ARG B 29 ? 0.0940 0.1034 0.1157 -0.0067 -0.0064 0.0068  26  ARG B CA  
353 C C   . ARG B 29 ? 0.0901 0.1076 0.0974 -0.0161 -0.0117 -0.0051 26  ARG B C   
354 O O   . ARG B 29 ? 0.0990 0.1276 0.1151 -0.0281 -0.0182 -0.0154 26  ARG B O   
355 C CB  . ARG B 29 ? 0.1786 0.1398 0.1371 -0.0014 0.0409  -0.0278 26  ARG B CB  
356 C CG  . ARG B 29 ? 0.2179 0.2127 0.2398 -0.0138 0.0039  -0.0488 26  ARG B CG  
357 C CD  . ARG B 29 ? 0.4263 0.1628 0.4022 0.0149  -0.0254 -0.0287 26  ARG B CD  
358 N NE  . ARG B 29 ? 0.3975 0.2249 0.4409 0.0075  -0.1045 0.0110  26  ARG B NE  
359 C CZ  . ARG B 29 ? 0.3235 0.2150 0.4892 0.0013  -0.1408 -0.0333 26  ARG B CZ  
360 N NH1 . ARG B 29 ? 0.3601 0.2401 0.4939 0.0422  -0.1261 -0.0125 26  ARG B NH1 
361 N NH2 . ARG B 29 ? 0.3762 0.2540 0.5293 -0.0061 -0.0834 -0.0270 26  ARG B NH2 
362 N N   . ARG B 30 ? 0.0961 0.1194 0.1020 -0.0152 -0.0069 -0.0068 27  ARG B N   
363 C CA  . ARG B 30 ? 0.0852 0.1172 0.1075 -0.0349 -0.0106 0.0154  27  ARG B CA  
364 C C   . ARG B 30 ? 0.0819 0.0530 0.0734 -0.0057 -0.0013 0.0134  27  ARG B C   
365 O O   . ARG B 30 ? 0.0856 0.1391 0.0976 0.0189  -0.0189 0.0177  27  ARG B O   
366 C CB  . ARG B 30 ? 0.0857 0.1175 0.1569 -0.0548 0.0129  0.0224  27  ARG B CB  
367 C CG  . ARG B 30 ? 0.1097 0.1350 0.1204 -0.0616 -0.0047 0.0121  27  ARG B CG  
368 C CD  . ARG B 30 ? 0.1568 0.2024 0.2341 -0.1017 -0.0170 -0.0291 27  ARG B CD  
369 N NE  . ARG B 30 ? 0.1711 0.2612 0.2374 -0.0754 0.0041  0.0335  27  ARG B NE  
370 C CZ  . ARG B 30 ? 0.2140 0.2944 0.2207 -0.0084 -0.0468 0.0191  27  ARG B CZ  
371 N NH1 . ARG B 30 ? 0.2822 0.2556 0.1966 -0.0558 -0.0117 0.0386  27  ARG B NH1 
372 N NH2 . ARG B 30 ? 0.2650 0.2528 0.2226 -0.0750 -0.0612 -0.0124 27  ARG B NH2 
373 N N   . ILE B 31 ? 0.0815 0.0853 0.0498 -0.0062 0.0127  -0.0013 28  ILE B N   
374 C CA  . ILE B 31 ? 0.0822 0.0920 0.0730 -0.0048 0.0063  0.0135  28  ILE B CA  
375 C C   . ILE B 31 ? 0.0987 0.1037 0.0724 0.0018  0.0088  0.0086  28  ILE B C   
376 O O   . ILE B 31 ? 0.0867 0.1453 0.0885 0.0041  0.0146  -0.0070 28  ILE B O   
377 C CB  . ILE B 31 ? 0.0637 0.0515 0.0886 -0.0265 -0.0141 -0.0049 28  ILE B CB  
378 C CG1 . ILE B 31 ? 0.0607 0.1258 0.0810 -0.0548 -0.0138 -0.0066 28  ILE B CG1 
379 C CG2 . ILE B 31 ? 0.0940 0.0588 0.0893 0.0093  0.0137  0.0342  28  ILE B CG2 
380 C CD1 . ILE B 31 ? 0.0528 0.1309 0.1024 -0.0064 -0.0191 0.0055  28  ILE B CD1 
381 N N   . SER B 32 ? 0.0831 0.1257 0.0676 -0.0270 0.0169  0.0221  29  SER B N   
382 C CA  . SER B 32 ? 0.1049 0.1154 0.0784 -0.0165 0.0265  0.0299  29  SER B CA  
383 C C   . SER B 32 ? 0.1037 0.1440 0.0897 -0.0100 0.0299  0.0113  29  SER B C   
384 O O   . SER B 32 ? 0.0935 0.1627 0.0871 0.0094  0.0211  0.0072  29  SER B O   
385 C CB  . SER B 32 ? 0.0945 0.1556 0.0822 -0.0259 0.0053  0.0356  29  SER B CB  
386 O OG  . SER B 32 ? 0.1245 0.1612 0.1062 0.0010  -0.0227 0.0196  29  SER B OG  
387 N N   . SER B 33 ? 0.1042 0.1496 0.1182 -0.0063 0.0088  0.0091  30  SER B N   
388 C CA  . SER B 33 ? 0.1028 0.1408 0.1132 0.0102  0.0169  -0.0110 30  SER B CA  
389 C C   . SER B 33 ? 0.1129 0.1569 0.1235 -0.0086 0.0104  0.0058  30  SER B C   
390 O O   . SER B 33 ? 0.1447 0.1617 0.1404 -0.0167 0.0089  -0.0069 30  SER B O   
391 C CB  . SER B 33 ? 0.0962 0.1646 0.1304 0.0392  0.0315  -0.0124 30  SER B CB  
392 O OG  . SER B 33 ? 0.1161 0.2699 0.1758 0.0056  0.0236  -0.0262 30  SER B OG  
393 N N   . GLN B 34 ? 0.1320 0.1723 0.1132 0.0143  -0.0046 0.0156  31  GLN B N   
394 C CA  . GLN B 34 ? 0.1557 0.2124 0.1550 -0.0149 -0.0150 0.0223  31  GLN B CA  
395 C C   . GLN B 34 ? 0.1259 0.1577 0.1297 -0.0099 -0.0130 0.0141  31  GLN B C   
396 O O   . GLN B 34 ? 0.1740 0.1474 0.1464 -0.0118 -0.0119 0.0375  31  GLN B O   
397 C CB  . GLN B 34 ? 0.2041 0.2354 0.1956 -0.0212 -0.0144 0.0314  31  GLN B CB  
398 C CG  . GLN B 34 ? 0.2554 0.3505 0.2853 -0.0414 -0.0272 0.0706  31  GLN B CG  
399 C CD  . GLN B 34 ? 0.3247 0.4412 0.3880 -0.0680 -0.0024 0.1253  31  GLN B CD  
400 O OE1 . GLN B 34 ? 0.3964 0.4772 0.4805 -0.1023 -0.0103 0.1319  31  GLN B OE1 
401 N NE2 . GLN B 34 ? 0.3818 0.3780 0.4822 -0.0695 -0.0374 0.1486  31  GLN B NE2 
402 N N   . THR B 35 ? 0.0996 0.1974 0.1223 -0.0107 -0.0065 0.0195  32  THR B N   
403 C CA  . THR B 35 ? 0.1083 0.1519 0.1031 0.0029  -0.0059 0.0205  32  THR B CA  
404 C C   . THR B 35 ? 0.1153 0.1634 0.1158 0.0012  -0.0076 0.0379  32  THR B C   
405 O O   . THR B 35 ? 0.1364 0.2024 0.1603 -0.0105 -0.0366 0.0607  32  THR B O   
406 C CB  . THR B 35 ? 0.1339 0.1263 0.1327 0.0034  0.0229  0.0414  32  THR B CB  
407 O OG1 . THR B 35 ? 0.2225 0.1581 0.1532 0.0108  -0.0424 0.0489  32  THR B OG1 
408 C CG2 . THR B 35 ? 0.1358 0.1147 0.1894 0.0163  -0.0066 0.0111  32  THR B CG2 
409 N N   . LEU B 36 ? 0.1361 0.1481 0.0861 0.0017  -0.0040 0.0295  33  LEU B N   
410 C CA  . LEU B 36 ? 0.1043 0.1206 0.0834 0.0092  0.0047  0.0091  33  LEU B CA  
411 C C   . LEU B 36 ? 0.1019 0.1254 0.1064 0.0036  0.0010  0.0157  33  LEU B C   
412 O O   . LEU B 36 ? 0.0885 0.1357 0.1211 -0.0002 0.0044  -0.0009 33  LEU B O   
413 C CB  . LEU B 36 ? 0.1279 0.1155 0.0594 0.0109  -0.0144 0.0349  33  LEU B CB  
414 C CG  . LEU B 36 ? 0.1381 0.1039 0.0604 0.0236  -0.0123 0.0119  33  LEU B CG  
415 C CD1 . LEU B 36 ? 0.1303 0.1025 0.1030 -0.0041 0.0216  0.0135  33  LEU B CD1 
416 C CD2 . LEU B 36 ? 0.1613 0.1432 0.1103 0.0094  -0.0583 -0.0084 33  LEU B CD2 
417 N N   . LEU B 37 ? 0.1301 0.1361 0.0775 0.0203  -0.0096 -0.0208 34  LEU B N   
418 C CA  . LEU B 37 ? 0.1295 0.1343 0.1109 0.0141  -0.0296 -0.0425 34  LEU B CA  
419 C C   . LEU B 37 ? 0.1780 0.1843 0.1433 0.0180  -0.0388 -0.0244 34  LEU B C   
420 O O   . LEU B 37 ? 0.2486 0.1729 0.1412 0.0073  -0.0503 -0.0270 34  LEU B O   
421 C CB  . LEU B 37 ? 0.1574 0.1203 0.1280 0.0225  -0.0065 -0.0306 34  LEU B CB  
422 C CG  . LEU B 37 ? 0.1035 0.1127 0.1842 0.0052  -0.0268 -0.0235 34  LEU B CG  
423 C CD1 . LEU B 37 ? 0.1332 0.1848 0.3013 0.0112  0.0097  0.0147  34  LEU B CD1 
424 C CD2 . LEU B 37 ? 0.2034 0.1912 0.2449 -0.0104 -0.0256 0.0195  34  LEU B CD2 
425 N N   . GLY B 38 ? 0.1917 0.1983 0.1040 0.0211  -0.0413 -0.0083 35  GLY B N   
426 C CA  . GLY B 38 ? 0.2048 0.2434 0.1384 0.0298  -0.0313 -0.0330 35  GLY B CA  
427 C C   . GLY B 38 ? 0.1954 0.2725 0.1490 0.0405  -0.0266 -0.0232 35  GLY B C   
428 O O   . GLY B 38 ? 0.1783 0.2897 0.1792 0.0335  -0.0116 -0.0244 35  GLY B O   
429 N N   . PRO B 39 ? 0.2122 0.2883 0.1517 0.0462  -0.0206 -0.0359 36  PRO B N   
430 C CA  . PRO B 39 ? 0.2234 0.2829 0.1707 0.0487  -0.0138 -0.0367 36  PRO B CA  
431 C C   . PRO B 39 ? 0.2383 0.2847 0.1825 0.0587  -0.0176 -0.0288 36  PRO B C   
432 O O   . PRO B 39 ? 0.2693 0.2877 0.2321 0.0693  0.0067  -0.0351 36  PRO B O   
433 C CB  . PRO B 39 ? 0.2305 0.2939 0.1702 0.0485  -0.0242 -0.0376 36  PRO B CB  
434 C CG  . PRO B 39 ? 0.2392 0.2973 0.1518 0.0525  0.0015  -0.0707 36  PRO B CG  
435 C CD  . PRO B 39 ? 0.1815 0.2788 0.1288 0.0436  -0.0245 -0.0214 36  PRO B CD  
436 N N   . ASP B 40 ? 0.2321 0.2707 0.1939 0.0552  -0.0287 -0.0380 37  ASP B N   
437 C CA  . ASP B 40 ? 0.2540 0.2639 0.1985 0.0530  -0.0309 -0.0210 37  ASP B CA  
438 C C   . ASP B 40 ? 0.2348 0.2387 0.1916 0.0522  -0.0371 -0.0395 37  ASP B C   
439 O O   . ASP B 40 ? 0.2813 0.2292 0.1971 0.0521  -0.0278 -0.0545 37  ASP B O   
440 C CB  . ASP B 40 ? 0.2416 0.3004 0.2515 0.0336  -0.0505 -0.0360 37  ASP B CB  
441 C CG  . ASP B 40 ? 0.3049 0.3524 0.2382 0.0370  -0.0281 -0.0095 37  ASP B CG  
442 O OD1 . ASP B 40 ? 0.4193 0.3462 0.2387 0.0249  -0.0078 0.0355  37  ASP B OD1 
443 O OD2 . ASP B 40 ? 0.2655 0.3998 0.4057 0.0445  0.0034  -0.0021 37  ASP B OD2 
444 N N   . GLY B 41 ? 0.1985 0.2170 0.1687 0.0426  -0.0251 -0.0429 38  GLY B N   
445 C CA  . GLY B 41 ? 0.2084 0.2280 0.1546 0.0473  -0.0193 -0.0257 38  GLY B CA  
446 C C   . GLY B 41 ? 0.1799 0.1960 0.1522 0.0365  -0.0171 -0.0143 38  GLY B C   
447 O O   . GLY B 41 ? 0.1887 0.2215 0.1230 0.0217  -0.0113 -0.0298 38  GLY B O   
448 N N   . LYS B 42 ? 0.1651 0.2063 0.1419 0.0385  -0.0205 0.0005  39  LYS B N   
449 C CA  . LYS B 42 ? 0.1737 0.1525 0.1631 0.0273  -0.0187 -0.0015 39  LYS B CA  
450 C C   . LYS B 42 ? 0.1538 0.1575 0.1662 0.0210  -0.0211 -0.0017 39  LYS B C   
451 O O   . LYS B 42 ? 0.1632 0.1704 0.1941 0.0326  -0.0347 0.0010  39  LYS B O   
452 C CB  . LYS B 42 ? 0.1828 0.1412 0.1951 -0.0016 -0.0139 0.0256  39  LYS B CB  
453 C CG  . LYS B 42 ? 0.2281 0.1633 0.2368 -0.0189 0.0029  0.0231  39  LYS B CG  
454 C CD  . LYS B 42 ? 0.3333 0.1725 0.3982 -0.1141 0.0436  0.0567  39  LYS B CD  
455 C CE  . LYS B 42 ? 0.4001 0.1528 0.4767 -0.1222 0.0370  0.1050  39  LYS B CE  
456 N NZ  . LYS B 42 ? 0.4841 0.2928 0.5967 -0.1702 0.0505  0.1404  39  LYS B NZ  
457 N N   . LEU B 43 ? 0.1314 0.1432 0.1557 0.0183  -0.0350 -0.0041 40  LEU B N   
458 C CA  . LEU B 43 ? 0.1284 0.1313 0.1567 0.0192  -0.0171 -0.0187 40  LEU B CA  
459 C C   . LEU B 43 ? 0.1246 0.0968 0.1615 0.0147  -0.0241 -0.0123 40  LEU B C   
460 O O   . LEU B 43 ? 0.1343 0.1358 0.1950 0.0072  -0.0176 -0.0438 40  LEU B O   
461 C CB  . LEU B 43 ? 0.1393 0.1289 0.1742 0.0213  -0.0108 -0.0186 40  LEU B CB  
462 C CG  . LEU B 43 ? 0.1117 0.1222 0.1787 0.0324  -0.0230 -0.0411 40  LEU B CG  
463 C CD1 . LEU B 43 ? 0.1082 0.1794 0.2283 -0.0197 -0.0584 -0.0063 40  LEU B CD1 
464 C CD2 . LEU B 43 ? 0.1718 0.0773 0.1532 0.0264  0.0144  0.0000  40  LEU B CD2 
465 N N   . ILE B 44 ? 0.1589 0.1029 0.1773 -0.0182 -0.0296 -0.0215 41  ILE B N   
466 C CA  . ILE B 44 ? 0.1731 0.1182 0.2030 -0.0298 -0.0201 -0.0225 41  ILE B CA  
467 C C   . ILE B 44 ? 0.1592 0.1103 0.2027 -0.0086 -0.0279 -0.0198 41  ILE B C   
468 O O   . ILE B 44 ? 0.1762 0.1036 0.2247 -0.0155 -0.0417 -0.0281 41  ILE B O   
469 C CB  . ILE B 44 ? 0.1937 0.1462 0.2267 -0.0488 -0.0190 -0.0253 41  ILE B CB  
470 C CG1 . ILE B 44 ? 0.2776 0.2097 0.2697 0.0275  -0.0024 -0.0166 41  ILE B CG1 
471 C CG2 . ILE B 44 ? 0.2143 0.1534 0.2919 -0.0167 -0.0134 0.0009  41  ILE B CG2 
472 C CD1 . ILE B 44 ? 0.2721 0.3178 0.4319 0.0477  -0.0216 -0.0022 41  ILE B CD1 
473 N N   . ILE B 45 ? 0.1646 0.1234 0.2025 0.0098  -0.0112 -0.0186 42  ILE B N   
474 C CA  . ILE B 45 ? 0.1557 0.1032 0.1994 0.0034  -0.0192 -0.0048 42  ILE B CA  
475 C C   . ILE B 45 ? 0.1646 0.1100 0.2015 0.0183  -0.0073 0.0171  42  ILE B C   
476 O O   . ILE B 45 ? 0.1907 0.0983 0.2165 0.0210  -0.0178 0.0293  42  ILE B O   
477 C CB  . ILE B 45 ? 0.1263 0.0946 0.1802 0.0169  -0.0174 -0.0196 42  ILE B CB  
478 C CG1 . ILE B 45 ? 0.1177 0.1563 0.1447 0.0237  -0.0477 -0.0231 42  ILE B CG1 
479 C CG2 . ILE B 45 ? 0.1145 0.1314 0.1408 0.0009  0.0336  0.0240  42  ILE B CG2 
480 C CD1 . ILE B 45 ? 0.1077 0.1891 0.2203 0.0168  -0.0285 -0.0378 42  ILE B CD1 
481 N N   . ASP B 46 ? 0.1705 0.1247 0.2121 0.0016  -0.0078 0.0279  43  ASP B N   
482 C CA  . ASP B 46 ? 0.1793 0.1381 0.2047 -0.0117 -0.0131 0.0288  43  ASP B CA  
483 C C   . ASP B 46 ? 0.1766 0.1541 0.2094 0.0040  -0.0093 0.0300  43  ASP B C   
484 O O   . ASP B 46 ? 0.1800 0.1200 0.2247 0.0010  -0.0081 0.0455  43  ASP B O   
485 C CB  . ASP B 46 ? 0.1695 0.1686 0.2056 -0.0258 -0.0036 0.0378  43  ASP B CB  
486 C CG  . ASP B 46 ? 0.2828 0.2909 0.2639 -0.0642 0.0008  0.0614  43  ASP B CG  
487 O OD1 . ASP B 46 ? 0.2718 0.4432 0.2661 -0.0904 -0.0163 0.0837  43  ASP B OD1 
488 O OD2 . ASP B 46 ? 0.3772 0.3621 0.3335 -0.1209 0.0001  0.0970  43  ASP B OD2 
489 N N   . HIS B 47 ? 0.1960 0.1261 0.2164 -0.0152 -0.0128 0.0540  44  HIS B N   
490 C CA  . HIS B 47 ? 0.1660 0.1775 0.2257 0.0018  -0.0307 0.0557  44  HIS B CA  
491 C C   . HIS B 47 ? 0.1681 0.2052 0.2325 0.0108  -0.0211 0.0569  44  HIS B C   
492 O O   . HIS B 47 ? 0.1780 0.2114 0.2713 0.0007  -0.0319 0.0682  44  HIS B O   
493 C CB  . HIS B 47 ? 0.1711 0.1918 0.2505 -0.0009 -0.0369 0.0547  44  HIS B CB  
494 C CG  . HIS B 47 ? 0.1597 0.1664 0.2486 0.0153  -0.0515 0.0539  44  HIS B CG  
495 N ND1 . HIS B 47 ? 0.2457 0.1768 0.2813 -0.0016 -0.0779 0.0804  44  HIS B ND1 
496 C CD2 . HIS B 47 ? 0.1967 0.2259 0.2454 -0.0081 -0.1007 0.0678  44  HIS B CD2 
497 C CE1 . HIS B 47 ? 0.2707 0.1848 0.2840 0.0000  -0.1032 0.0859  44  HIS B CE1 
498 N NE2 . HIS B 47 ? 0.2231 0.1963 0.2542 -0.0006 -0.1029 0.0914  44  HIS B NE2 
499 N N   . ASP B 48 ? 0.1828 0.2542 0.2339 0.0000  -0.0209 0.0396  45  ASP B N   
500 C CA  . ASP B 48 ? 0.2048 0.2853 0.2329 -0.0007 -0.0162 0.0313  45  ASP B CA  
501 C C   . ASP B 48 ? 0.2065 0.2537 0.2367 -0.0031 -0.0031 0.0441  45  ASP B C   
502 O O   . ASP B 48 ? 0.2437 0.2920 0.2496 -0.0193 0.0266  0.0486  45  ASP B O   
503 C CB  . ASP B 48 ? 0.2224 0.3091 0.2600 0.0015  -0.0265 0.0213  45  ASP B CB  
504 C CG  . ASP B 48 ? 0.2403 0.3265 0.2819 0.0129  -0.0161 -0.0344 45  ASP B CG  
505 O OD1 . ASP B 48 ? 0.2886 0.3027 0.4221 0.0178  -0.0500 -0.0386 45  ASP B OD1 
506 O OD2 . ASP B 48 ? 0.2160 0.3399 0.3554 0.0808  -0.0206 -0.0730 45  ASP B OD2 
507 N N   . GLY B 49 ? 0.2308 0.2490 0.2519 -0.0133 0.0165  0.0220  46  GLY B N   
508 C CA  . GLY B 49 ? 0.2337 0.2271 0.2567 -0.0196 0.0169  0.0264  46  GLY B CA  
509 C C   . GLY B 49 ? 0.2215 0.2201 0.2819 -0.0159 0.0061  0.0116  46  GLY B C   
510 O O   . GLY B 49 ? 0.2305 0.2339 0.3020 -0.0448 -0.0155 0.0133  46  GLY B O   
511 N N   . GLN B 50 ? 0.2332 0.2348 0.2999 -0.0124 0.0069  0.0200  47  GLN B N   
512 C CA  . GLN B 50 ? 0.2348 0.2360 0.3258 -0.0071 0.0073  0.0220  47  GLN B CA  
513 C C   . GLN B 50 ? 0.2212 0.2107 0.3103 -0.0015 0.0063  0.0215  47  GLN B C   
514 O O   . GLN B 50 ? 0.1933 0.1723 0.3050 -0.0048 0.0167  0.0400  47  GLN B O   
515 C CB  . GLN B 50 ? 0.2605 0.2771 0.3524 0.0028  -0.0013 0.0210  47  GLN B CB  
516 C CG  . GLN B 50 ? 0.3247 0.3903 0.4783 -0.0246 0.0240  0.0262  47  GLN B CG  
517 C CD  . GLN B 50 ? 0.3762 0.5199 0.5560 -0.0620 -0.0229 0.0655  47  GLN B CD  
518 O OE1 . GLN B 50 ? 0.3964 0.5536 0.6496 -0.1098 -0.0136 0.0673  47  GLN B OE1 
519 N NE2 . GLN B 50 ? 0.4333 0.5715 0.5903 -0.1115 0.0269  0.0414  47  GLN B NE2 
520 N N   . GLU B 51 ? 0.2177 0.1673 0.2938 -0.0051 0.0011  0.0225  48  GLU B N   
521 C CA  . GLU B 51 ? 0.2053 0.1827 0.2916 -0.0047 0.0007  0.0039  48  GLU B CA  
522 C C   . GLU B 51 ? 0.2047 0.1516 0.2714 0.0175  0.0062  0.0070  48  GLU B C   
523 O O   . GLU B 51 ? 0.2301 0.1563 0.3550 0.0320  0.0259  0.0324  48  GLU B O   
524 C CB  . GLU B 51 ? 0.2192 0.1836 0.2998 -0.0104 -0.0096 0.0018  48  GLU B CB  
525 C CG  . GLU B 51 ? 0.2182 0.2219 0.3089 -0.0146 -0.0230 -0.0128 48  GLU B CG  
526 C CD  . GLU B 51 ? 0.3738 0.3240 0.3461 -0.0061 -0.0430 -0.0201 48  GLU B CD  
527 O OE1 . GLU B 51 ? 0.4248 0.3245 0.3387 0.0395  -0.0522 0.0222  48  GLU B OE1 
528 O OE2 . GLU B 51 ? 0.3933 0.3023 0.4037 -0.0170 0.0184  -0.0391 48  GLU B OE2 
529 N N   . TYR B 52 ? 0.1702 0.1039 0.2214 0.0197  -0.0083 0.0066  49  TYR B N   
530 C CA  . TYR B 52 ? 0.1615 0.0670 0.1711 -0.0087 -0.0035 0.0098  49  TYR B CA  
531 C C   . TYR B 52 ? 0.1705 0.1040 0.1799 0.0179  -0.0230 -0.0078 49  TYR B C   
532 O O   . TYR B 52 ? 0.1637 0.1429 0.1951 0.0469  -0.0227 0.0158  49  TYR B O   
533 C CB  . TYR B 52 ? 0.1730 0.0873 0.1619 -0.0053 -0.0447 -0.0009 49  TYR B CB  
534 C CG  . TYR B 52 ? 0.1436 0.0773 0.1291 0.0113  0.0020  -0.0069 49  TYR B CG  
535 C CD1 . TYR B 52 ? 0.1411 0.1525 0.1416 0.0313  0.0266  0.0281  49  TYR B CD1 
536 C CD2 . TYR B 52 ? 0.1420 0.1028 0.2172 0.0029  -0.0227 0.0447  49  TYR B CD2 
537 C CE1 . TYR B 52 ? 0.1600 0.1019 0.1726 -0.0075 0.0123  0.0684  49  TYR B CE1 
538 C CE2 . TYR B 52 ? 0.1208 0.0709 0.1176 -0.0136 0.0501  0.0072  49  TYR B CE2 
539 C CZ  . TYR B 52 ? 0.1295 0.1356 0.1266 -0.0031 0.0256  0.0444  49  TYR B CZ  
540 O OH  . TYR B 52 ? 0.2146 0.1011 0.1694 -0.0214 -0.0198 0.0212  49  TYR B OH  
541 N N   . LEU B 53 ? 0.1468 0.0479 0.1633 -0.0100 -0.0140 -0.0309 50  LEU B N   
542 C CA  . LEU B 53 ? 0.1604 0.0616 0.1459 -0.0071 -0.0192 -0.0412 50  LEU B CA  
543 C C   . LEU B 53 ? 0.1401 0.0543 0.1635 0.0051  -0.0293 -0.0332 50  LEU B C   
544 O O   . LEU B 53 ? 0.1824 0.0656 0.2066 0.0187  -0.0135 -0.0124 50  LEU B O   
545 C CB  . LEU B 53 ? 0.1450 0.1146 0.1643 -0.0023 -0.0283 -0.0613 50  LEU B CB  
546 C CG  . LEU B 53 ? 0.2035 0.1661 0.1598 -0.0025 -0.0194 -0.0783 50  LEU B CG  
547 C CD1 . LEU B 53 ? 0.2000 0.1863 0.2314 0.0093  -0.0618 -0.0611 50  LEU B CD1 
548 C CD2 . LEU B 53 ? 0.2903 0.1567 0.1383 0.0159  -0.0296 -0.0851 50  LEU B CD2 
549 N N   . LEU B 54 ? 0.1484 0.0461 0.1657 0.0082  0.0026  -0.0112 51  LEU B N   
550 C CA  . LEU B 54 ? 0.1241 0.0425 0.1525 0.0155  -0.0079 -0.0444 51  LEU B CA  
551 C C   . LEU B 54 ? 0.1412 0.0957 0.1659 0.0188  -0.0167 -0.0360 51  LEU B C   
552 O O   . LEU B 54 ? 0.1586 0.1427 0.1725 0.0326  -0.0325 -0.0269 51  LEU B O   
553 C CB  . LEU B 54 ? 0.1277 0.0364 0.1700 0.0102  0.0063  -0.0374 51  LEU B CB  
554 C CG  . LEU B 54 ? 0.0836 0.0366 0.1878 0.0159  -0.0131 -0.0157 51  LEU B CG  
555 C CD1 . LEU B 54 ? 0.1016 0.0618 0.2013 -0.0028 -0.0297 -0.0361 51  LEU B CD1 
556 C CD2 . LEU B 54 ? 0.1024 0.0667 0.2252 0.0349  -0.0001 -0.0467 51  LEU B CD2 
557 N N   . ARG B 55 ? 0.1646 0.0738 0.1412 0.0282  -0.0152 -0.0336 52  ARG B N   
558 C CA  . ARG B 55 ? 0.1737 0.1414 0.1652 0.0177  -0.0101 -0.0401 52  ARG B CA  
559 C C   . ARG B 55 ? 0.1521 0.1637 0.1531 0.0261  0.0041  -0.0333 52  ARG B C   
560 O O   . ARG B 55 ? 0.1529 0.1535 0.1558 0.0207  0.0105  -0.0325 52  ARG B O   
561 C CB  . ARG B 55 ? 0.1838 0.1324 0.1975 0.0345  0.0008  -0.0499 52  ARG B CB  
562 C CG  . ARG B 55 ? 0.2170 0.0913 0.2479 0.0476  -0.0182 -0.0971 52  ARG B CG  
563 C CD  . ARG B 55 ? 0.2082 0.0851 0.2653 0.0193  0.0067  -0.0951 52  ARG B CD  
564 N NE  . ARG B 55 ? 0.2414 0.1246 0.3516 0.0481  -0.0092 -0.0148 52  ARG B NE  
565 C CZ  . ARG B 55 ? 0.2425 0.2149 0.2689 0.0528  0.0188  -0.0211 52  ARG B CZ  
566 N NH1 . ARG B 55 ? 0.2542 0.2331 0.2837 0.0601  -0.0061 -0.0419 52  ARG B NH1 
567 N NH2 . ARG B 55 ? 0.2802 0.2263 0.3285 0.0520  0.0182  -0.0663 52  ARG B NH2 
568 N N   . LYS B 56 ? 0.1810 0.2323 0.1738 0.0203  0.0052  -0.0307 53  LYS B N   
569 C CA  . LYS B 56 ? 0.2101 0.2663 0.1807 0.0207  0.0235  -0.0433 53  LYS B CA  
570 C C   . LYS B 56 ? 0.2208 0.2873 0.2199 0.0231  0.0123  -0.0567 53  LYS B C   
571 O O   . LYS B 56 ? 0.2518 0.3143 0.2293 0.0156  0.0107  -0.0881 53  LYS B O   
572 C CB  . LYS B 56 ? 0.2404 0.2885 0.2135 0.0278  0.0091  -0.0296 53  LYS B CB  
573 C CG  . LYS B 56 ? 0.2490 0.2958 0.2587 0.0173  0.0073  -0.0206 53  LYS B CG  
574 C CD  . LYS B 56 ? 0.2672 0.3468 0.3471 0.0382  0.0445  0.0437  53  LYS B CD  
575 C CE  . LYS B 56 ? 0.3512 0.3468 0.3976 0.0484  0.0560  0.1071  53  LYS B CE  
576 N NZ  . LYS B 56 ? 0.3752 0.2748 0.4338 0.0560  0.0592  0.0851  53  LYS B NZ  
577 N N   . THR B 57 ? 0.2295 0.2901 0.2253 0.0308  0.0414  -0.0708 54  THR B N   
578 C CA  . THR B 57 ? 0.2253 0.2893 0.2488 0.0260  0.0418  -0.0620 54  THR B CA  
579 C C   . THR B 57 ? 0.2522 0.2945 0.2458 0.0273  0.0339  -0.0656 54  THR B C   
580 O O   . THR B 57 ? 0.2496 0.3341 0.2211 0.0339  0.0366  -0.0722 54  THR B O   
581 C CB  . THR B 57 ? 0.2408 0.2560 0.2603 0.0416  0.0357  -0.0568 54  THR B CB  
582 O OG1 . THR B 57 ? 0.2140 0.3163 0.2824 0.0527  0.0699  -0.0482 54  THR B OG1 
583 C CG2 . THR B 57 ? 0.2558 0.3276 0.2982 0.0441  0.0216  -0.0347 54  THR B CG2 
584 N N   . GLN B 58 ? 0.2650 0.3280 0.2677 0.0366  0.0510  -0.0598 55  GLN B N   
585 C CA  . GLN B 58 ? 0.3101 0.3446 0.3051 0.0346  0.0474  -0.0551 55  GLN B CA  
586 C C   . GLN B 58 ? 0.2942 0.3247 0.3008 0.0449  0.0521  -0.0454 55  GLN B C   
587 O O   . GLN B 58 ? 0.2760 0.3458 0.3030 0.0509  0.0736  -0.0324 55  GLN B O   
588 C CB  . GLN B 58 ? 0.3381 0.3547 0.3187 0.0478  0.0502  -0.0695 55  GLN B CB  
589 C CG  . GLN B 58 ? 0.4029 0.4229 0.4365 0.0392  0.0183  -0.0500 55  GLN B CG  
590 C CD  . GLN B 58 ? 0.4792 0.4933 0.4948 0.0724  0.0139  -0.0671 55  GLN B CD  
591 O OE1 . GLN B 58 ? 0.5366 0.5235 0.5332 0.0335  -0.0410 -0.0504 55  GLN B OE1 
592 N NE2 . GLN B 58 ? 0.5055 0.5207 0.5844 0.0867  0.0050  -0.0084 55  GLN B NE2 
593 N N   . ALA B 59 ? 0.2789 0.3000 0.3081 0.0525  0.0517  -0.0601 56  ALA B N   
594 C CA  . ALA B 59 ? 0.2856 0.3114 0.3123 0.0558  0.0521  -0.0558 56  ALA B CA  
595 C C   . ALA B 59 ? 0.2835 0.3152 0.3101 0.0447  0.0503  -0.0423 56  ALA B C   
596 O O   . ALA B 59 ? 0.2657 0.3435 0.3071 0.0198  0.0749  -0.0300 56  ALA B O   
597 C CB  . ALA B 59 ? 0.2962 0.3224 0.3346 0.0517  0.0300  -0.0398 56  ALA B CB  
598 N N   . GLY B 60 ? 0.2630 0.2687 0.2591 0.0601  0.0651  -0.0632 57  GLY B N   
599 C CA  . GLY B 60 ? 0.2586 0.2723 0.2721 0.0688  0.0637  -0.0336 57  GLY B CA  
600 C C   . GLY B 60 ? 0.2260 0.2810 0.2737 0.0553  0.0681  -0.0266 57  GLY B C   
601 O O   . GLY B 60 ? 0.2754 0.2576 0.2802 0.0427  0.0711  -0.0205 57  GLY B O   
602 N N   . LYS B 61 ? 0.1865 0.3081 0.2371 0.0314  0.0871  -0.0020 58  LYS B N   
603 C CA  . LYS B 61 ? 0.1728 0.3292 0.2554 0.0293  0.0482  -0.0120 58  LYS B CA  
604 C C   . LYS B 61 ? 0.1456 0.2811 0.2128 0.0225  0.0433  -0.0245 58  LYS B C   
605 O O   . LYS B 61 ? 0.1514 0.3238 0.2207 0.0163  0.0425  -0.0284 58  LYS B O   
606 C CB  . LYS B 61 ? 0.1616 0.3360 0.2449 0.0280  0.0387  -0.0045 58  LYS B CB  
607 C CG  . LYS B 61 ? 0.2054 0.4498 0.3384 0.0652  0.0606  -0.0009 58  LYS B CG  
608 C CD  . LYS B 61 ? 0.2306 0.5371 0.3752 0.0754  0.0647  0.0271  58  LYS B CD  
609 C CE  . LYS B 61 ? 0.2184 0.6211 0.3905 0.1044  0.1167  -0.0023 58  LYS B CE  
610 N NZ  . LYS B 61 ? 0.2929 0.6967 0.4227 0.0775  0.0711  0.0499  58  LYS B NZ  
611 N N   . LEU B 62 ? 0.1305 0.2532 0.1877 0.0256  0.0381  -0.0177 59  LEU B N   
612 C CA  . LEU B 62 ? 0.1185 0.1908 0.1764 -0.0033 0.0152  -0.0218 59  LEU B CA  
613 C C   . LEU B 62 ? 0.1281 0.1895 0.1719 0.0125  -0.0017 -0.0302 59  LEU B C   
614 O O   . LEU B 62 ? 0.1410 0.1957 0.1814 0.0001  -0.0433 -0.0424 59  LEU B O   
615 C CB  . LEU B 62 ? 0.1512 0.2037 0.2089 -0.0223 0.0203  -0.0187 59  LEU B CB  
616 C CG  . LEU B 62 ? 0.1524 0.1916 0.1862 -0.0215 -0.0028 -0.0455 59  LEU B CG  
617 C CD1 . LEU B 62 ? 0.1804 0.2253 0.2371 -0.0665 -0.0461 -0.0097 59  LEU B CD1 
618 C CD2 . LEU B 62 ? 0.2267 0.1267 0.2853 -0.0607 0.0185  -0.0423 59  LEU B CD2 
619 N N   . LEU B 63 ? 0.1474 0.1473 0.1481 0.0193  0.0086  0.0026  60  LEU B N   
620 C CA  . LEU B 63 ? 0.1446 0.1359 0.1785 0.0056  -0.0065 0.0050  60  LEU B CA  
621 C C   . LEU B 63 ? 0.1199 0.1206 0.1471 0.0131  -0.0095 -0.0060 60  LEU B C   
622 O O   . LEU B 63 ? 0.1081 0.1548 0.1346 0.0105  0.0100  -0.0084 60  LEU B O   
623 C CB  . LEU B 63 ? 0.1638 0.1794 0.2021 0.0218  -0.0098 -0.0231 60  LEU B CB  
624 C CG  . LEU B 63 ? 0.2822 0.1862 0.3562 0.0242  -0.0335 -0.0619 60  LEU B CG  
625 C CD1 . LEU B 63 ? 0.2647 0.2627 0.4095 0.0800  -0.1296 -0.0756 60  LEU B CD1 
626 C CD2 . LEU B 63 ? 0.2382 0.1144 0.3817 0.0683  -0.0317 -0.0972 60  LEU B CD2 
627 N N   . LEU B 64 ? 0.1160 0.1306 0.1682 0.0027  -0.0061 0.0176  61  LEU B N   
628 C CA  . LEU B 64 ? 0.1311 0.1389 0.1558 0.0055  -0.0143 0.0147  61  LEU B CA  
629 C C   . LEU B 64 ? 0.1333 0.1349 0.1664 0.0238  -0.0283 0.0068  61  LEU B C   
630 O O   . LEU B 64 ? 0.1664 0.1891 0.2229 0.0088  -0.0743 0.0302  61  LEU B O   
631 C CB  . LEU B 64 ? 0.1336 0.1354 0.1164 0.0189  -0.0074 0.0002  61  LEU B CB  
632 C CG  . LEU B 64 ? 0.1194 0.1301 0.1451 0.0106  -0.0275 0.0436  61  LEU B CG  
633 C CD1 . LEU B 64 ? 0.1117 0.1710 0.1264 -0.0074 -0.0297 0.0045  61  LEU B CD1 
634 C CD2 . LEU B 64 ? 0.1490 0.1551 0.2016 0.0156  -0.0145 -0.0293 61  LEU B CD2 
635 N N   . THR B 65 ? 0.1536 0.1282 0.1588 0.0181  -0.0119 0.0216  62  THR B N   
636 C CA  . THR B 65 ? 0.1994 0.1398 0.2097 0.0223  -0.0161 0.0169  62  THR B CA  
637 C C   . THR B 65 ? 0.2056 0.1249 0.2207 0.0146  -0.0187 0.0105  62  THR B C   
638 O O   . THR B 65 ? 0.1994 0.1271 0.2536 0.0205  -0.0136 0.0310  62  THR B O   
639 C CB  . THR B 65 ? 0.2020 0.1501 0.2299 0.0227  -0.0064 0.0036  62  THR B CB  
640 O OG1 . THR B 65 ? 0.2795 0.1858 0.2508 0.0404  -0.0350 0.0236  62  THR B OG1 
641 C CG2 . THR B 65 ? 0.2334 0.1779 0.2863 0.0001  0.0479  0.0488  62  THR B CG2 
642 N N   . LYS B 66 ? 0.2621 0.1464 0.2491 0.0116  0.0010  0.0062  63  LYS B N   
643 C CA  . LYS B 66 ? 0.3182 0.1112 0.3001 0.0093  0.0187  -0.0008 63  LYS B CA  
644 C C   . LYS B 66 ? 0.3316 0.1273 0.3191 0.0052  0.0268  -0.0019 63  LYS B C   
645 O O   . LYS B 66 ? 0.3822 0.0682 0.3603 0.0149  0.0396  0.0232  63  LYS B O   
646 C CB  . LYS B 66 ? 0.3301 0.1578 0.3031 0.0073  0.0214  -0.0148 63  LYS B CB  
647 C CG  . LYS B 66 ? 0.4316 0.1947 0.3271 0.0321  0.0115  -0.0312 63  LYS B CG  
648 C CD  . LYS B 66 ? 0.4959 0.3071 0.3464 0.0722  -0.0397 -0.0482 63  LYS B CD  
649 C CE  . LYS B 66 ? 0.5181 0.3501 0.3784 0.0692  -0.0565 -0.0688 63  LYS B CE  
650 N NZ  . LYS B 66 ? 0.6118 0.4670 0.4060 0.0828  -0.0467 -0.0234 63  LYS B NZ  
651 O OXT . LYS B 66 ? 0.3873 0.1519 0.3389 -0.0127 0.0246  -0.0084 63  LYS B OXT 
652 S S   . SO4 C .  ? 0.5478 0.3883 0.4921 0.0208  -0.1539 -0.1182 101 SO4 A S   
653 O O1  . SO4 C .  ? 0.5190 0.4392 0.5254 0.0364  -0.1924 -0.0816 101 SO4 A O1  
654 O O2  . SO4 C .  ? 0.5291 0.4419 0.5423 0.0151  -0.1709 -0.0694 101 SO4 A O2  
655 O O3  . SO4 C .  ? 0.4759 0.4347 0.5374 0.0333  -0.1323 -0.0526 101 SO4 A O3  
656 O O4  . SO4 C .  ? 0.4959 0.3778 0.5731 0.0619  -0.1490 -0.0220 101 SO4 A O4  
657 S S   . SO4 D .  ? 0.1226 0.1552 0.1382 0.0032  -0.0161 0.0579  101 SO4 B S   
658 O O1  . SO4 D .  ? 0.2020 0.2245 0.1220 0.0290  0.0266  0.0716  101 SO4 B O1  
659 O O2  . SO4 D .  ? 0.1388 0.2245 0.1538 -0.0370 -0.0137 0.0519  101 SO4 B O2  
660 O O3  . SO4 D .  ? 0.1609 0.1984 0.1745 -0.0132 -0.0194 0.1097  101 SO4 B O3  
661 O O4  . SO4 D .  ? 0.1779 0.2284 0.1500 -0.0347 0.0180  0.0337  101 SO4 B O4  
662 O O   . HOH E .  ? 0.1715 0.3019 0.2174 0.0440  -0.0200 -0.0227 201 HOH A O   
663 O O   . HOH E .  ? 0.3861 0.2501 0.8324 0.1522  -0.0085 -0.0547 202 HOH A O   
664 O O   . HOH E .  ? 0.2372 0.4374 0.4052 -0.0913 0.0595  -0.1216 203 HOH A O   
665 O O   . HOH E .  ? 0.3170 0.3911 0.3300 -0.0608 -0.1432 -0.0145 204 HOH A O   
666 O O   . HOH E .  ? 0.2532 0.3220 0.1920 -0.0460 -0.0363 0.0506  205 HOH A O   
667 O O   . HOH E .  ? 0.1418 0.1031 0.1250 -0.0386 -0.0017 0.0061  206 HOH A O   
668 O O   . HOH E .  ? 0.2330 0.1055 0.1215 -0.0140 0.0381  0.0320  207 HOH A O   
669 O O   . HOH E .  ? 0.1662 0.6132 0.2318 0.0578  -0.0555 0.0066  208 HOH A O   
670 O O   . HOH E .  ? 0.1615 0.1206 0.1273 -0.0031 -0.0176 0.0200  209 HOH A O   
671 O O   . HOH E .  ? 0.2460 0.3598 0.1791 -0.0044 -0.0051 0.0491  210 HOH A O   
672 O O   . HOH E .  ? 0.3258 0.3461 0.9387 0.1525  0.1343  0.2427  211 HOH A O   
673 O O   . HOH E .  ? 0.2934 0.9494 0.2189 0.1678  -0.0550 0.0444  212 HOH A O   
674 O O   . HOH E .  ? 0.2410 0.4200 0.3453 -0.0482 -0.1039 0.1494  213 HOH A O   
675 O O   . HOH E .  ? 0.3301 0.1897 0.4921 -0.0326 0.1198  0.0178  214 HOH A O   
676 O O   . HOH E .  ? 0.1722 0.0785 0.3547 0.0103  -0.0421 -0.0135 215 HOH A O   
677 O O   . HOH E .  ? 0.2859 0.4570 0.3226 0.0553  0.0966  0.0290  216 HOH A O   
678 O O   . HOH E .  ? 1.1946 0.5203 1.1598 0.3685  -0.5608 -0.3545 217 HOH A O   
679 O O   . HOH E .  ? 0.2631 0.2910 0.2083 -0.0513 -0.0373 0.0693  218 HOH A O   
680 O O   . HOH E .  ? 0.1564 0.3332 0.4563 0.0723  0.0728  0.1201  219 HOH A O   
681 O O   . HOH E .  ? 0.2372 0.4704 0.2189 0.0193  -0.0453 0.0570  220 HOH A O   
682 O O   . HOH E .  ? 0.1189 0.1039 0.0789 0.0067  -0.0074 0.0389  221 HOH A O   
683 O O   . HOH E .  ? 0.4242 0.3750 0.3874 -0.0473 0.1570  0.0223  222 HOH A O   
684 O O   . HOH E .  ? 0.3183 0.0685 0.3241 0.0798  -0.0247 -0.0864 223 HOH A O   
685 O O   . HOH E .  ? 0.2614 0.5200 0.5055 0.0455  -0.0509 -0.1702 224 HOH A O   
686 O O   . HOH E .  ? 0.5333 0.3290 0.2989 -0.0402 0.0953  0.0570  225 HOH A O   
687 O O   . HOH E .  ? 0.3272 0.5040 0.2342 0.0198  -0.0557 0.0861  226 HOH A O   
688 O O   . HOH F .  ? 0.2295 0.2106 0.2396 0.0111  0.0155  0.1013  201 HOH B O   
689 O O   . HOH F .  ? 0.3248 0.1779 0.3918 0.0279  0.0209  0.0201  202 HOH B O   
690 O O   . HOH F .  ? 0.2517 0.2586 0.3301 -0.0763 -0.0063 0.0081  203 HOH B O   
691 O O   . HOH F .  ? 0.3484 0.3534 0.2430 -0.1180 -0.0600 0.1325  204 HOH B O   
692 O O   . HOH F .  ? 0.1443 0.1336 0.1146 -0.0394 -0.0268 0.0188  205 HOH B O   
693 O O   . HOH F .  ? 0.2806 0.2514 0.2526 0.0160  -0.0491 -0.0790 206 HOH B O   
694 O O   . HOH F .  ? 0.2886 0.2326 0.2954 0.0553  -0.0533 0.0793  207 HOH B O   
695 O O   . HOH F .  ? 0.5566 0.4713 0.3999 -0.2644 -0.2717 0.1531  208 HOH B O   
696 O O   . HOH F .  ? 0.2746 0.3224 0.2438 -0.0637 0.1067  -0.0637 209 HOH B O   
697 O O   . HOH F .  ? 0.9008 0.4636 0.3770 0.2130  -0.1030 -0.2213 210 HOH B O   
698 O O   . HOH F .  ? 0.2250 0.6769 0.2103 0.0840  0.0200  -0.0662 211 HOH B O   
699 O O   . HOH F .  ? 0.2021 0.2485 0.3115 -0.0310 0.0905  -0.0840 212 HOH B O   
700 O O   . HOH F .  ? 0.1978 0.3843 0.2656 0.0719  -0.0265 -0.0974 213 HOH B O   
701 O O   . HOH F .  ? 0.6614 1.9847 0.2085 -0.9644 -0.1048 0.2234  214 HOH B O   
702 O O   . HOH F .  ? 0.6389 0.3600 0.3651 0.0507  -0.0859 -0.0592 215 HOH B O   
703 O O   . HOH F .  ? 0.6219 0.4523 0.4519 0.2286  -0.1250 -0.0362 216 HOH B O   
704 O O   . HOH F .  ? 0.7247 0.2565 0.2244 0.1922  0.0524  0.0599  217 HOH B O   
705 O O   . HOH F .  ? 0.5705 0.4199 0.5793 0.0312  -0.0195 0.0648  218 HOH B O   
706 O O   . HOH F .  ? 0.2951 0.2682 0.3274 0.0399  -0.0898 -0.1100 219 HOH B O   
# 
loop_
_pdbx_poly_seq_scheme.asym_id 
_pdbx_poly_seq_scheme.entity_id 
_pdbx_poly_seq_scheme.seq_id 
_pdbx_poly_seq_scheme.mon_id 
_pdbx_poly_seq_scheme.ndb_seq_num 
_pdbx_poly_seq_scheme.pdb_seq_num 
_pdbx_poly_seq_scheme.auth_seq_num 
_pdbx_poly_seq_scheme.pdb_mon_id 
_pdbx_poly_seq_scheme.auth_mon_id 
_pdbx_poly_seq_scheme.pdb_strand_id 
_pdbx_poly_seq_scheme.pdb_ins_code 
_pdbx_poly_seq_scheme.hetero 
A 1 1  GLY 1  -2 ?  ?   ?   A . n 
A 1 2  SER 2  -1 ?  ?   ?   A . n 
A 1 3  HIS 3  0  ?  ?   ?   A . n 
A 1 4  MET 4  1  ?  ?   ?   A . n 
A 1 5  ARG 5  2  ?  ?   ?   A . n 
A 1 6  TYR 6  3  ?  ?   ?   A . n 
A 1 7  THR 7  4  ?  ?   ?   A . n 
A 1 8  ASP 8  5  ?  ?   ?   A . n 
A 1 9  SER 9  6  ?  ?   ?   A . n 
A 1 10 ARG 10 7  ?  ?   ?   A . n 
A 1 11 LYS 11 8  ?  ?   ?   A . n 
A 1 12 LEU 12 9  ?  ?   ?   A . n 
A 1 13 THR 13 10 ?  ?   ?   A . n 
A 1 14 PRO 14 11 ?  ?   ?   A . n 
A 1 15 GLU 15 12 ?  ?   ?   A . n 
A 1 16 THR 16 13 ?  ?   ?   A . n 
A 1 17 ASP 17 14 ?  ?   ?   A . n 
A 1 18 ALA 18 15 ?  ?   ?   A . n 
A 1 19 ASN 19 16 ?  ?   ?   A . n 
A 1 20 HIS 20 17 ?  ?   ?   A . n 
A 1 21 LYS 21 18 ?  ?   ?   A . n 
A 1 22 THR 22 19 ?  ?   ?   A . n 
A 1 23 ALA 23 20 ?  ?   ?   A . n 
A 1 24 SER 24 21 ?  ?   ?   A . n 
A 1 25 PRO 25 22 ?  ?   ?   A . n 
A 1 26 GLN 26 23 ?  ?   ?   A . n 
A 1 27 PRO 27 24 24 PRO PRO A . n 
A 1 28 ILE 28 25 25 ILE ILE A . n 
A 1 29 ARG 29 26 26 ARG ARG A . n 
A 1 30 ARG 30 27 27 ARG ARG A . n 
A 1 31 ILE 31 28 28 ILE ILE A . n 
A 1 32 SER 32 29 29 SER SER A . n 
A 1 33 SER 33 30 30 SER SER A . n 
A 1 34 GLN 34 31 31 GLN GLN A . n 
A 1 35 THR 35 32 32 THR THR A . n 
A 1 36 LEU 36 33 33 LEU LEU A . n 
A 1 37 LEU 37 34 34 LEU LEU A . n 
A 1 38 GLY 38 35 35 GLY GLY A . n 
A 1 39 PRO 39 36 36 PRO PRO A . n 
A 1 40 ASP 40 37 37 ASP ASP A . n 
A 1 41 GLY 41 38 38 GLY GLY A . n 
A 1 42 LYS 42 39 39 LYS LYS A . n 
A 1 43 LEU 43 40 40 LEU LEU A . n 
A 1 44 ILE 44 41 41 ILE ILE A . n 
A 1 45 ILE 45 42 42 ILE ILE A . n 
A 1 46 ASP 46 43 43 ASP ASP A . n 
A 1 47 HIS 47 44 44 HIS HIS A . n 
A 1 48 ASP 48 45 45 ASP ASP A . n 
A 1 49 GLY 49 46 46 GLY GLY A . n 
A 1 50 GLN 50 47 47 GLN GLN A . n 
A 1 51 GLU 51 48 48 GLU GLU A . n 
A 1 52 TYR 52 49 49 TYR TYR A . n 
A 1 53 LEU 53 50 50 LEU LEU A . n 
A 1 54 LEU 54 51 51 LEU LEU A . n 
A 1 55 ARG 55 52 52 ARG ARG A . n 
A 1 56 LYS 56 53 53 LYS LYS A . n 
A 1 57 THR 57 54 54 THR THR A . n 
A 1 58 GLN 58 55 55 GLN GLN A . n 
A 1 59 ALA 59 56 56 ALA ALA A . n 
A 1 60 GLY 60 57 57 GLY GLY A . n 
A 1 61 LYS 61 58 58 LYS LYS A . n 
A 1 62 LEU 62 59 59 LEU LEU A . n 
A 1 63 LEU 63 60 60 LEU LEU A . n 
A 1 64 LEU 64 61 61 LEU LEU A . n 
A 1 65 THR 65 62 62 THR THR A . n 
A 1 66 LYS 66 63 63 LYS LYS A . n 
B 1 1  GLY 1  -2 ?  ?   ?   B . n 
B 1 2  SER 2  -1 ?  ?   ?   B . n 
B 1 3  HIS 3  0  ?  ?   ?   B . n 
B 1 4  MET 4  1  ?  ?   ?   B . n 
B 1 5  ARG 5  2  ?  ?   ?   B . n 
B 1 6  TYR 6  3  ?  ?   ?   B . n 
B 1 7  THR 7  4  ?  ?   ?   B . n 
B 1 8  ASP 8  5  ?  ?   ?   B . n 
B 1 9  SER 9  6  ?  ?   ?   B . n 
B 1 10 ARG 10 7  ?  ?   ?   B . n 
B 1 11 LYS 11 8  ?  ?   ?   B . n 
B 1 12 LEU 12 9  ?  ?   ?   B . n 
B 1 13 THR 13 10 ?  ?   ?   B . n 
B 1 14 PRO 14 11 ?  ?   ?   B . n 
B 1 15 GLU 15 12 ?  ?   ?   B . n 
B 1 16 THR 16 13 ?  ?   ?   B . n 
B 1 17 ASP 17 14 ?  ?   ?   B . n 
B 1 18 ALA 18 15 ?  ?   ?   B . n 
B 1 19 ASN 19 16 ?  ?   ?   B . n 
B 1 20 HIS 20 17 ?  ?   ?   B . n 
B 1 21 LYS 21 18 ?  ?   ?   B . n 
B 1 22 THR 22 19 ?  ?   ?   B . n 
B 1 23 ALA 23 20 ?  ?   ?   B . n 
B 1 24 SER 24 21 ?  ?   ?   B . n 
B 1 25 PRO 25 22 22 PRO PRO B . n 
B 1 26 GLN 26 23 23 GLN GLN B . n 
B 1 27 PRO 27 24 24 PRO PRO B . n 
B 1 28 ILE 28 25 25 ILE ILE B . n 
B 1 29 ARG 29 26 26 ARG ARG B . n 
B 1 30 ARG 30 27 27 ARG ARG B . n 
B 1 31 ILE 31 28 28 ILE ILE B . n 
B 1 32 SER 32 29 29 SER SER B . n 
B 1 33 SER 33 30 30 SER SER B . n 
B 1 34 GLN 34 31 31 GLN GLN B . n 
B 1 35 THR 35 32 32 THR THR B . n 
B 1 36 LEU 36 33 33 LEU LEU B . n 
B 1 37 LEU 37 34 34 LEU LEU B . n 
B 1 38 GLY 38 35 35 GLY GLY B . n 
B 1 39 PRO 39 36 36 PRO PRO B . n 
B 1 40 ASP 40 37 37 ASP ASP B . n 
B 1 41 GLY 41 38 38 GLY GLY B . n 
B 1 42 LYS 42 39 39 LYS LYS B . n 
B 1 43 LEU 43 40 40 LEU LEU B . n 
B 1 44 ILE 44 41 41 ILE ILE B . n 
B 1 45 ILE 45 42 42 ILE ILE B . n 
B 1 46 ASP 46 43 43 ASP ASP B . n 
B 1 47 HIS 47 44 44 HIS HIS B . n 
B 1 48 ASP 48 45 45 ASP ASP B . n 
B 1 49 GLY 49 46 46 GLY GLY B . n 
B 1 50 GLN 50 47 47 GLN GLN B . n 
B 1 51 GLU 51 48 48 GLU GLU B . n 
B 1 52 TYR 52 49 49 TYR TYR B . n 
B 1 53 LEU 53 50 50 LEU LEU B . n 
B 1 54 LEU 54 51 51 LEU LEU B . n 
B 1 55 ARG 55 52 52 ARG ARG B . n 
B 1 56 LYS 56 53 53 LYS LYS B . n 
B 1 57 THR 57 54 54 THR THR B . n 
B 1 58 GLN 58 55 55 GLN GLN B . n 
B 1 59 ALA 59 56 56 ALA ALA B . n 
B 1 60 GLY 60 57 57 GLY GLY B . n 
B 1 61 LYS 61 58 58 LYS LYS B . n 
B 1 62 LEU 62 59 59 LEU LEU B . n 
B 1 63 LEU 63 60 60 LEU LEU B . n 
B 1 64 LEU 64 61 61 LEU LEU B . n 
B 1 65 THR 65 62 62 THR THR B . n 
B 1 66 LYS 66 63 63 LYS LYS B . n 
# 
loop_
_pdbx_nonpoly_scheme.asym_id 
_pdbx_nonpoly_scheme.entity_id 
_pdbx_nonpoly_scheme.mon_id 
_pdbx_nonpoly_scheme.ndb_seq_num 
_pdbx_nonpoly_scheme.pdb_seq_num 
_pdbx_nonpoly_scheme.auth_seq_num 
_pdbx_nonpoly_scheme.pdb_mon_id 
_pdbx_nonpoly_scheme.auth_mon_id 
_pdbx_nonpoly_scheme.pdb_strand_id 
_pdbx_nonpoly_scheme.pdb_ins_code 
C 2 SO4 1  101 2  SO4 SO4 A . 
D 2 SO4 1  101 1  SO4 SO4 B . 
E 3 HOH 1  201 18 HOH HOH A . 
E 3 HOH 2  202 69 HOH HOH A . 
E 3 HOH 3  203 82 HOH HOH A . 
E 3 HOH 4  204 45 HOH HOH A . 
E 3 HOH 5  205 70 HOH HOH A . 
E 3 HOH 6  206 5  HOH HOH A . 
E 3 HOH 7  207 8  HOH HOH A . 
E 3 HOH 8  208 15 HOH HOH A . 
E 3 HOH 9  209 1  HOH HOH A . 
E 3 HOH 10 210 77 HOH HOH A . 
E 3 HOH 11 211 61 HOH HOH A . 
E 3 HOH 12 212 39 HOH HOH A . 
E 3 HOH 13 213 22 HOH HOH A . 
E 3 HOH 14 214 66 HOH HOH A . 
E 3 HOH 15 215 21 HOH HOH A . 
E 3 HOH 16 216 74 HOH HOH A . 
E 3 HOH 17 217 57 HOH HOH A . 
E 3 HOH 18 218 41 HOH HOH A . 
E 3 HOH 19 219 81 HOH HOH A . 
E 3 HOH 20 220 28 HOH HOH A . 
E 3 HOH 21 221 2  HOH HOH A . 
E 3 HOH 22 222 79 HOH HOH A . 
E 3 HOH 23 223 25 HOH HOH A . 
E 3 HOH 24 224 43 HOH HOH A . 
E 3 HOH 25 225 36 HOH HOH A . 
E 3 HOH 26 226 80 HOH HOH A . 
F 3 HOH 1  201 32 HOH HOH B . 
F 3 HOH 2  202 44 HOH HOH B . 
F 3 HOH 3  203 19 HOH HOH B . 
F 3 HOH 4  204 35 HOH HOH B . 
F 3 HOH 5  205 6  HOH HOH B . 
F 3 HOH 6  206 26 HOH HOH B . 
F 3 HOH 7  207 56 HOH HOH B . 
F 3 HOH 8  208 65 HOH HOH B . 
F 3 HOH 9  209 31 HOH HOH B . 
F 3 HOH 10 210 30 HOH HOH B . 
F 3 HOH 11 211 59 HOH HOH B . 
F 3 HOH 12 212 12 HOH HOH B . 
F 3 HOH 13 213 37 HOH HOH B . 
F 3 HOH 14 214 62 HOH HOH B . 
F 3 HOH 15 215 76 HOH HOH B . 
F 3 HOH 16 216 75 HOH HOH B . 
F 3 HOH 17 217 20 HOH HOH B . 
F 3 HOH 18 218 48 HOH HOH B . 
F 3 HOH 19 219 51 HOH HOH B . 
# 
_pdbx_struct_assembly.id                   1 
_pdbx_struct_assembly.details              author_and_software_defined_assembly 
_pdbx_struct_assembly.method_details       PISA 
_pdbx_struct_assembly.oligomeric_details   dimeric 
_pdbx_struct_assembly.oligomeric_count     2 
# 
_pdbx_struct_assembly_gen.assembly_id       1 
_pdbx_struct_assembly_gen.oper_expression   1 
_pdbx_struct_assembly_gen.asym_id_list      A,B,C,D,E,F 
# 
loop_
_pdbx_struct_assembly_prop.biol_id 
_pdbx_struct_assembly_prop.type 
_pdbx_struct_assembly_prop.value 
_pdbx_struct_assembly_prop.details 
1 'ABSA (A^2)' 2410 ? 
1 MORE         -34  ? 
1 'SSA (A^2)'  5900 ? 
# 
_pdbx_struct_oper_list.id                   1 
_pdbx_struct_oper_list.type                 'identity operation' 
_pdbx_struct_oper_list.name                 1_555 
_pdbx_struct_oper_list.symmetry_operation   x,y,z 
_pdbx_struct_oper_list.matrix[1][1]         1.0000000000 
_pdbx_struct_oper_list.matrix[1][2]         0.0000000000 
_pdbx_struct_oper_list.matrix[1][3]         0.0000000000 
_pdbx_struct_oper_list.vector[1]            0.0000000000 
_pdbx_struct_oper_list.matrix[2][1]         0.0000000000 
_pdbx_struct_oper_list.matrix[2][2]         1.0000000000 
_pdbx_struct_oper_list.matrix[2][3]         0.0000000000 
_pdbx_struct_oper_list.vector[2]            0.0000000000 
_pdbx_struct_oper_list.matrix[3][1]         0.0000000000 
_pdbx_struct_oper_list.matrix[3][2]         0.0000000000 
_pdbx_struct_oper_list.matrix[3][3]         1.0000000000 
_pdbx_struct_oper_list.vector[3]            0.0000000000 
# 
loop_
_pdbx_audit_revision_history.ordinal 
_pdbx_audit_revision_history.data_content_type 
_pdbx_audit_revision_history.major_revision 
_pdbx_audit_revision_history.minor_revision 
_pdbx_audit_revision_history.revision_date 
1 'Structure model' 1 0 2015-05-20 
2 'Structure model' 1 1 2015-07-15 
3 'Structure model' 1 2 2020-02-05 
4 'Structure model' 1 3 2023-11-08 
# 
_pdbx_audit_revision_details.ordinal             1 
_pdbx_audit_revision_details.revision_ordinal    1 
_pdbx_audit_revision_details.data_content_type   'Structure model' 
_pdbx_audit_revision_details.provider            repository 
_pdbx_audit_revision_details.type                'Initial release' 
_pdbx_audit_revision_details.description         ? 
_pdbx_audit_revision_details.details             ? 
# 
loop_
_pdbx_audit_revision_group.ordinal 
_pdbx_audit_revision_group.revision_ordinal 
_pdbx_audit_revision_group.data_content_type 
_pdbx_audit_revision_group.group 
1 2 'Structure model' 'Database references'    
2 3 'Structure model' 'Data collection'        
3 3 'Structure model' 'Derived calculations'   
4 3 'Structure model' 'Source and taxonomy'    
5 4 'Structure model' 'Data collection'        
6 4 'Structure model' 'Database references'    
7 4 'Structure model' 'Refinement description' 
# 
loop_
_pdbx_audit_revision_category.ordinal 
_pdbx_audit_revision_category.revision_ordinal 
_pdbx_audit_revision_category.data_content_type 
_pdbx_audit_revision_category.category 
1 3 'Structure model' diffrn_source                 
2 3 'Structure model' entity_src_gen                
3 3 'Structure model' pdbx_struct_oper_list         
4 4 'Structure model' chem_comp_atom                
5 4 'Structure model' chem_comp_bond                
6 4 'Structure model' database_2                    
7 4 'Structure model' pdbx_initial_refinement_model 
# 
loop_
_pdbx_audit_revision_item.ordinal 
_pdbx_audit_revision_item.revision_ordinal 
_pdbx_audit_revision_item.data_content_type 
_pdbx_audit_revision_item.item 
1 3 'Structure model' '_diffrn_source.pdbx_synchrotron_site'      
2 3 'Structure model' '_entity_src_gen.pdbx_alt_source_flag'      
3 3 'Structure model' '_pdbx_struct_oper_list.symmetry_operation' 
4 4 'Structure model' '_database_2.pdbx_DOI'                      
5 4 'Structure model' '_database_2.pdbx_database_accession'       
# 
loop_
_software.citation_id 
_software.classification 
_software.compiler_name 
_software.compiler_version 
_software.contact_author 
_software.contact_author_email 
_software.date 
_software.description 
_software.dependencies 
_software.hardware 
_software.language 
_software.location 
_software.mods 
_software.name 
_software.os 
_software.os_version 
_software.type 
_software.version 
_software.pdbx_ordinal 
? 'data collection' ? ? ? ? ? ? ? ? ? ? ? HKL-2000    ? ? ? .        1 
? 'data scaling'    ? ? ? ? ? ? ? ? ? ? ? SCALEPACK   ? ? ? .        2 
? refinement        ? ? ? ? ? ? ? ? ? ? ? REFMAC      ? ? ? 5.5.0109 3 
? 'data extraction' ? ? ? ? ? ? ? ? ? ? ? PDB_EXTRACT ? ? ? 3.15     4 
# 
loop_
_pdbx_validate_rmsd_angle.id 
_pdbx_validate_rmsd_angle.PDB_model_num 
_pdbx_validate_rmsd_angle.auth_atom_id_1 
_pdbx_validate_rmsd_angle.auth_asym_id_1 
_pdbx_validate_rmsd_angle.auth_comp_id_1 
_pdbx_validate_rmsd_angle.auth_seq_id_1 
_pdbx_validate_rmsd_angle.PDB_ins_code_1 
_pdbx_validate_rmsd_angle.label_alt_id_1 
_pdbx_validate_rmsd_angle.auth_atom_id_2 
_pdbx_validate_rmsd_angle.auth_asym_id_2 
_pdbx_validate_rmsd_angle.auth_comp_id_2 
_pdbx_validate_rmsd_angle.auth_seq_id_2 
_pdbx_validate_rmsd_angle.PDB_ins_code_2 
_pdbx_validate_rmsd_angle.label_alt_id_2 
_pdbx_validate_rmsd_angle.auth_atom_id_3 
_pdbx_validate_rmsd_angle.auth_asym_id_3 
_pdbx_validate_rmsd_angle.auth_comp_id_3 
_pdbx_validate_rmsd_angle.auth_seq_id_3 
_pdbx_validate_rmsd_angle.PDB_ins_code_3 
_pdbx_validate_rmsd_angle.label_alt_id_3 
_pdbx_validate_rmsd_angle.angle_value 
_pdbx_validate_rmsd_angle.angle_target_value 
_pdbx_validate_rmsd_angle.angle_deviation 
_pdbx_validate_rmsd_angle.angle_standard_deviation 
_pdbx_validate_rmsd_angle.linker_flag 
1 1 NE A ARG 26 ? ? CZ A ARG 26 ? ? NH1 A ARG 26 ? ? 115.63 120.30 -4.67 0.50 N 
2 1 NE A ARG 26 ? ? CZ A ARG 26 ? ? NH2 A ARG 26 ? ? 124.39 120.30 4.09  0.50 N 
3 1 NE B ARG 26 ? ? CZ B ARG 26 ? ? NH2 B ARG 26 ? ? 117.19 120.30 -3.11 0.50 N 
# 
_pdbx_validate_torsion.id              1 
_pdbx_validate_torsion.PDB_model_num   1 
_pdbx_validate_torsion.auth_comp_id    ARG 
_pdbx_validate_torsion.auth_asym_id    B 
_pdbx_validate_torsion.auth_seq_id     26 
_pdbx_validate_torsion.PDB_ins_code    ? 
_pdbx_validate_torsion.label_alt_id    ? 
_pdbx_validate_torsion.phi             70.51 
_pdbx_validate_torsion.psi             -52.88 
# 
loop_
_pdbx_unobs_or_zero_occ_residues.id 
_pdbx_unobs_or_zero_occ_residues.PDB_model_num 
_pdbx_unobs_or_zero_occ_residues.polymer_flag 
_pdbx_unobs_or_zero_occ_residues.occupancy_flag 
_pdbx_unobs_or_zero_occ_residues.auth_asym_id 
_pdbx_unobs_or_zero_occ_residues.auth_comp_id 
_pdbx_unobs_or_zero_occ_residues.auth_seq_id 
_pdbx_unobs_or_zero_occ_residues.PDB_ins_code 
_pdbx_unobs_or_zero_occ_residues.label_asym_id 
_pdbx_unobs_or_zero_occ_residues.label_comp_id 
_pdbx_unobs_or_zero_occ_residues.label_seq_id 
1  1 Y 1 A GLY -2 ? A GLY 1  
2  1 Y 1 A SER -1 ? A SER 2  
3  1 Y 1 A HIS 0  ? A HIS 3  
4  1 Y 1 A MET 1  ? A MET 4  
5  1 Y 1 A ARG 2  ? A ARG 5  
6  1 Y 1 A TYR 3  ? A TYR 6  
7  1 Y 1 A THR 4  ? A THR 7  
8  1 Y 1 A ASP 5  ? A ASP 8  
9  1 Y 1 A SER 6  ? A SER 9  
10 1 Y 1 A ARG 7  ? A ARG 10 
11 1 Y 1 A LYS 8  ? A LYS 11 
12 1 Y 1 A LEU 9  ? A LEU 12 
13 1 Y 1 A THR 10 ? A THR 13 
14 1 Y 1 A PRO 11 ? A PRO 14 
15 1 Y 1 A GLU 12 ? A GLU 15 
16 1 Y 1 A THR 13 ? A THR 16 
17 1 Y 1 A ASP 14 ? A ASP 17 
18 1 Y 1 A ALA 15 ? A ALA 18 
19 1 Y 1 A ASN 16 ? A ASN 19 
20 1 Y 1 A HIS 17 ? A HIS 20 
21 1 Y 1 A LYS 18 ? A LYS 21 
22 1 Y 1 A THR 19 ? A THR 22 
23 1 Y 1 A ALA 20 ? A ALA 23 
24 1 Y 1 A SER 21 ? A SER 24 
25 1 Y 1 A PRO 22 ? A PRO 25 
26 1 Y 1 A GLN 23 ? A GLN 26 
27 1 Y 1 B GLY -2 ? B GLY 1  
28 1 Y 1 B SER -1 ? B SER 2  
29 1 Y 1 B HIS 0  ? B HIS 3  
30 1 Y 1 B MET 1  ? B MET 4  
31 1 Y 1 B ARG 2  ? B ARG 5  
32 1 Y 1 B TYR 3  ? B TYR 6  
33 1 Y 1 B THR 4  ? B THR 7  
34 1 Y 1 B ASP 5  ? B ASP 8  
35 1 Y 1 B SER 6  ? B SER 9  
36 1 Y 1 B ARG 7  ? B ARG 10 
37 1 Y 1 B LYS 8  ? B LYS 11 
38 1 Y 1 B LEU 9  ? B LEU 12 
39 1 Y 1 B THR 10 ? B THR 13 
40 1 Y 1 B PRO 11 ? B PRO 14 
41 1 Y 1 B GLU 12 ? B GLU 15 
42 1 Y 1 B THR 13 ? B THR 16 
43 1 Y 1 B ASP 14 ? B ASP 17 
44 1 Y 1 B ALA 15 ? B ALA 18 
45 1 Y 1 B ASN 16 ? B ASN 19 
46 1 Y 1 B HIS 17 ? B HIS 20 
47 1 Y 1 B LYS 18 ? B LYS 21 
48 1 Y 1 B THR 19 ? B THR 22 
49 1 Y 1 B ALA 20 ? B ALA 23 
50 1 Y 1 B SER 21 ? B SER 24 
# 
loop_
_chem_comp_atom.comp_id 
_chem_comp_atom.atom_id 
_chem_comp_atom.type_symbol 
_chem_comp_atom.pdbx_aromatic_flag 
_chem_comp_atom.pdbx_stereo_config 
_chem_comp_atom.pdbx_ordinal 
ALA N    N N N 1   
ALA CA   C N S 2   
ALA C    C N N 3   
ALA O    O N N 4   
ALA CB   C N N 5   
ALA OXT  O N N 6   
ALA H    H N N 7   
ALA H2   H N N 8   
ALA HA   H N N 9   
ALA HB1  H N N 10  
ALA HB2  H N N 11  
ALA HB3  H N N 12  
ALA HXT  H N N 13  
ARG N    N N N 14  
ARG CA   C N S 15  
ARG C    C N N 16  
ARG O    O N N 17  
ARG CB   C N N 18  
ARG CG   C N N 19  
ARG CD   C N N 20  
ARG NE   N N N 21  
ARG CZ   C N N 22  
ARG NH1  N N N 23  
ARG NH2  N N N 24  
ARG OXT  O N N 25  
ARG H    H N N 26  
ARG H2   H N N 27  
ARG HA   H N N 28  
ARG HB2  H N N 29  
ARG HB3  H N N 30  
ARG HG2  H N N 31  
ARG HG3  H N N 32  
ARG HD2  H N N 33  
ARG HD3  H N N 34  
ARG HE   H N N 35  
ARG HH11 H N N 36  
ARG HH12 H N N 37  
ARG HH21 H N N 38  
ARG HH22 H N N 39  
ARG HXT  H N N 40  
ASN N    N N N 41  
ASN CA   C N S 42  
ASN C    C N N 43  
ASN O    O N N 44  
ASN CB   C N N 45  
ASN CG   C N N 46  
ASN OD1  O N N 47  
ASN ND2  N N N 48  
ASN OXT  O N N 49  
ASN H    H N N 50  
ASN H2   H N N 51  
ASN HA   H N N 52  
ASN HB2  H N N 53  
ASN HB3  H N N 54  
ASN HD21 H N N 55  
ASN HD22 H N N 56  
ASN HXT  H N N 57  
ASP N    N N N 58  
ASP CA   C N S 59  
ASP C    C N N 60  
ASP O    O N N 61  
ASP CB   C N N 62  
ASP CG   C N N 63  
ASP OD1  O N N 64  
ASP OD2  O N N 65  
ASP OXT  O N N 66  
ASP H    H N N 67  
ASP H2   H N N 68  
ASP HA   H N N 69  
ASP HB2  H N N 70  
ASP HB3  H N N 71  
ASP HD2  H N N 72  
ASP HXT  H N N 73  
GLN N    N N N 74  
GLN CA   C N S 75  
GLN C    C N N 76  
GLN O    O N N 77  
GLN CB   C N N 78  
GLN CG   C N N 79  
GLN CD   C N N 80  
GLN OE1  O N N 81  
GLN NE2  N N N 82  
GLN OXT  O N N 83  
GLN H    H N N 84  
GLN H2   H N N 85  
GLN HA   H N N 86  
GLN HB2  H N N 87  
GLN HB3  H N N 88  
GLN HG2  H N N 89  
GLN HG3  H N N 90  
GLN HE21 H N N 91  
GLN HE22 H N N 92  
GLN HXT  H N N 93  
GLU N    N N N 94  
GLU CA   C N S 95  
GLU C    C N N 96  
GLU O    O N N 97  
GLU CB   C N N 98  
GLU CG   C N N 99  
GLU CD   C N N 100 
GLU OE1  O N N 101 
GLU OE2  O N N 102 
GLU OXT  O N N 103 
GLU H    H N N 104 
GLU H2   H N N 105 
GLU HA   H N N 106 
GLU HB2  H N N 107 
GLU HB3  H N N 108 
GLU HG2  H N N 109 
GLU HG3  H N N 110 
GLU HE2  H N N 111 
GLU HXT  H N N 112 
GLY N    N N N 113 
GLY CA   C N N 114 
GLY C    C N N 115 
GLY O    O N N 116 
GLY OXT  O N N 117 
GLY H    H N N 118 
GLY H2   H N N 119 
GLY HA2  H N N 120 
GLY HA3  H N N 121 
GLY HXT  H N N 122 
HIS N    N N N 123 
HIS CA   C N S 124 
HIS C    C N N 125 
HIS O    O N N 126 
HIS CB   C N N 127 
HIS CG   C Y N 128 
HIS ND1  N Y N 129 
HIS CD2  C Y N 130 
HIS CE1  C Y N 131 
HIS NE2  N Y N 132 
HIS OXT  O N N 133 
HIS H    H N N 134 
HIS H2   H N N 135 
HIS HA   H N N 136 
HIS HB2  H N N 137 
HIS HB3  H N N 138 
HIS HD1  H N N 139 
HIS HD2  H N N 140 
HIS HE1  H N N 141 
HIS HE2  H N N 142 
HIS HXT  H N N 143 
HOH O    O N N 144 
HOH H1   H N N 145 
HOH H2   H N N 146 
ILE N    N N N 147 
ILE CA   C N S 148 
ILE C    C N N 149 
ILE O    O N N 150 
ILE CB   C N S 151 
ILE CG1  C N N 152 
ILE CG2  C N N 153 
ILE CD1  C N N 154 
ILE OXT  O N N 155 
ILE H    H N N 156 
ILE H2   H N N 157 
ILE HA   H N N 158 
ILE HB   H N N 159 
ILE HG12 H N N 160 
ILE HG13 H N N 161 
ILE HG21 H N N 162 
ILE HG22 H N N 163 
ILE HG23 H N N 164 
ILE HD11 H N N 165 
ILE HD12 H N N 166 
ILE HD13 H N N 167 
ILE HXT  H N N 168 
LEU N    N N N 169 
LEU CA   C N S 170 
LEU C    C N N 171 
LEU O    O N N 172 
LEU CB   C N N 173 
LEU CG   C N N 174 
LEU CD1  C N N 175 
LEU CD2  C N N 176 
LEU OXT  O N N 177 
LEU H    H N N 178 
LEU H2   H N N 179 
LEU HA   H N N 180 
LEU HB2  H N N 181 
LEU HB3  H N N 182 
LEU HG   H N N 183 
LEU HD11 H N N 184 
LEU HD12 H N N 185 
LEU HD13 H N N 186 
LEU HD21 H N N 187 
LEU HD22 H N N 188 
LEU HD23 H N N 189 
LEU HXT  H N N 190 
LYS N    N N N 191 
LYS CA   C N S 192 
LYS C    C N N 193 
LYS O    O N N 194 
LYS CB   C N N 195 
LYS CG   C N N 196 
LYS CD   C N N 197 
LYS CE   C N N 198 
LYS NZ   N N N 199 
LYS OXT  O N N 200 
LYS H    H N N 201 
LYS H2   H N N 202 
LYS HA   H N N 203 
LYS HB2  H N N 204 
LYS HB3  H N N 205 
LYS HG2  H N N 206 
LYS HG3  H N N 207 
LYS HD2  H N N 208 
LYS HD3  H N N 209 
LYS HE2  H N N 210 
LYS HE3  H N N 211 
LYS HZ1  H N N 212 
LYS HZ2  H N N 213 
LYS HZ3  H N N 214 
LYS HXT  H N N 215 
MET N    N N N 216 
MET CA   C N S 217 
MET C    C N N 218 
MET O    O N N 219 
MET CB   C N N 220 
MET CG   C N N 221 
MET SD   S N N 222 
MET CE   C N N 223 
MET OXT  O N N 224 
MET H    H N N 225 
MET H2   H N N 226 
MET HA   H N N 227 
MET HB2  H N N 228 
MET HB3  H N N 229 
MET HG2  H N N 230 
MET HG3  H N N 231 
MET HE1  H N N 232 
MET HE2  H N N 233 
MET HE3  H N N 234 
MET HXT  H N N 235 
PRO N    N N N 236 
PRO CA   C N S 237 
PRO C    C N N 238 
PRO O    O N N 239 
PRO CB   C N N 240 
PRO CG   C N N 241 
PRO CD   C N N 242 
PRO OXT  O N N 243 
PRO H    H N N 244 
PRO HA   H N N 245 
PRO HB2  H N N 246 
PRO HB3  H N N 247 
PRO HG2  H N N 248 
PRO HG3  H N N 249 
PRO HD2  H N N 250 
PRO HD3  H N N 251 
PRO HXT  H N N 252 
SER N    N N N 253 
SER CA   C N S 254 
SER C    C N N 255 
SER O    O N N 256 
SER CB   C N N 257 
SER OG   O N N 258 
SER OXT  O N N 259 
SER H    H N N 260 
SER H2   H N N 261 
SER HA   H N N 262 
SER HB2  H N N 263 
SER HB3  H N N 264 
SER HG   H N N 265 
SER HXT  H N N 266 
SO4 S    S N N 267 
SO4 O1   O N N 268 
SO4 O2   O N N 269 
SO4 O3   O N N 270 
SO4 O4   O N N 271 
THR N    N N N 272 
THR CA   C N S 273 
THR C    C N N 274 
THR O    O N N 275 
THR CB   C N R 276 
THR OG1  O N N 277 
THR CG2  C N N 278 
THR OXT  O N N 279 
THR H    H N N 280 
THR H2   H N N 281 
THR HA   H N N 282 
THR HB   H N N 283 
THR HG1  H N N 284 
THR HG21 H N N 285 
THR HG22 H N N 286 
THR HG23 H N N 287 
THR HXT  H N N 288 
TYR N    N N N 289 
TYR CA   C N S 290 
TYR C    C N N 291 
TYR O    O N N 292 
TYR CB   C N N 293 
TYR CG   C Y N 294 
TYR CD1  C Y N 295 
TYR CD2  C Y N 296 
TYR CE1  C Y N 297 
TYR CE2  C Y N 298 
TYR CZ   C Y N 299 
TYR OH   O N N 300 
TYR OXT  O N N 301 
TYR H    H N N 302 
TYR H2   H N N 303 
TYR HA   H N N 304 
TYR HB2  H N N 305 
TYR HB3  H N N 306 
TYR HD1  H N N 307 
TYR HD2  H N N 308 
TYR HE1  H N N 309 
TYR HE2  H N N 310 
TYR HH   H N N 311 
TYR HXT  H N N 312 
# 
loop_
_chem_comp_bond.comp_id 
_chem_comp_bond.atom_id_1 
_chem_comp_bond.atom_id_2 
_chem_comp_bond.value_order 
_chem_comp_bond.pdbx_aromatic_flag 
_chem_comp_bond.pdbx_stereo_config 
_chem_comp_bond.pdbx_ordinal 
ALA N   CA   sing N N 1   
ALA N   H    sing N N 2   
ALA N   H2   sing N N 3   
ALA CA  C    sing N N 4   
ALA CA  CB   sing N N 5   
ALA CA  HA   sing N N 6   
ALA C   O    doub N N 7   
ALA C   OXT  sing N N 8   
ALA CB  HB1  sing N N 9   
ALA CB  HB2  sing N N 10  
ALA CB  HB3  sing N N 11  
ALA OXT HXT  sing N N 12  
ARG N   CA   sing N N 13  
ARG N   H    sing N N 14  
ARG N   H2   sing N N 15  
ARG CA  C    sing N N 16  
ARG CA  CB   sing N N 17  
ARG CA  HA   sing N N 18  
ARG C   O    doub N N 19  
ARG C   OXT  sing N N 20  
ARG CB  CG   sing N N 21  
ARG CB  HB2  sing N N 22  
ARG CB  HB3  sing N N 23  
ARG CG  CD   sing N N 24  
ARG CG  HG2  sing N N 25  
ARG CG  HG3  sing N N 26  
ARG CD  NE   sing N N 27  
ARG CD  HD2  sing N N 28  
ARG CD  HD3  sing N N 29  
ARG NE  CZ   sing N N 30  
ARG NE  HE   sing N N 31  
ARG CZ  NH1  sing N N 32  
ARG CZ  NH2  doub N N 33  
ARG NH1 HH11 sing N N 34  
ARG NH1 HH12 sing N N 35  
ARG NH2 HH21 sing N N 36  
ARG NH2 HH22 sing N N 37  
ARG OXT HXT  sing N N 38  
ASN N   CA   sing N N 39  
ASN N   H    sing N N 40  
ASN N   H2   sing N N 41  
ASN CA  C    sing N N 42  
ASN CA  CB   sing N N 43  
ASN CA  HA   sing N N 44  
ASN C   O    doub N N 45  
ASN C   OXT  sing N N 46  
ASN CB  CG   sing N N 47  
ASN CB  HB2  sing N N 48  
ASN CB  HB3  sing N N 49  
ASN CG  OD1  doub N N 50  
ASN CG  ND2  sing N N 51  
ASN ND2 HD21 sing N N 52  
ASN ND2 HD22 sing N N 53  
ASN OXT HXT  sing N N 54  
ASP N   CA   sing N N 55  
ASP N   H    sing N N 56  
ASP N   H2   sing N N 57  
ASP CA  C    sing N N 58  
ASP CA  CB   sing N N 59  
ASP CA  HA   sing N N 60  
ASP C   O    doub N N 61  
ASP C   OXT  sing N N 62  
ASP CB  CG   sing N N 63  
ASP CB  HB2  sing N N 64  
ASP CB  HB3  sing N N 65  
ASP CG  OD1  doub N N 66  
ASP CG  OD2  sing N N 67  
ASP OD2 HD2  sing N N 68  
ASP OXT HXT  sing N N 69  
GLN N   CA   sing N N 70  
GLN N   H    sing N N 71  
GLN N   H2   sing N N 72  
GLN CA  C    sing N N 73  
GLN CA  CB   sing N N 74  
GLN CA  HA   sing N N 75  
GLN C   O    doub N N 76  
GLN C   OXT  sing N N 77  
GLN CB  CG   sing N N 78  
GLN CB  HB2  sing N N 79  
GLN CB  HB3  sing N N 80  
GLN CG  CD   sing N N 81  
GLN CG  HG2  sing N N 82  
GLN CG  HG3  sing N N 83  
GLN CD  OE1  doub N N 84  
GLN CD  NE2  sing N N 85  
GLN NE2 HE21 sing N N 86  
GLN NE2 HE22 sing N N 87  
GLN OXT HXT  sing N N 88  
GLU N   CA   sing N N 89  
GLU N   H    sing N N 90  
GLU N   H2   sing N N 91  
GLU CA  C    sing N N 92  
GLU CA  CB   sing N N 93  
GLU CA  HA   sing N N 94  
GLU C   O    doub N N 95  
GLU C   OXT  sing N N 96  
GLU CB  CG   sing N N 97  
GLU CB  HB2  sing N N 98  
GLU CB  HB3  sing N N 99  
GLU CG  CD   sing N N 100 
GLU CG  HG2  sing N N 101 
GLU CG  HG3  sing N N 102 
GLU CD  OE1  doub N N 103 
GLU CD  OE2  sing N N 104 
GLU OE2 HE2  sing N N 105 
GLU OXT HXT  sing N N 106 
GLY N   CA   sing N N 107 
GLY N   H    sing N N 108 
GLY N   H2   sing N N 109 
GLY CA  C    sing N N 110 
GLY CA  HA2  sing N N 111 
GLY CA  HA3  sing N N 112 
GLY C   O    doub N N 113 
GLY C   OXT  sing N N 114 
GLY OXT HXT  sing N N 115 
HIS N   CA   sing N N 116 
HIS N   H    sing N N 117 
HIS N   H2   sing N N 118 
HIS CA  C    sing N N 119 
HIS CA  CB   sing N N 120 
HIS CA  HA   sing N N 121 
HIS C   O    doub N N 122 
HIS C   OXT  sing N N 123 
HIS CB  CG   sing N N 124 
HIS CB  HB2  sing N N 125 
HIS CB  HB3  sing N N 126 
HIS CG  ND1  sing Y N 127 
HIS CG  CD2  doub Y N 128 
HIS ND1 CE1  doub Y N 129 
HIS ND1 HD1  sing N N 130 
HIS CD2 NE2  sing Y N 131 
HIS CD2 HD2  sing N N 132 
HIS CE1 NE2  sing Y N 133 
HIS CE1 HE1  sing N N 134 
HIS NE2 HE2  sing N N 135 
HIS OXT HXT  sing N N 136 
HOH O   H1   sing N N 137 
HOH O   H2   sing N N 138 
ILE N   CA   sing N N 139 
ILE N   H    sing N N 140 
ILE N   H2   sing N N 141 
ILE CA  C    sing N N 142 
ILE CA  CB   sing N N 143 
ILE CA  HA   sing N N 144 
ILE C   O    doub N N 145 
ILE C   OXT  sing N N 146 
ILE CB  CG1  sing N N 147 
ILE CB  CG2  sing N N 148 
ILE CB  HB   sing N N 149 
ILE CG1 CD1  sing N N 150 
ILE CG1 HG12 sing N N 151 
ILE CG1 HG13 sing N N 152 
ILE CG2 HG21 sing N N 153 
ILE CG2 HG22 sing N N 154 
ILE CG2 HG23 sing N N 155 
ILE CD1 HD11 sing N N 156 
ILE CD1 HD12 sing N N 157 
ILE CD1 HD13 sing N N 158 
ILE OXT HXT  sing N N 159 
LEU N   CA   sing N N 160 
LEU N   H    sing N N 161 
LEU N   H2   sing N N 162 
LEU CA  C    sing N N 163 
LEU CA  CB   sing N N 164 
LEU CA  HA   sing N N 165 
LEU C   O    doub N N 166 
LEU C   OXT  sing N N 167 
LEU CB  CG   sing N N 168 
LEU CB  HB2  sing N N 169 
LEU CB  HB3  sing N N 170 
LEU CG  CD1  sing N N 171 
LEU CG  CD2  sing N N 172 
LEU CG  HG   sing N N 173 
LEU CD1 HD11 sing N N 174 
LEU CD1 HD12 sing N N 175 
LEU CD1 HD13 sing N N 176 
LEU CD2 HD21 sing N N 177 
LEU CD2 HD22 sing N N 178 
LEU CD2 HD23 sing N N 179 
LEU OXT HXT  sing N N 180 
LYS N   CA   sing N N 181 
LYS N   H    sing N N 182 
LYS N   H2   sing N N 183 
LYS CA  C    sing N N 184 
LYS CA  CB   sing N N 185 
LYS CA  HA   sing N N 186 
LYS C   O    doub N N 187 
LYS C   OXT  sing N N 188 
LYS CB  CG   sing N N 189 
LYS CB  HB2  sing N N 190 
LYS CB  HB3  sing N N 191 
LYS CG  CD   sing N N 192 
LYS CG  HG2  sing N N 193 
LYS CG  HG3  sing N N 194 
LYS CD  CE   sing N N 195 
LYS CD  HD2  sing N N 196 
LYS CD  HD3  sing N N 197 
LYS CE  NZ   sing N N 198 
LYS CE  HE2  sing N N 199 
LYS CE  HE3  sing N N 200 
LYS NZ  HZ1  sing N N 201 
LYS NZ  HZ2  sing N N 202 
LYS NZ  HZ3  sing N N 203 
LYS OXT HXT  sing N N 204 
MET N   CA   sing N N 205 
MET N   H    sing N N 206 
MET N   H2   sing N N 207 
MET CA  C    sing N N 208 
MET CA  CB   sing N N 209 
MET CA  HA   sing N N 210 
MET C   O    doub N N 211 
MET C   OXT  sing N N 212 
MET CB  CG   sing N N 213 
MET CB  HB2  sing N N 214 
MET CB  HB3  sing N N 215 
MET CG  SD   sing N N 216 
MET CG  HG2  sing N N 217 
MET CG  HG3  sing N N 218 
MET SD  CE   sing N N 219 
MET CE  HE1  sing N N 220 
MET CE  HE2  sing N N 221 
MET CE  HE3  sing N N 222 
MET OXT HXT  sing N N 223 
PRO N   CA   sing N N 224 
PRO N   CD   sing N N 225 
PRO N   H    sing N N 226 
PRO CA  C    sing N N 227 
PRO CA  CB   sing N N 228 
PRO CA  HA   sing N N 229 
PRO C   O    doub N N 230 
PRO C   OXT  sing N N 231 
PRO CB  CG   sing N N 232 
PRO CB  HB2  sing N N 233 
PRO CB  HB3  sing N N 234 
PRO CG  CD   sing N N 235 
PRO CG  HG2  sing N N 236 
PRO CG  HG3  sing N N 237 
PRO CD  HD2  sing N N 238 
PRO CD  HD3  sing N N 239 
PRO OXT HXT  sing N N 240 
SER N   CA   sing N N 241 
SER N   H    sing N N 242 
SER N   H2   sing N N 243 
SER CA  C    sing N N 244 
SER CA  CB   sing N N 245 
SER CA  HA   sing N N 246 
SER C   O    doub N N 247 
SER C   OXT  sing N N 248 
SER CB  OG   sing N N 249 
SER CB  HB2  sing N N 250 
SER CB  HB3  sing N N 251 
SER OG  HG   sing N N 252 
SER OXT HXT  sing N N 253 
SO4 S   O1   doub N N 254 
SO4 S   O2   doub N N 255 
SO4 S   O3   sing N N 256 
SO4 S   O4   sing N N 257 
THR N   CA   sing N N 258 
THR N   H    sing N N 259 
THR N   H2   sing N N 260 
THR CA  C    sing N N 261 
THR CA  CB   sing N N 262 
THR CA  HA   sing N N 263 
THR C   O    doub N N 264 
THR C   OXT  sing N N 265 
THR CB  OG1  sing N N 266 
THR CB  CG2  sing N N 267 
THR CB  HB   sing N N 268 
THR OG1 HG1  sing N N 269 
THR CG2 HG21 sing N N 270 
THR CG2 HG22 sing N N 271 
THR CG2 HG23 sing N N 272 
THR OXT HXT  sing N N 273 
TYR N   CA   sing N N 274 
TYR N   H    sing N N 275 
TYR N   H2   sing N N 276 
TYR CA  C    sing N N 277 
TYR CA  CB   sing N N 278 
TYR CA  HA   sing N N 279 
TYR C   O    doub N N 280 
TYR C   OXT  sing N N 281 
TYR CB  CG   sing N N 282 
TYR CB  HB2  sing N N 283 
TYR CB  HB3  sing N N 284 
TYR CG  CD1  doub Y N 285 
TYR CG  CD2  sing Y N 286 
TYR CD1 CE1  sing Y N 287 
TYR CD1 HD1  sing N N 288 
TYR CD2 CE2  doub Y N 289 
TYR CD2 HD2  sing N N 290 
TYR CE1 CZ   doub Y N 291 
TYR CE1 HE1  sing N N 292 
TYR CE2 CZ   sing Y N 293 
TYR CE2 HE2  sing N N 294 
TYR CZ  OH   sing N N 295 
TYR OH  HH   sing N N 296 
TYR OXT HXT  sing N N 297 
# 
loop_
_pdbx_entity_nonpoly.entity_id 
_pdbx_entity_nonpoly.name 
_pdbx_entity_nonpoly.comp_id 
2 'SULFATE ION' SO4 
3 water         HOH 
# 
_pdbx_initial_refinement_model.id               1 
_pdbx_initial_refinement_model.entity_id_list   ? 
_pdbx_initial_refinement_model.type             'experimental model' 
_pdbx_initial_refinement_model.source_name      PDB 
_pdbx_initial_refinement_model.accession_code   2JRA 
_pdbx_initial_refinement_model.details          'MOLECULAR DYNAMICS SIMULATION OF PDB 2JRA' 
# 
